data_8SDE
# 
_entry.id   8SDE 
# 
_audit_conform.dict_name       mmcif_pdbx.dic 
_audit_conform.dict_version    5.390 
_audit_conform.dict_location   http://mmcif.pdb.org/dictionaries/ascii/mmcif_pdbx.dic 
# 
loop_
_database_2.database_id 
_database_2.database_code 
_database_2.pdbx_database_accession 
_database_2.pdbx_DOI 
PDB   8SDE         pdb_00008sde 10.2210/pdb8sde/pdb 
WWPDB D_1000273597 ?            ?                   
# 
_pdbx_audit_revision_history.ordinal             1 
_pdbx_audit_revision_history.data_content_type   'Structure model' 
_pdbx_audit_revision_history.major_revision      1 
_pdbx_audit_revision_history.minor_revision      0 
_pdbx_audit_revision_history.revision_date       2024-04-24 
# 
_pdbx_audit_revision_details.ordinal             1 
_pdbx_audit_revision_details.revision_ordinal    1 
_pdbx_audit_revision_details.data_content_type   'Structure model' 
_pdbx_audit_revision_details.provider            repository 
_pdbx_audit_revision_details.type                'Initial release' 
_pdbx_audit_revision_details.description         ? 
_pdbx_audit_revision_details.details             ? 
# 
_pdbx_database_status.status_code                     REL 
_pdbx_database_status.status_code_sf                  REL 
_pdbx_database_status.status_code_mr                  ? 
_pdbx_database_status.entry_id                        8SDE 
_pdbx_database_status.recvd_initial_deposition_date   2023-04-06 
_pdbx_database_status.SG_entry                        N 
_pdbx_database_status.deposit_site                    RCSB 
_pdbx_database_status.process_site                    RCSB 
_pdbx_database_status.status_code_cs                  ? 
_pdbx_database_status.status_code_nmr_data            ? 
_pdbx_database_status.methods_development_category    ? 
_pdbx_database_status.pdb_format_compatible           Y 
# 
_pdbx_contact_author.id                 2 
_pdbx_contact_author.email              xcli@houstonmethodist.org 
_pdbx_contact_author.name_first         Xianchang 
_pdbx_contact_author.name_last          Li 
_pdbx_contact_author.name_mi            ? 
_pdbx_contact_author.role               'principal investigator/group leader' 
_pdbx_contact_author.identifier_ORCID   0000-0002-5981-2762 
# 
loop_
_audit_author.name 
_audit_author.pdbx_ordinal 
_audit_author.identifier_ORCID 
'Lou, X.H.'  1 ? 
'Zhuang, Y.' 2 ? 
'Ma, B.B.'   3 ? 
'Li, X.C.'   4 ? 
# 
_citation.abstract                  ? 
_citation.abstract_id_CAS           ? 
_citation.book_id_ISBN              ? 
_citation.book_publisher            ? 
_citation.book_publisher_city       ? 
_citation.book_title                ? 
_citation.coordinate_linkage        ? 
_citation.country                   ? 
_citation.database_id_Medline       ? 
_citation.details                   ? 
_citation.id                        primary 
_citation.journal_abbrev            'To Be Published' 
_citation.journal_id_ASTM           ? 
_citation.journal_id_CSD            0353 
_citation.journal_id_ISSN           ? 
_citation.journal_full              ? 
_citation.journal_issue             ? 
_citation.journal_volume            ? 
_citation.language                  ? 
_citation.page_first                ? 
_citation.page_last                 ? 
_citation.title                     'Electrostatic-Mediated Tetramerization of the Coiled-Coil Domain in TRIM29' 
_citation.year                      ? 
_citation.database_id_CSD           ? 
_citation.pdbx_database_id_DOI      ? 
_citation.pdbx_database_id_PubMed   ? 
_citation.pdbx_database_id_patent   ? 
_citation.unpublished_flag          ? 
# 
loop_
_citation_author.citation_id 
_citation_author.name 
_citation_author.ordinal 
_citation_author.identifier_ORCID 
primary 'Lou, X.H.'  1 ? 
primary 'Zhuang, Y.' 2 ? 
primary 'Ma, B.B.'   3 ? 
primary 'Li, X.C.'   4 ? 
# 
loop_
_entity.id 
_entity.type 
_entity.src_method 
_entity.pdbx_description 
_entity.formula_weight 
_entity.pdbx_number_of_molecules 
_entity.pdbx_ec 
_entity.pdbx_mutation 
_entity.pdbx_fragment 
_entity.details 
1 polymer     man 'Tripartite motif-containing protein 29' 10882.185 1  ? ? 'coiled coil domain' ? 
2 non-polymer syn GLYCEROL                                 92.094    2  ? ? ?                    ? 
3 water       nat water                                    18.015    15 ? ? ?                    ? 
# 
_entity_poly.entity_id                      1 
_entity_poly.type                           'polypeptide(L)' 
_entity_poly.nstd_linkage                   no 
_entity_poly.nstd_monomer                   no 
_entity_poly.pdbx_seq_one_letter_code       
;GPTVEEAKAEKETELSLQKEQLQLKIIEIEDDVEKWQKEKDRIKSFTTNEKAILEQNFRDLVRELEKQKEEVRAALEQRE
QDAVDQVKVIVD
;
_entity_poly.pdbx_seq_one_letter_code_can   
;GPTVEEAKAEKETELSLQKEQLQLKIIEIEDDVEKWQKEKDRIKSFTTNEKAILEQNFRDLVRELEKQKEEVRAALEQRE
QDAVDQVKVIVD
;
_entity_poly.pdbx_strand_id                 A 
_entity_poly.pdbx_target_identifier         ? 
# 
loop_
_pdbx_entity_nonpoly.entity_id 
_pdbx_entity_nonpoly.name 
_pdbx_entity_nonpoly.comp_id 
2 GLYCEROL GOL 
3 water    HOH 
# 
loop_
_entity_poly_seq.entity_id 
_entity_poly_seq.num 
_entity_poly_seq.mon_id 
_entity_poly_seq.hetero 
1 1  GLY n 
1 2  PRO n 
1 3  THR n 
1 4  VAL n 
1 5  GLU n 
1 6  GLU n 
1 7  ALA n 
1 8  LYS n 
1 9  ALA n 
1 10 GLU n 
1 11 LYS n 
1 12 GLU n 
1 13 THR n 
1 14 GLU n 
1 15 LEU n 
1 16 SER n 
1 17 LEU n 
1 18 GLN n 
1 19 LYS n 
1 20 GLU n 
1 21 GLN n 
1 22 LEU n 
1 23 GLN n 
1 24 LEU n 
1 25 LYS n 
1 26 ILE n 
1 27 ILE n 
1 28 GLU n 
1 29 ILE n 
1 30 GLU n 
1 31 ASP n 
1 32 ASP n 
1 33 VAL n 
1 34 GLU n 
1 35 LYS n 
1 36 TRP n 
1 37 GLN n 
1 38 LYS n 
1 39 GLU n 
1 40 LYS n 
1 41 ASP n 
1 42 ARG n 
1 43 ILE n 
1 44 LYS n 
1 45 SER n 
1 46 PHE n 
1 47 THR n 
1 48 THR n 
1 49 ASN n 
1 50 GLU n 
1 51 LYS n 
1 52 ALA n 
1 53 ILE n 
1 54 LEU n 
1 55 GLU n 
1 56 GLN n 
1 57 ASN n 
1 58 PHE n 
1 59 ARG n 
1 60 ASP n 
1 61 LEU n 
1 62 VAL n 
1 63 ARG n 
1 64 GLU n 
1 65 LEU n 
1 66 GLU n 
1 67 LYS n 
1 68 GLN n 
1 69 LYS n 
1 70 GLU n 
1 71 GLU n 
1 72 VAL n 
1 73 ARG n 
1 74 ALA n 
1 75 ALA n 
1 76 LEU n 
1 77 GLU n 
1 78 GLN n 
1 79 ARG n 
1 80 GLU n 
1 81 GLN n 
1 82 ASP n 
1 83 ALA n 
1 84 VAL n 
1 85 ASP n 
1 86 GLN n 
1 87 VAL n 
1 88 LYS n 
1 89 VAL n 
1 90 ILE n 
1 91 VAL n 
1 92 ASP n 
# 
_entity_src_gen.entity_id                          1 
_entity_src_gen.pdbx_src_id                        1 
_entity_src_gen.pdbx_alt_source_flag               sample 
_entity_src_gen.pdbx_seq_type                      'Biological sequence' 
_entity_src_gen.pdbx_beg_seq_num                   1 
_entity_src_gen.pdbx_end_seq_num                   92 
_entity_src_gen.gene_src_common_name               'house mouse' 
_entity_src_gen.gene_src_genus                     ? 
_entity_src_gen.pdbx_gene_src_gene                 Trim29 
_entity_src_gen.gene_src_species                   ? 
_entity_src_gen.gene_src_strain                    ? 
_entity_src_gen.gene_src_tissue                    ? 
_entity_src_gen.gene_src_tissue_fraction           ? 
_entity_src_gen.gene_src_details                   ? 
_entity_src_gen.pdbx_gene_src_fragment             ? 
_entity_src_gen.pdbx_gene_src_scientific_name      'Mus musculus' 
_entity_src_gen.pdbx_gene_src_ncbi_taxonomy_id     10090 
_entity_src_gen.pdbx_gene_src_variant              ? 
_entity_src_gen.pdbx_gene_src_cell_line            ? 
_entity_src_gen.pdbx_gene_src_atcc                 ? 
_entity_src_gen.pdbx_gene_src_organ                ? 
_entity_src_gen.pdbx_gene_src_organelle            ? 
_entity_src_gen.pdbx_gene_src_cell                 ? 
_entity_src_gen.pdbx_gene_src_cellular_location    ? 
_entity_src_gen.host_org_common_name               ? 
_entity_src_gen.pdbx_host_org_scientific_name      'Escherichia coli BL21(DE3)' 
_entity_src_gen.pdbx_host_org_ncbi_taxonomy_id     469008 
_entity_src_gen.host_org_genus                     ? 
_entity_src_gen.pdbx_host_org_gene                 ? 
_entity_src_gen.pdbx_host_org_organ                ? 
_entity_src_gen.host_org_species                   ? 
_entity_src_gen.pdbx_host_org_tissue               ? 
_entity_src_gen.pdbx_host_org_tissue_fraction      ? 
_entity_src_gen.pdbx_host_org_strain               ? 
_entity_src_gen.pdbx_host_org_variant              ? 
_entity_src_gen.pdbx_host_org_cell_line            ? 
_entity_src_gen.pdbx_host_org_atcc                 ? 
_entity_src_gen.pdbx_host_org_culture_collection   ? 
_entity_src_gen.pdbx_host_org_cell                 ? 
_entity_src_gen.pdbx_host_org_organelle            ? 
_entity_src_gen.pdbx_host_org_cellular_location    ? 
_entity_src_gen.pdbx_host_org_vector_type          ? 
_entity_src_gen.pdbx_host_org_vector               ? 
_entity_src_gen.host_org_details                   ? 
_entity_src_gen.expression_system_id               ? 
_entity_src_gen.plasmid_name                       ? 
_entity_src_gen.plasmid_details                    ? 
_entity_src_gen.pdbx_description                   ? 
# 
loop_
_chem_comp.id 
_chem_comp.type 
_chem_comp.mon_nstd_flag 
_chem_comp.name 
_chem_comp.pdbx_synonyms 
_chem_comp.formula 
_chem_comp.formula_weight 
ALA 'L-peptide linking' y ALANINE         ?                               'C3 H7 N O2'     89.093  
ARG 'L-peptide linking' y ARGININE        ?                               'C6 H15 N4 O2 1' 175.209 
ASN 'L-peptide linking' y ASPARAGINE      ?                               'C4 H8 N2 O3'    132.118 
ASP 'L-peptide linking' y 'ASPARTIC ACID' ?                               'C4 H7 N O4'     133.103 
GLN 'L-peptide linking' y GLUTAMINE       ?                               'C5 H10 N2 O3'   146.144 
GLU 'L-peptide linking' y 'GLUTAMIC ACID' ?                               'C5 H9 N O4'     147.129 
GLY 'peptide linking'   y GLYCINE         ?                               'C2 H5 N O2'     75.067  
GOL non-polymer         . GLYCEROL        'GLYCERIN; PROPANE-1,2,3-TRIOL' 'C3 H8 O3'       92.094  
HOH non-polymer         . WATER           ?                               'H2 O'           18.015  
ILE 'L-peptide linking' y ISOLEUCINE      ?                               'C6 H13 N O2'    131.173 
LEU 'L-peptide linking' y LEUCINE         ?                               'C6 H13 N O2'    131.173 
LYS 'L-peptide linking' y LYSINE          ?                               'C6 H15 N2 O2 1' 147.195 
PHE 'L-peptide linking' y PHENYLALANINE   ?                               'C9 H11 N O2'    165.189 
PRO 'L-peptide linking' y PROLINE         ?                               'C5 H9 N O2'     115.130 
SER 'L-peptide linking' y SERINE          ?                               'C3 H7 N O3'     105.093 
THR 'L-peptide linking' y THREONINE       ?                               'C4 H9 N O3'     119.119 
TRP 'L-peptide linking' y TRYPTOPHAN      ?                               'C11 H12 N2 O2'  204.225 
VAL 'L-peptide linking' y VALINE          ?                               'C5 H11 N O2'    117.146 
# 
loop_
_pdbx_poly_seq_scheme.asym_id 
_pdbx_poly_seq_scheme.entity_id 
_pdbx_poly_seq_scheme.seq_id 
_pdbx_poly_seq_scheme.mon_id 
_pdbx_poly_seq_scheme.ndb_seq_num 
_pdbx_poly_seq_scheme.pdb_seq_num 
_pdbx_poly_seq_scheme.auth_seq_num 
_pdbx_poly_seq_scheme.pdb_mon_id 
_pdbx_poly_seq_scheme.auth_mon_id 
_pdbx_poly_seq_scheme.pdb_strand_id 
_pdbx_poly_seq_scheme.pdb_ins_code 
_pdbx_poly_seq_scheme.hetero 
A 1 1  GLY 1  257 ?   ?   ?   A . n 
A 1 2  PRO 2  258 258 PRO PRO A . n 
A 1 3  THR 3  259 259 THR THR A . n 
A 1 4  VAL 4  260 260 VAL VAL A . n 
A 1 5  GLU 5  261 261 GLU GLU A . n 
A 1 6  GLU 6  262 262 GLU GLU A . n 
A 1 7  ALA 7  263 263 ALA ALA A . n 
A 1 8  LYS 8  264 264 LYS LYS A . n 
A 1 9  ALA 9  265 265 ALA ALA A . n 
A 1 10 GLU 10 266 266 GLU GLU A . n 
A 1 11 LYS 11 267 267 LYS LYS A . n 
A 1 12 GLU 12 268 268 GLU GLU A . n 
A 1 13 THR 13 269 269 THR THR A . n 
A 1 14 GLU 14 270 270 GLU GLU A . n 
A 1 15 LEU 15 271 271 LEU LEU A . n 
A 1 16 SER 16 272 272 SER SER A . n 
A 1 17 LEU 17 273 273 LEU LEU A . n 
A 1 18 GLN 18 274 274 GLN GLN A . n 
A 1 19 LYS 19 275 275 LYS LYS A . n 
A 1 20 GLU 20 276 276 GLU GLU A . n 
A 1 21 GLN 21 277 277 GLN GLN A . n 
A 1 22 LEU 22 278 278 LEU LEU A . n 
A 1 23 GLN 23 279 279 GLN GLN A . n 
A 1 24 LEU 24 280 280 LEU LEU A . n 
A 1 25 LYS 25 281 281 LYS LYS A . n 
A 1 26 ILE 26 282 282 ILE ILE A . n 
A 1 27 ILE 27 283 283 ILE ILE A . n 
A 1 28 GLU 28 284 284 GLU GLU A . n 
A 1 29 ILE 29 285 285 ILE ILE A . n 
A 1 30 GLU 30 286 286 GLU GLU A . n 
A 1 31 ASP 31 287 287 ASP ASP A . n 
A 1 32 ASP 32 288 288 ASP ASP A . n 
A 1 33 VAL 33 289 289 VAL VAL A . n 
A 1 34 GLU 34 290 290 GLU GLU A . n 
A 1 35 LYS 35 291 291 LYS LYS A . n 
A 1 36 TRP 36 292 292 TRP TRP A . n 
A 1 37 GLN 37 293 293 GLN GLN A . n 
A 1 38 LYS 38 294 294 LYS LYS A . n 
A 1 39 GLU 39 295 295 GLU GLU A . n 
A 1 40 LYS 40 296 296 LYS LYS A . n 
A 1 41 ASP 41 297 297 ASP ASP A . n 
A 1 42 ARG 42 298 298 ARG ARG A . n 
A 1 43 ILE 43 299 299 ILE ILE A . n 
A 1 44 LYS 44 300 300 LYS LYS A . n 
A 1 45 SER 45 301 301 SER SER A . n 
A 1 46 PHE 46 302 302 PHE PHE A . n 
A 1 47 THR 47 303 303 THR THR A . n 
A 1 48 THR 48 304 304 THR THR A . n 
A 1 49 ASN 49 305 305 ASN ASN A . n 
A 1 50 GLU 50 306 306 GLU GLU A . n 
A 1 51 LYS 51 307 307 LYS LYS A . n 
A 1 52 ALA 52 308 308 ALA ALA A . n 
A 1 53 ILE 53 309 309 ILE ILE A . n 
A 1 54 LEU 54 310 310 LEU LEU A . n 
A 1 55 GLU 55 311 311 GLU GLU A . n 
A 1 56 GLN 56 312 312 GLN GLN A . n 
A 1 57 ASN 57 313 313 ASN ASN A . n 
A 1 58 PHE 58 314 314 PHE PHE A . n 
A 1 59 ARG 59 315 315 ARG ARG A . n 
A 1 60 ASP 60 316 316 ASP ASP A . n 
A 1 61 LEU 61 317 317 LEU LEU A . n 
A 1 62 VAL 62 318 318 VAL VAL A . n 
A 1 63 ARG 63 319 319 ARG ARG A . n 
A 1 64 GLU 64 320 320 GLU GLU A . n 
A 1 65 LEU 65 321 321 LEU LEU A . n 
A 1 66 GLU 66 322 322 GLU GLU A . n 
A 1 67 LYS 67 323 323 LYS LYS A . n 
A 1 68 GLN 68 324 324 GLN GLN A . n 
A 1 69 LYS 69 325 325 LYS LYS A . n 
A 1 70 GLU 70 326 326 GLU GLU A . n 
A 1 71 GLU 71 327 327 GLU GLU A . n 
A 1 72 VAL 72 328 328 VAL VAL A . n 
A 1 73 ARG 73 329 329 ARG ARG A . n 
A 1 74 ALA 74 330 330 ALA ALA A . n 
A 1 75 ALA 75 331 331 ALA ALA A . n 
A 1 76 LEU 76 332 332 LEU LEU A . n 
A 1 77 GLU 77 333 333 GLU GLU A . n 
A 1 78 GLN 78 334 334 GLN GLN A . n 
A 1 79 ARG 79 335 335 ARG ARG A . n 
A 1 80 GLU 80 336 336 GLU GLU A . n 
A 1 81 GLN 81 337 337 GLN GLN A . n 
A 1 82 ASP 82 338 338 ASP ASP A . n 
A 1 83 ALA 83 339 339 ALA ALA A . n 
A 1 84 VAL 84 340 340 VAL VAL A . n 
A 1 85 ASP 85 341 341 ASP ASP A . n 
A 1 86 GLN 86 342 342 GLN GLN A . n 
A 1 87 VAL 87 343 343 VAL VAL A . n 
A 1 88 LYS 88 344 344 LYS LYS A . n 
A 1 89 VAL 89 345 345 VAL VAL A . n 
A 1 90 ILE 90 346 346 ILE ILE A . n 
A 1 91 VAL 91 347 ?   ?   ?   A . n 
A 1 92 ASP 92 348 ?   ?   ?   A . n 
# 
loop_
_pdbx_nonpoly_scheme.asym_id 
_pdbx_nonpoly_scheme.entity_id 
_pdbx_nonpoly_scheme.mon_id 
_pdbx_nonpoly_scheme.ndb_seq_num 
_pdbx_nonpoly_scheme.pdb_seq_num 
_pdbx_nonpoly_scheme.auth_seq_num 
_pdbx_nonpoly_scheme.pdb_mon_id 
_pdbx_nonpoly_scheme.auth_mon_id 
_pdbx_nonpoly_scheme.pdb_strand_id 
_pdbx_nonpoly_scheme.pdb_ins_code 
B 2 GOL 1  501 501 GOL GOL A . 
C 2 GOL 1  502 502 GOL GOL A . 
D 3 HOH 1  601 409 HOH HOH A . 
D 3 HOH 2  602 404 HOH HOH A . 
D 3 HOH 3  603 407 HOH HOH A . 
D 3 HOH 4  604 405 HOH HOH A . 
D 3 HOH 5  605 402 HOH HOH A . 
D 3 HOH 6  606 411 HOH HOH A . 
D 3 HOH 7  607 413 HOH HOH A . 
D 3 HOH 8  608 414 HOH HOH A . 
D 3 HOH 9  609 412 HOH HOH A . 
D 3 HOH 10 610 415 HOH HOH A . 
D 3 HOH 11 611 403 HOH HOH A . 
D 3 HOH 12 612 410 HOH HOH A . 
D 3 HOH 13 613 408 HOH HOH A . 
D 3 HOH 14 614 401 HOH HOH A . 
D 3 HOH 15 615 406 HOH HOH A . 
# 
loop_
_software.citation_id 
_software.classification 
_software.compiler_name 
_software.compiler_version 
_software.contact_author 
_software.contact_author_email 
_software.date 
_software.description 
_software.dependencies 
_software.hardware 
_software.language 
_software.location 
_software.mods 
_software.name 
_software.os 
_software.os_version 
_software.type 
_software.version 
_software.pdbx_ordinal 
? refinement       ? ? ? ? ? ? ? ? ? ? ? REFMAC ? ? ? 5.8.0267 1 
? 'data reduction' ? ? ? ? ? ? ? ? ? ? ? MOSFLM ? ? ? .        2 
? 'data scaling'   ? ? ? ? ? ? ? ? ? ? ? SCALA  ? ? ? .        3 
? phasing          ? ? ? ? ? ? ? ? ? ? ? PHENIX ? ? ? .        4 
# 
_cell.angle_alpha                  90.000 
_cell.angle_alpha_esd              ? 
_cell.angle_beta                   90.000 
_cell.angle_beta_esd               ? 
_cell.angle_gamma                  90.000 
_cell.angle_gamma_esd              ? 
_cell.entry_id                     8SDE 
_cell.details                      ? 
_cell.formula_units_Z              ? 
_cell.length_a                     45.050 
_cell.length_a_esd                 ? 
_cell.length_b                     47.630 
_cell.length_b_esd                 ? 
_cell.length_c                     107.510 
_cell.length_c_esd                 ? 
_cell.volume                       ? 
_cell.volume_esd                   ? 
_cell.Z_PDB                        8 
_cell.reciprocal_angle_alpha       ? 
_cell.reciprocal_angle_beta        ? 
_cell.reciprocal_angle_gamma       ? 
_cell.reciprocal_angle_alpha_esd   ? 
_cell.reciprocal_angle_beta_esd    ? 
_cell.reciprocal_angle_gamma_esd   ? 
_cell.reciprocal_length_a          ? 
_cell.reciprocal_length_b          ? 
_cell.reciprocal_length_c          ? 
_cell.reciprocal_length_a_esd      ? 
_cell.reciprocal_length_b_esd      ? 
_cell.reciprocal_length_c_esd      ? 
_cell.pdbx_unique_axis             ? 
_cell.pdbx_esd_method              ? 
# 
_symmetry.entry_id                         8SDE 
_symmetry.cell_setting                     ? 
_symmetry.Int_Tables_number                23 
_symmetry.space_group_name_Hall            ? 
_symmetry.space_group_name_H-M             'I 2 2 2' 
_symmetry.pdbx_full_space_group_name_H-M   ? 
# 
_exptl.absorpt_coefficient_mu     ? 
_exptl.absorpt_correction_T_max   ? 
_exptl.absorpt_correction_T_min   ? 
_exptl.absorpt_correction_type    ? 
_exptl.absorpt_process_details    ? 
_exptl.entry_id                   8SDE 
_exptl.crystals_number            1 
_exptl.details                    ? 
_exptl.method                     'X-RAY DIFFRACTION' 
_exptl.method_details             ? 
# 
_exptl_crystal.colour                       ? 
_exptl_crystal.density_diffrn               ? 
_exptl_crystal.density_Matthews             2.70 
_exptl_crystal.density_method               ? 
_exptl_crystal.density_percent_sol          54.50 
_exptl_crystal.description                  ? 
_exptl_crystal.F_000                        ? 
_exptl_crystal.id                           1 
_exptl_crystal.preparation                  ? 
_exptl_crystal.size_max                     ? 
_exptl_crystal.size_mid                     ? 
_exptl_crystal.size_min                     ? 
_exptl_crystal.size_rad                     ? 
_exptl_crystal.colour_lustre                ? 
_exptl_crystal.colour_modifier              ? 
_exptl_crystal.colour_primary               ? 
_exptl_crystal.density_meas                 ? 
_exptl_crystal.density_meas_esd             ? 
_exptl_crystal.density_meas_gt              ? 
_exptl_crystal.density_meas_lt              ? 
_exptl_crystal.density_meas_temp            ? 
_exptl_crystal.density_meas_temp_esd        ? 
_exptl_crystal.density_meas_temp_gt         ? 
_exptl_crystal.density_meas_temp_lt         ? 
_exptl_crystal.pdbx_crystal_image_url       ? 
_exptl_crystal.pdbx_crystal_image_format    ? 
_exptl_crystal.pdbx_mosaicity               ? 
_exptl_crystal.pdbx_mosaicity_esd           ? 
_exptl_crystal.pdbx_mosaic_method           ? 
_exptl_crystal.pdbx_mosaic_block_size       ? 
_exptl_crystal.pdbx_mosaic_block_size_esd   ? 
# 
_exptl_crystal_grow.apparatus       ? 
_exptl_crystal_grow.atmosphere      ? 
_exptl_crystal_grow.crystal_id      1 
_exptl_crystal_grow.details         ? 
_exptl_crystal_grow.method          'VAPOR DIFFUSION' 
_exptl_crystal_grow.method_ref      ? 
_exptl_crystal_grow.pH              4.7 
_exptl_crystal_grow.pressure        ? 
_exptl_crystal_grow.pressure_esd    ? 
_exptl_crystal_grow.seeding         ? 
_exptl_crystal_grow.seeding_ref     ? 
_exptl_crystal_grow.temp_details    ? 
_exptl_crystal_grow.temp_esd        ? 
_exptl_crystal_grow.time            ? 
_exptl_crystal_grow.pdbx_details    '10% glycerol, 38% MPD, and 0.1M Acetic acid pH4.7' 
_exptl_crystal_grow.pdbx_pH_range   ? 
_exptl_crystal_grow.temp            295 
# 
_diffrn.ambient_environment              ? 
_diffrn.ambient_temp                     100 
_diffrn.ambient_temp_details             ? 
_diffrn.ambient_temp_esd                 ? 
_diffrn.crystal_id                       1 
_diffrn.crystal_support                  ? 
_diffrn.crystal_treatment                ? 
_diffrn.details                          ? 
_diffrn.id                               1 
_diffrn.ambient_pressure                 ? 
_diffrn.ambient_pressure_esd             ? 
_diffrn.ambient_pressure_gt              ? 
_diffrn.ambient_pressure_lt              ? 
_diffrn.ambient_temp_gt                  ? 
_diffrn.ambient_temp_lt                  ? 
_diffrn.pdbx_serial_crystal_experiment   N 
# 
_diffrn_detector.details                      ? 
_diffrn_detector.detector                     PIXEL 
_diffrn_detector.diffrn_id                    1 
_diffrn_detector.type                         'DECTRIS PILATUS 6M' 
_diffrn_detector.area_resol_mean              ? 
_diffrn_detector.dtime                        ? 
_diffrn_detector.pdbx_frames_total            ? 
_diffrn_detector.pdbx_collection_time_total   ? 
_diffrn_detector.pdbx_collection_date         2017-05-13 
_diffrn_detector.pdbx_frequency               ? 
_diffrn_detector.id                           ? 
_diffrn_detector.number_of_axes               ? 
# 
_diffrn_radiation.collimation                      ? 
_diffrn_radiation.diffrn_id                        1 
_diffrn_radiation.filter_edge                      ? 
_diffrn_radiation.inhomogeneity                    ? 
_diffrn_radiation.monochromator                    ? 
_diffrn_radiation.polarisn_norm                    ? 
_diffrn_radiation.polarisn_ratio                   ? 
_diffrn_radiation.probe                            ? 
_diffrn_radiation.type                             ? 
_diffrn_radiation.xray_symbol                      ? 
_diffrn_radiation.wavelength_id                    1 
_diffrn_radiation.pdbx_monochromatic_or_laue_m_l   M 
_diffrn_radiation.pdbx_wavelength_list             ? 
_diffrn_radiation.pdbx_wavelength                  ? 
_diffrn_radiation.pdbx_diffrn_protocol             'SINGLE WAVELENGTH' 
_diffrn_radiation.pdbx_analyzer                    ? 
_diffrn_radiation.pdbx_scattering_type             x-ray 
# 
_diffrn_radiation_wavelength.id           1 
_diffrn_radiation_wavelength.wavelength   0.97741 
_diffrn_radiation_wavelength.wt           1.0 
# 
_diffrn_source.current                     ? 
_diffrn_source.details                     ? 
_diffrn_source.diffrn_id                   1 
_diffrn_source.power                       ? 
_diffrn_source.size                        ? 
_diffrn_source.source                      SYNCHROTRON 
_diffrn_source.target                      ? 
_diffrn_source.type                        'ALS BEAMLINE 5.0.1' 
_diffrn_source.voltage                     ? 
_diffrn_source.take-off_angle              ? 
_diffrn_source.pdbx_wavelength_list        0.97741 
_diffrn_source.pdbx_wavelength             ? 
_diffrn_source.pdbx_synchrotron_beamline   5.0.1 
_diffrn_source.pdbx_synchrotron_site       ALS 
# 
_reflns.B_iso_Wilson_estimate                          ? 
_reflns.entry_id                                       8SDE 
_reflns.data_reduction_details                         ? 
_reflns.data_reduction_method                          ? 
_reflns.d_resolution_high                              2.27 
_reflns.d_resolution_low                               8.00 
_reflns.details                                        ? 
_reflns.limit_h_max                                    ? 
_reflns.limit_h_min                                    ? 
_reflns.limit_k_max                                    ? 
_reflns.limit_k_min                                    ? 
_reflns.limit_l_max                                    ? 
_reflns.limit_l_min                                    ? 
_reflns.number_all                                     ? 
_reflns.number_obs                                     5400 
_reflns.observed_criterion                             ? 
_reflns.observed_criterion_F_max                       ? 
_reflns.observed_criterion_F_min                       ? 
_reflns.observed_criterion_I_max                       ? 
_reflns.observed_criterion_I_min                       ? 
_reflns.observed_criterion_sigma_F                     ? 
_reflns.observed_criterion_sigma_I                     ? 
_reflns.percent_possible_obs                           96.9 
_reflns.R_free_details                                 ? 
_reflns.Rmerge_F_all                                   ? 
_reflns.Rmerge_F_obs                                   ? 
_reflns.Friedel_coverage                               ? 
_reflns.number_gt                                      ? 
_reflns.threshold_expression                           ? 
_reflns.pdbx_redundancy                                9.1 
_reflns.pdbx_netI_over_av_sigmaI                       ? 
_reflns.pdbx_netI_over_sigmaI                          14.5 
_reflns.pdbx_res_netI_over_av_sigmaI_2                 ? 
_reflns.pdbx_res_netI_over_sigmaI_2                    ? 
_reflns.pdbx_chi_squared                               ? 
_reflns.pdbx_scaling_rejects                           ? 
_reflns.pdbx_d_res_high_opt                            ? 
_reflns.pdbx_d_res_low_opt                             ? 
_reflns.pdbx_d_res_opt_method                          ? 
_reflns.phase_calculation_details                      ? 
_reflns.pdbx_Rrim_I_all                                ? 
_reflns.pdbx_Rpim_I_all                                ? 
_reflns.pdbx_d_opt                                     ? 
_reflns.pdbx_number_measured_all                       ? 
_reflns.pdbx_diffrn_id                                 1 
_reflns.pdbx_ordinal                                   1 
_reflns.pdbx_CC_half                                   0.999 
_reflns.pdbx_CC_star                                   ? 
_reflns.pdbx_R_split                                   ? 
_reflns.pdbx_Rmerge_I_obs                              0.071 
_reflns.pdbx_Rmerge_I_all                              ? 
_reflns.pdbx_Rsym_value                                ? 
_reflns.pdbx_CC_split_method                           ? 
_reflns.pdbx_aniso_diffraction_limit_axis_1_ortho[1]   ? 
_reflns.pdbx_aniso_diffraction_limit_axis_1_ortho[2]   ? 
_reflns.pdbx_aniso_diffraction_limit_axis_1_ortho[3]   ? 
_reflns.pdbx_aniso_diffraction_limit_axis_2_ortho[1]   ? 
_reflns.pdbx_aniso_diffraction_limit_axis_2_ortho[2]   ? 
_reflns.pdbx_aniso_diffraction_limit_axis_2_ortho[3]   ? 
_reflns.pdbx_aniso_diffraction_limit_axis_3_ortho[1]   ? 
_reflns.pdbx_aniso_diffraction_limit_axis_3_ortho[2]   ? 
_reflns.pdbx_aniso_diffraction_limit_axis_3_ortho[3]   ? 
_reflns.pdbx_aniso_diffraction_limit_1                 ? 
_reflns.pdbx_aniso_diffraction_limit_2                 ? 
_reflns.pdbx_aniso_diffraction_limit_3                 ? 
_reflns.pdbx_aniso_B_tensor_eigenvector_1_ortho[1]     ? 
_reflns.pdbx_aniso_B_tensor_eigenvector_1_ortho[2]     ? 
_reflns.pdbx_aniso_B_tensor_eigenvector_1_ortho[3]     ? 
_reflns.pdbx_aniso_B_tensor_eigenvector_2_ortho[1]     ? 
_reflns.pdbx_aniso_B_tensor_eigenvector_2_ortho[2]     ? 
_reflns.pdbx_aniso_B_tensor_eigenvector_2_ortho[3]     ? 
_reflns.pdbx_aniso_B_tensor_eigenvector_3_ortho[1]     ? 
_reflns.pdbx_aniso_B_tensor_eigenvector_3_ortho[2]     ? 
_reflns.pdbx_aniso_B_tensor_eigenvector_3_ortho[3]     ? 
_reflns.pdbx_aniso_B_tensor_eigenvalue_1               ? 
_reflns.pdbx_aniso_B_tensor_eigenvalue_2               ? 
_reflns.pdbx_aniso_B_tensor_eigenvalue_3               ? 
_reflns.pdbx_orthogonalization_convention              ? 
_reflns.pdbx_percent_possible_ellipsoidal              ? 
_reflns.pdbx_percent_possible_spherical                ? 
_reflns.pdbx_percent_possible_ellipsoidal_anomalous    ? 
_reflns.pdbx_percent_possible_spherical_anomalous      ? 
_reflns.pdbx_redundancy_anomalous                      ? 
_reflns.pdbx_CC_half_anomalous                         ? 
_reflns.pdbx_absDiff_over_sigma_anomalous              ? 
_reflns.pdbx_percent_possible_anomalous                ? 
_reflns.pdbx_observed_signal_threshold                 ? 
_reflns.pdbx_signal_type                               ? 
_reflns.pdbx_signal_details                            ? 
_reflns.pdbx_signal_software_id                        ? 
# 
_reflns_shell.d_res_high                                    2.27 
_reflns_shell.d_res_low                                     2.39 
_reflns_shell.meanI_over_sigI_all                           ? 
_reflns_shell.meanI_over_sigI_obs                           ? 
_reflns_shell.number_measured_all                           ? 
_reflns_shell.number_measured_obs                           ? 
_reflns_shell.number_possible                               ? 
_reflns_shell.number_unique_all                             ? 
_reflns_shell.number_unique_obs                             782 
_reflns_shell.percent_possible_obs                          ? 
_reflns_shell.Rmerge_F_all                                  ? 
_reflns_shell.Rmerge_F_obs                                  ? 
_reflns_shell.meanI_over_sigI_gt                            ? 
_reflns_shell.meanI_over_uI_all                             ? 
_reflns_shell.meanI_over_uI_gt                              ? 
_reflns_shell.number_measured_gt                            ? 
_reflns_shell.number_unique_gt                              ? 
_reflns_shell.percent_possible_gt                           ? 
_reflns_shell.Rmerge_F_gt                                   ? 
_reflns_shell.Rmerge_I_gt                                   ? 
_reflns_shell.pdbx_redundancy                               8.7 
_reflns_shell.pdbx_chi_squared                              ? 
_reflns_shell.pdbx_netI_over_sigmaI_all                     ? 
_reflns_shell.pdbx_netI_over_sigmaI_obs                     ? 
_reflns_shell.pdbx_Rrim_I_all                               ? 
_reflns_shell.pdbx_Rpim_I_all                               ? 
_reflns_shell.pdbx_rejects                                  ? 
_reflns_shell.pdbx_ordinal                                  1 
_reflns_shell.pdbx_diffrn_id                                1 
_reflns_shell.pdbx_CC_half                                  0.985 
_reflns_shell.pdbx_CC_star                                  ? 
_reflns_shell.pdbx_R_split                                  ? 
_reflns_shell.percent_possible_all                          98.8 
_reflns_shell.Rmerge_I_all                                  ? 
_reflns_shell.Rmerge_I_obs                                  0.319 
_reflns_shell.pdbx_Rsym_value                               ? 
_reflns_shell.pdbx_percent_possible_ellipsoidal             ? 
_reflns_shell.pdbx_percent_possible_spherical               ? 
_reflns_shell.pdbx_percent_possible_ellipsoidal_anomalous   ? 
_reflns_shell.pdbx_percent_possible_spherical_anomalous     ? 
_reflns_shell.pdbx_redundancy_anomalous                     ? 
_reflns_shell.pdbx_CC_half_anomalous                        ? 
_reflns_shell.pdbx_absDiff_over_sigma_anomalous             ? 
_reflns_shell.pdbx_percent_possible_anomalous               ? 
# 
_refine.aniso_B[1][1]                            5.301 
_refine.aniso_B[1][2]                            -0.000 
_refine.aniso_B[1][3]                            -0.000 
_refine.aniso_B[2][2]                            2.596 
_refine.aniso_B[2][3]                            0.000 
_refine.aniso_B[3][3]                            -7.897 
_refine.B_iso_max                                ? 
_refine.B_iso_mean                               86.024 
_refine.B_iso_min                                ? 
_refine.correlation_coeff_Fo_to_Fc               0.956 
_refine.correlation_coeff_Fo_to_Fc_free          0.942 
_refine.details                                  'Hydrogens have not been used' 
_refine.diff_density_max                         ? 
_refine.diff_density_max_esd                     ? 
_refine.diff_density_min                         ? 
_refine.diff_density_min_esd                     ? 
_refine.diff_density_rms                         ? 
_refine.diff_density_rms_esd                     ? 
_refine.entry_id                                 8SDE 
_refine.pdbx_refine_id                           'X-RAY DIFFRACTION' 
_refine.ls_abs_structure_details                 ? 
_refine.ls_abs_structure_Flack                   ? 
_refine.ls_abs_structure_Flack_esd               ? 
_refine.ls_abs_structure_Rogers                  ? 
_refine.ls_abs_structure_Rogers_esd              ? 
_refine.ls_d_res_high                            2.270 
_refine.ls_d_res_low                             7.981 
_refine.ls_extinction_coef                       ? 
_refine.ls_extinction_coef_esd                   ? 
_refine.ls_extinction_expression                 ? 
_refine.ls_extinction_method                     ? 
_refine.ls_goodness_of_fit_all                   ? 
_refine.ls_goodness_of_fit_all_esd               ? 
_refine.ls_goodness_of_fit_obs                   ? 
_refine.ls_goodness_of_fit_obs_esd               ? 
_refine.ls_hydrogen_treatment                    ? 
_refine.ls_matrix_type                           ? 
_refine.ls_number_constraints                    ? 
_refine.ls_number_parameters                     ? 
_refine.ls_number_reflns_all                     ? 
_refine.ls_number_reflns_obs                     5394 
_refine.ls_number_reflns_R_free                  392 
_refine.ls_number_reflns_R_work                  5002 
_refine.ls_number_restraints                     ? 
_refine.ls_percent_reflns_obs                    95.757 
_refine.ls_percent_reflns_R_free                 7.267 
_refine.ls_R_factor_all                          0.230 
_refine.ls_R_factor_obs                          ? 
_refine.ls_R_factor_R_free                       0.2751 
_refine.ls_R_factor_R_free_error                 ? 
_refine.ls_R_factor_R_free_error_details         ? 
_refine.ls_R_factor_R_work                       0.2267 
_refine.ls_R_Fsqd_factor_obs                     ? 
_refine.ls_R_I_factor_obs                        ? 
_refine.ls_redundancy_reflns_all                 ? 
_refine.ls_redundancy_reflns_obs                 ? 
_refine.ls_restrained_S_all                      ? 
_refine.ls_restrained_S_obs                      ? 
_refine.ls_shift_over_esd_max                    ? 
_refine.ls_shift_over_esd_mean                   ? 
_refine.ls_structure_factor_coef                 ? 
_refine.ls_weighting_details                     ? 
_refine.ls_weighting_scheme                      ? 
_refine.ls_wR_factor_all                         ? 
_refine.ls_wR_factor_obs                         ? 
_refine.ls_wR_factor_R_free                      ? 
_refine.ls_wR_factor_R_work                      ? 
_refine.occupancy_max                            ? 
_refine.occupancy_min                            ? 
_refine.solvent_model_details                    'MASK BULK SOLVENT' 
_refine.solvent_model_param_bsol                 ? 
_refine.solvent_model_param_ksol                 ? 
_refine.pdbx_R_complete                          ? 
_refine.ls_R_factor_gt                           ? 
_refine.ls_goodness_of_fit_gt                    ? 
_refine.ls_goodness_of_fit_ref                   ? 
_refine.ls_shift_over_su_max                     ? 
_refine.ls_shift_over_su_max_lt                  ? 
_refine.ls_shift_over_su_mean                    ? 
_refine.ls_shift_over_su_mean_lt                 ? 
_refine.pdbx_ls_sigma_I                          ? 
_refine.pdbx_ls_sigma_F                          ? 
_refine.pdbx_ls_sigma_Fsqd                       ? 
_refine.pdbx_data_cutoff_high_absF               ? 
_refine.pdbx_data_cutoff_high_rms_absF           ? 
_refine.pdbx_data_cutoff_low_absF                ? 
_refine.pdbx_isotropic_thermal_model             ? 
_refine.pdbx_ls_cross_valid_method               'FREE R-VALUE' 
_refine.pdbx_method_to_determine_struct          'MOLECULAR REPLACEMENT' 
_refine.pdbx_starting_model                      ? 
_refine.pdbx_stereochemistry_target_values       ? 
_refine.pdbx_R_Free_selection_details            ? 
_refine.pdbx_stereochem_target_val_spec_case     ? 
_refine.pdbx_overall_ESU_R                       0.339 
_refine.pdbx_overall_ESU_R_Free                  0.255 
_refine.pdbx_solvent_vdw_probe_radii             1.200 
_refine.pdbx_solvent_ion_probe_radii             0.800 
_refine.pdbx_solvent_shrinkage_radii             0.800 
_refine.pdbx_real_space_R                        ? 
_refine.pdbx_density_correlation                 ? 
_refine.pdbx_pd_number_of_powder_patterns        ? 
_refine.pdbx_pd_number_of_points                 ? 
_refine.pdbx_pd_meas_number_of_points            ? 
_refine.pdbx_pd_proc_ls_prof_R_factor            ? 
_refine.pdbx_pd_proc_ls_prof_wR_factor           ? 
_refine.pdbx_pd_Marquardt_correlation_coeff      ? 
_refine.pdbx_pd_Fsqrd_R_factor                   ? 
_refine.pdbx_pd_ls_matrix_band_width             ? 
_refine.pdbx_overall_phase_error                 ? 
_refine.pdbx_overall_SU_R_free_Cruickshank_DPI   ? 
_refine.pdbx_overall_SU_R_free_Blow_DPI          ? 
_refine.pdbx_overall_SU_R_Blow_DPI               ? 
_refine.pdbx_TLS_residual_ADP_flag               ? 
_refine.pdbx_diffrn_id                           1 
_refine.overall_SU_B                             14.274 
_refine.overall_SU_ML                            0.160 
_refine.overall_SU_R_Cruickshank_DPI             ? 
_refine.overall_SU_R_free                        ? 
_refine.overall_FOM_free_R_set                   ? 
_refine.overall_FOM_work_R_set                   ? 
_refine.pdbx_average_fsc_overall                 ? 
_refine.pdbx_average_fsc_work                    ? 
_refine.pdbx_average_fsc_free                    ? 
# 
_refine_hist.pdbx_refine_id                   'X-RAY DIFFRACTION' 
_refine_hist.cycle_id                         LAST 
_refine_hist.details                          ? 
_refine_hist.d_res_high                       2.270 
_refine_hist.d_res_low                        7.981 
_refine_hist.number_atoms_solvent             15 
_refine_hist.number_atoms_total               771 
_refine_hist.number_reflns_all                ? 
_refine_hist.number_reflns_obs                ? 
_refine_hist.number_reflns_R_free             ? 
_refine_hist.number_reflns_R_work             ? 
_refine_hist.R_factor_all                     ? 
_refine_hist.R_factor_obs                     ? 
_refine_hist.R_factor_R_free                  ? 
_refine_hist.R_factor_R_work                  ? 
_refine_hist.pdbx_number_residues_total       ? 
_refine_hist.pdbx_B_iso_mean_ligand           ? 
_refine_hist.pdbx_B_iso_mean_solvent          ? 
_refine_hist.pdbx_number_atoms_protein        744 
_refine_hist.pdbx_number_atoms_nucleic_acid   0 
_refine_hist.pdbx_number_atoms_ligand         12 
_refine_hist.pdbx_number_atoms_lipid          ? 
_refine_hist.pdbx_number_atoms_carb           ? 
_refine_hist.pdbx_pseudo_atom_details         ? 
# 
loop_
_refine_ls_restr.pdbx_refine_id 
_refine_ls_restr.criterion 
_refine_ls_restr.dev_ideal 
_refine_ls_restr.dev_ideal_target 
_refine_ls_restr.number 
_refine_ls_restr.rejects 
_refine_ls_restr.type 
_refine_ls_restr.weight 
_refine_ls_restr.pdbx_restraint_function 
'X-RAY DIFFRACTION' ? 0.008  0.012  758  ? r_bond_refined_d               ? ? 
'X-RAY DIFFRACTION' ? 1.785  1.652  1009 ? r_angle_refined_deg            ? ? 
'X-RAY DIFFRACTION' ? 4.247  5.000  88   ? r_dihedral_angle_1_deg         ? ? 
'X-RAY DIFFRACTION' ? 37.127 25.208 48   ? r_dihedral_angle_2_deg         ? ? 
'X-RAY DIFFRACTION' ? 20.319 15.000 169  ? r_dihedral_angle_3_deg         ? ? 
'X-RAY DIFFRACTION' ? 18.121 15.000 5    ? r_dihedral_angle_4_deg         ? ? 
'X-RAY DIFFRACTION' ? 0.108  0.200  99   ? r_chiral_restr                 ? ? 
'X-RAY DIFFRACTION' ? 0.008  0.020  541  ? r_gen_planes_refined           ? ? 
'X-RAY DIFFRACTION' ? 0.230  0.200  294  ? r_nbd_refined                  ? ? 
'X-RAY DIFFRACTION' ? 0.306  0.200  516  ? r_nbtor_refined                ? ? 
'X-RAY DIFFRACTION' ? 0.076  0.200  16   ? r_xyhbond_nbd_refined          ? ? 
'X-RAY DIFFRACTION' ? 0.226  0.200  56   ? r_symmetry_nbd_refined         ? ? 
'X-RAY DIFFRACTION' ? 0.189  0.200  7    ? r_symmetry_xyhbond_nbd_refined ? ? 
'X-RAY DIFFRACTION' ? 6.261  6.169  355  ? r_mcbond_it                    ? ? 
'X-RAY DIFFRACTION' ? 7.953  9.224  442  ? r_mcangle_it                   ? ? 
'X-RAY DIFFRACTION' ? 10.714 7.700  402  ? r_scbond_it                    ? ? 
'X-RAY DIFFRACTION' ? 16.004 10.990 566  ? r_scangle_it                   ? ? 
'X-RAY DIFFRACTION' ? 17.273 84.037 1070 ? r_lrange_it                    ? ? 
# 
loop_
_refine_ls_shell.pdbx_refine_id 
_refine_ls_shell.d_res_high 
_refine_ls_shell.d_res_low 
_refine_ls_shell.number_reflns_all 
_refine_ls_shell.number_reflns_obs 
_refine_ls_shell.number_reflns_R_free 
_refine_ls_shell.number_reflns_R_work 
_refine_ls_shell.percent_reflns_obs 
_refine_ls_shell.percent_reflns_R_free 
_refine_ls_shell.R_factor_all 
_refine_ls_shell.R_factor_obs 
_refine_ls_shell.R_factor_R_free_error 
_refine_ls_shell.R_factor_R_work 
_refine_ls_shell.redundancy_reflns_all 
_refine_ls_shell.redundancy_reflns_obs 
_refine_ls_shell.wR_factor_all 
_refine_ls_shell.wR_factor_obs 
_refine_ls_shell.wR_factor_R_free 
_refine_ls_shell.wR_factor_R_work 
_refine_ls_shell.pdbx_R_complete 
_refine_ls_shell.pdbx_total_number_of_bins_used 
_refine_ls_shell.pdbx_phase_error 
_refine_ls_shell.pdbx_fsc_work 
_refine_ls_shell.pdbx_fsc_free 
_refine_ls_shell.R_factor_R_free 
'X-RAY DIFFRACTION' 2.270 2.324 . . 19 342 98.6339 . . . . 0.268 . . . . . . . . . . . 0.281 
'X-RAY DIFFRACTION' 2.324 2.382 . . 19 347 98.1233 . . . . 0.245 . . . . . . . . . . . 0.286 
'X-RAY DIFFRACTION' 2.382 2.445 . . 26 318 98.0057 . . . . 0.223 . . . . . . . . . . . 0.358 
'X-RAY DIFFRACTION' 2.445 2.513 . . 35 321 99.4413 . . . . 0.239 . . . . . . . . . . . 0.298 
'X-RAY DIFFRACTION' 2.513 2.587 . . 23 295 98.7578 . . . . 0.203 . . . . . . . . . . . 0.299 
'X-RAY DIFFRACTION' 2.587 2.668 . . 23 306 98.5030 . . . . 0.191 . . . . . . . . . . . 0.259 
'X-RAY DIFFRACTION' 2.668 2.757 . . 23 294 98.1424 . . . . 0.208 . . . . . . . . . . . 0.155 
'X-RAY DIFFRACTION' 2.757 2.855 . . 28 279 98.7138 . . . . 0.237 . . . . . . . . . . . 0.334 
'X-RAY DIFFRACTION' 2.855 2.965 . . 26 270 98.9967 . . . . 0.265 . . . . . . . . . . . 0.308 
'X-RAY DIFFRACTION' 2.965 3.088 . . 22 262 98.6111 . . . . 0.221 . . . . . . . . . . . 0.218 
'X-RAY DIFFRACTION' 3.088 3.229 . . 17 251 98.8930 . . . . 0.230 . . . . . . . . . . . 0.267 
'X-RAY DIFFRACTION' 3.229 3.390 . . 18 247 98.1481 . . . . 0.216 . . . . . . . . . . . 0.174 
'X-RAY DIFFRACTION' 3.390 3.579 . . 21 229 98.0392 . . . . 0.238 . . . . . . . . . . . 0.360 
'X-RAY DIFFRACTION' 3.579 3.803 . . 12 221 98.3122 . . . . 0.208 . . . . . . . . . . . 0.211 
'X-RAY DIFFRACTION' 3.803 4.075 . . 16 211 97.8448 . . . . 0.189 . . . . . . . . . . . 0.223 
'X-RAY DIFFRACTION' 4.075 4.415 . . 13 196 98.5849 . . . . 0.192 . . . . . . . . . . . 0.208 
'X-RAY DIFFRACTION' 4.415 4.857 . . 17 183 98.5222 . . . . 0.200 . . . . . . . . . . . 0.214 
'X-RAY DIFFRACTION' 4.857 5.466 . . 12 158 97.7011 . . . . 0.251 . . . . . . . . . . . 0.280 
'X-RAY DIFFRACTION' 5.466 6.383 . . 11 148 98.7578 . . . . 0.298 . . . . . . . . . . . 0.372 
'X-RAY DIFFRACTION' 6.383 7.981 . . 11 124 98.5401 . . . . 0.300 . . . . . . . . . . . 0.996 
# 
_struct.entry_id                     8SDE 
_struct.title                        'Electrostatic-Mediated Tetramerization of the Coiled-Coil Domain in TRIM29' 
_struct.pdbx_model_details           ? 
_struct.pdbx_formula_weight          ? 
_struct.pdbx_formula_weight_method   ? 
_struct.pdbx_model_type_details      ? 
_struct.pdbx_CASP_flag               N 
# 
_struct_keywords.entry_id        8SDE 
_struct_keywords.text            'E3 ubiquitin ligase, Ubiquitination, coiled-coil, LIGASE' 
_struct_keywords.pdbx_keywords   LIGASE 
# 
loop_
_struct_asym.id 
_struct_asym.pdbx_blank_PDB_chainid_flag 
_struct_asym.pdbx_modified 
_struct_asym.entity_id 
_struct_asym.details 
A N N 1 ? 
B N N 2 ? 
C N N 2 ? 
D N N 3 ? 
# 
_struct_ref.id                         1 
_struct_ref.db_name                    UNP 
_struct_ref.db_code                    TRI29_MOUSE 
_struct_ref.pdbx_db_accession          Q8R2Q0 
_struct_ref.pdbx_db_isoform            ? 
_struct_ref.entity_id                  1 
_struct_ref.pdbx_seq_one_letter_code   
;TVEEAKAEKETELSLQKEQLQLKIIEIEDDVEKWQKEKDRIKSFTTNEKAILEQNFRDLVRELEKQKEEVRAALEQREQD
AVDQVKVIVD
;
_struct_ref.pdbx_align_begin           259 
# 
_struct_ref_seq.align_id                      1 
_struct_ref_seq.ref_id                        1 
_struct_ref_seq.pdbx_PDB_id_code              8SDE 
_struct_ref_seq.pdbx_strand_id                A 
_struct_ref_seq.seq_align_beg                 3 
_struct_ref_seq.pdbx_seq_align_beg_ins_code   ? 
_struct_ref_seq.seq_align_end                 92 
_struct_ref_seq.pdbx_seq_align_end_ins_code   ? 
_struct_ref_seq.pdbx_db_accession             Q8R2Q0 
_struct_ref_seq.db_align_beg                  259 
_struct_ref_seq.pdbx_db_align_beg_ins_code    ? 
_struct_ref_seq.db_align_end                  348 
_struct_ref_seq.pdbx_db_align_end_ins_code    ? 
_struct_ref_seq.pdbx_auth_seq_align_beg       259 
_struct_ref_seq.pdbx_auth_seq_align_end       348 
# 
loop_
_struct_ref_seq_dif.align_id 
_struct_ref_seq_dif.pdbx_pdb_id_code 
_struct_ref_seq_dif.mon_id 
_struct_ref_seq_dif.pdbx_pdb_strand_id 
_struct_ref_seq_dif.seq_num 
_struct_ref_seq_dif.pdbx_pdb_ins_code 
_struct_ref_seq_dif.pdbx_seq_db_name 
_struct_ref_seq_dif.pdbx_seq_db_accession_code 
_struct_ref_seq_dif.db_mon_id 
_struct_ref_seq_dif.pdbx_seq_db_seq_num 
_struct_ref_seq_dif.details 
_struct_ref_seq_dif.pdbx_auth_seq_num 
_struct_ref_seq_dif.pdbx_ordinal 
1 8SDE GLY A 1 ? UNP Q8R2Q0 ? ? 'expression tag' 257 1 
1 8SDE PRO A 2 ? UNP Q8R2Q0 ? ? 'expression tag' 258 2 
# 
_pdbx_struct_assembly.id                   1 
_pdbx_struct_assembly.details              author_defined_assembly 
_pdbx_struct_assembly.method_details       ? 
_pdbx_struct_assembly.oligomeric_details   tetrameric 
_pdbx_struct_assembly.oligomeric_count     4 
# 
loop_
_pdbx_struct_assembly_gen.assembly_id 
_pdbx_struct_assembly_gen.oper_expression 
_pdbx_struct_assembly_gen.asym_id_list 
1 1 A,B,C,D 
1 2 A,B,C,D 
1 3 A,B,C,D 
1 4 A,B,C,D 
# 
_pdbx_struct_assembly_auth_evidence.id                     1 
_pdbx_struct_assembly_auth_evidence.assembly_id            1 
_pdbx_struct_assembly_auth_evidence.experimental_support   'light scattering' 
_pdbx_struct_assembly_auth_evidence.details                'SEC-MALS was used to determine the tetramer.' 
# 
loop_
_pdbx_struct_oper_list.id 
_pdbx_struct_oper_list.type 
_pdbx_struct_oper_list.name 
_pdbx_struct_oper_list.symmetry_operation 
_pdbx_struct_oper_list.matrix[1][1] 
_pdbx_struct_oper_list.matrix[1][2] 
_pdbx_struct_oper_list.matrix[1][3] 
_pdbx_struct_oper_list.vector[1] 
_pdbx_struct_oper_list.matrix[2][1] 
_pdbx_struct_oper_list.matrix[2][2] 
_pdbx_struct_oper_list.matrix[2][3] 
_pdbx_struct_oper_list.vector[2] 
_pdbx_struct_oper_list.matrix[3][1] 
_pdbx_struct_oper_list.matrix[3][2] 
_pdbx_struct_oper_list.matrix[3][3] 
_pdbx_struct_oper_list.vector[3] 
1 'identity operation'         1_555 x,y,z     1.0000000000  0.0000000000  0.0000000000  0.0000000000   0.0000000000  1.0000000000  0.0000000000  0.0000000000   0.0000000000  0.0000000000  1.0000000000  0.0000000000   
2 'crystal symmetry operation' 2_455 -x-1,-y,z 0.2444704004  0.1337508954  0.9603879015  -11.7917338480 0.1337508954  -0.9856249678 0.1032188003  -8.4939412583  0.9603879015  0.1032188003  -0.2588454326 16.4626563581  
3 'crystal symmetry operation' 3_455 -x-1,y,-z -0.9183395800 0.3635608670  -0.1564477925 -45.8852171813 0.3635608670  0.6186116119  -0.6965221961 2.2367305150   -0.1564477925 -0.6965221961 -0.7002720319 -18.7526993852 
4 'crystal symmetry operation' 4_555 x,-y,-z   -0.3261308204 -0.4973117625 -0.8039401090 -40.7200121653 -0.4973117625 -0.6329866440 0.5933033957  -18.7713387193 -0.8039401090 0.5933033957  -0.0408825356 -22.5200278547 
# 
_struct_conf.conf_type_id            HELX_P 
_struct_conf.id                      HELX_P1 
_struct_conf.pdbx_PDB_helix_id       AA1 
_struct_conf.beg_label_comp_id       THR 
_struct_conf.beg_label_asym_id       A 
_struct_conf.beg_label_seq_id        3 
_struct_conf.pdbx_beg_PDB_ins_code   ? 
_struct_conf.end_label_comp_id       GLN 
_struct_conf.end_label_asym_id       A 
_struct_conf.end_label_seq_id        86 
_struct_conf.pdbx_end_PDB_ins_code   ? 
_struct_conf.beg_auth_comp_id        THR 
_struct_conf.beg_auth_asym_id        A 
_struct_conf.beg_auth_seq_id         259 
_struct_conf.end_auth_comp_id        GLN 
_struct_conf.end_auth_asym_id        A 
_struct_conf.end_auth_seq_id         342 
_struct_conf.pdbx_PDB_helix_class    1 
_struct_conf.details                 ? 
_struct_conf.pdbx_PDB_helix_length   84 
# 
_struct_conf_type.id          HELX_P 
_struct_conf_type.criteria    ? 
_struct_conf_type.reference   ? 
# 
_pdbx_refine_tls.id               1 
_pdbx_refine_tls.pdbx_refine_id   'X-RAY DIFFRACTION' 
_pdbx_refine_tls.details          ? 
_pdbx_refine_tls.method           refined 
_pdbx_refine_tls.origin_x         -0.0785 
_pdbx_refine_tls.origin_y         -0.0499 
_pdbx_refine_tls.origin_z         0.0298 
_pdbx_refine_tls.T[1][1]          0.1261 
_pdbx_refine_tls.T[1][1]_esd      ? 
_pdbx_refine_tls.T[1][2]          -0.0040 
_pdbx_refine_tls.T[1][2]_esd      ? 
_pdbx_refine_tls.T[1][3]          0.0211 
_pdbx_refine_tls.T[1][3]_esd      ? 
_pdbx_refine_tls.T[2][2]          0.1562 
_pdbx_refine_tls.T[2][2]_esd      ? 
_pdbx_refine_tls.T[2][3]          -0.0294 
_pdbx_refine_tls.T[2][3]_esd      ? 
_pdbx_refine_tls.T[3][3]          0.1380 
_pdbx_refine_tls.T[3][3]_esd      ? 
_pdbx_refine_tls.L[1][1]          8.5238 
_pdbx_refine_tls.L[1][1]_esd      ? 
_pdbx_refine_tls.L[1][2]          2.7313 
_pdbx_refine_tls.L[1][2]_esd      ? 
_pdbx_refine_tls.L[1][3]          5.6325 
_pdbx_refine_tls.L[1][3]_esd      ? 
_pdbx_refine_tls.L[2][2]          0.8960 
_pdbx_refine_tls.L[2][2]_esd      ? 
_pdbx_refine_tls.L[2][3]          1.8032 
_pdbx_refine_tls.L[2][3]_esd      ? 
_pdbx_refine_tls.L[3][3]          3.8282 
_pdbx_refine_tls.L[3][3]_esd      ? 
_pdbx_refine_tls.S[1][1]          0.0122 
_pdbx_refine_tls.S[1][1]_esd      ? 
_pdbx_refine_tls.S[1][2]          -0.0131 
_pdbx_refine_tls.S[1][2]_esd      ? 
_pdbx_refine_tls.S[1][3]          0.2142 
_pdbx_refine_tls.S[1][3]_esd      ? 
_pdbx_refine_tls.S[2][1]          0.0172 
_pdbx_refine_tls.S[2][1]_esd      ? 
_pdbx_refine_tls.S[2][2]          -0.0602 
_pdbx_refine_tls.S[2][2]_esd      ? 
_pdbx_refine_tls.S[2][3]          0.0799 
_pdbx_refine_tls.S[2][3]_esd      ? 
_pdbx_refine_tls.S[3][1]          0.0646 
_pdbx_refine_tls.S[3][1]_esd      ? 
_pdbx_refine_tls.S[3][2]          0.0125 
_pdbx_refine_tls.S[3][2]_esd      ? 
_pdbx_refine_tls.S[3][3]          0.0480 
_pdbx_refine_tls.S[3][3]_esd      ? 
# 
loop_
_pdbx_refine_tls_group.id 
_pdbx_refine_tls_group.pdbx_refine_id 
_pdbx_refine_tls_group.refine_tls_id 
_pdbx_refine_tls_group.beg_label_asym_id 
_pdbx_refine_tls_group.beg_label_seq_id 
_pdbx_refine_tls_group.beg_auth_asym_id 
_pdbx_refine_tls_group.beg_auth_seq_id 
_pdbx_refine_tls_group.beg_PDB_ins_code 
_pdbx_refine_tls_group.end_label_asym_id 
_pdbx_refine_tls_group.end_label_seq_id 
_pdbx_refine_tls_group.end_auth_asym_id 
_pdbx_refine_tls_group.end_auth_seq_id 
_pdbx_refine_tls_group.end_PDB_ins_code 
_pdbx_refine_tls_group.selection 
_pdbx_refine_tls_group.selection_details 
1 'X-RAY DIFFRACTION' 1 ? ? A 258 ? ? ? A 346 ? ALL ? 
2 'X-RAY DIFFRACTION' 1 ? ? A 401 ? ? ? A 415 ? ALL ? 
3 'X-RAY DIFFRACTION' 1 ? ? A 501 ? ? ? A 501 ? ALL ? 
# 
_pdbx_entry_details.entry_id                 8SDE 
_pdbx_entry_details.has_ligand_of_interest   N 
_pdbx_entry_details.compound_details         ? 
_pdbx_entry_details.source_details           ? 
_pdbx_entry_details.nonpolymer_details       ? 
_pdbx_entry_details.sequence_details         ? 
# 
loop_
_pdbx_unobs_or_zero_occ_residues.id 
_pdbx_unobs_or_zero_occ_residues.PDB_model_num 
_pdbx_unobs_or_zero_occ_residues.polymer_flag 
_pdbx_unobs_or_zero_occ_residues.occupancy_flag 
_pdbx_unobs_or_zero_occ_residues.auth_asym_id 
_pdbx_unobs_or_zero_occ_residues.auth_comp_id 
_pdbx_unobs_or_zero_occ_residues.auth_seq_id 
_pdbx_unobs_or_zero_occ_residues.PDB_ins_code 
_pdbx_unobs_or_zero_occ_residues.label_asym_id 
_pdbx_unobs_or_zero_occ_residues.label_comp_id 
_pdbx_unobs_or_zero_occ_residues.label_seq_id 
1 1 Y 1 A GLY 257 ? A GLY 1  
2 1 Y 1 A VAL 347 ? A VAL 91 
3 1 Y 1 A ASP 348 ? A ASP 92 
# 
loop_
_chem_comp_atom.comp_id 
_chem_comp_atom.atom_id 
_chem_comp_atom.type_symbol 
_chem_comp_atom.pdbx_aromatic_flag 
_chem_comp_atom.pdbx_stereo_config 
_chem_comp_atom.pdbx_ordinal 
ALA N    N N N 1   
ALA CA   C N S 2   
ALA C    C N N 3   
ALA O    O N N 4   
ALA CB   C N N 5   
ALA OXT  O N N 6   
ALA H    H N N 7   
ALA H2   H N N 8   
ALA HA   H N N 9   
ALA HB1  H N N 10  
ALA HB2  H N N 11  
ALA HB3  H N N 12  
ALA HXT  H N N 13  
ARG N    N N N 14  
ARG CA   C N S 15  
ARG C    C N N 16  
ARG O    O N N 17  
ARG CB   C N N 18  
ARG CG   C N N 19  
ARG CD   C N N 20  
ARG NE   N N N 21  
ARG CZ   C N N 22  
ARG NH1  N N N 23  
ARG NH2  N N N 24  
ARG OXT  O N N 25  
ARG H    H N N 26  
ARG H2   H N N 27  
ARG HA   H N N 28  
ARG HB2  H N N 29  
ARG HB3  H N N 30  
ARG HG2  H N N 31  
ARG HG3  H N N 32  
ARG HD2  H N N 33  
ARG HD3  H N N 34  
ARG HE   H N N 35  
ARG HH11 H N N 36  
ARG HH12 H N N 37  
ARG HH21 H N N 38  
ARG HH22 H N N 39  
ARG HXT  H N N 40  
ASN N    N N N 41  
ASN CA   C N S 42  
ASN C    C N N 43  
ASN O    O N N 44  
ASN CB   C N N 45  
ASN CG   C N N 46  
ASN OD1  O N N 47  
ASN ND2  N N N 48  
ASN OXT  O N N 49  
ASN H    H N N 50  
ASN H2   H N N 51  
ASN HA   H N N 52  
ASN HB2  H N N 53  
ASN HB3  H N N 54  
ASN HD21 H N N 55  
ASN HD22 H N N 56  
ASN HXT  H N N 57  
ASP N    N N N 58  
ASP CA   C N S 59  
ASP C    C N N 60  
ASP O    O N N 61  
ASP CB   C N N 62  
ASP CG   C N N 63  
ASP OD1  O N N 64  
ASP OD2  O N N 65  
ASP OXT  O N N 66  
ASP H    H N N 67  
ASP H2   H N N 68  
ASP HA   H N N 69  
ASP HB2  H N N 70  
ASP HB3  H N N 71  
ASP HD2  H N N 72  
ASP HXT  H N N 73  
GLN N    N N N 74  
GLN CA   C N S 75  
GLN C    C N N 76  
GLN O    O N N 77  
GLN CB   C N N 78  
GLN CG   C N N 79  
GLN CD   C N N 80  
GLN OE1  O N N 81  
GLN NE2  N N N 82  
GLN OXT  O N N 83  
GLN H    H N N 84  
GLN H2   H N N 85  
GLN HA   H N N 86  
GLN HB2  H N N 87  
GLN HB3  H N N 88  
GLN HG2  H N N 89  
GLN HG3  H N N 90  
GLN HE21 H N N 91  
GLN HE22 H N N 92  
GLN HXT  H N N 93  
GLU N    N N N 94  
GLU CA   C N S 95  
GLU C    C N N 96  
GLU O    O N N 97  
GLU CB   C N N 98  
GLU CG   C N N 99  
GLU CD   C N N 100 
GLU OE1  O N N 101 
GLU OE2  O N N 102 
GLU OXT  O N N 103 
GLU H    H N N 104 
GLU H2   H N N 105 
GLU HA   H N N 106 
GLU HB2  H N N 107 
GLU HB3  H N N 108 
GLU HG2  H N N 109 
GLU HG3  H N N 110 
GLU HE2  H N N 111 
GLU HXT  H N N 112 
GLY N    N N N 113 
GLY CA   C N N 114 
GLY C    C N N 115 
GLY O    O N N 116 
GLY OXT  O N N 117 
GLY H    H N N 118 
GLY H2   H N N 119 
GLY HA2  H N N 120 
GLY HA3  H N N 121 
GLY HXT  H N N 122 
GOL C1   C N N 123 
GOL O1   O N N 124 
GOL C2   C N N 125 
GOL O2   O N N 126 
GOL C3   C N N 127 
GOL O3   O N N 128 
GOL H11  H N N 129 
GOL H12  H N N 130 
GOL HO1  H N N 131 
GOL H2   H N N 132 
GOL HO2  H N N 133 
GOL H31  H N N 134 
GOL H32  H N N 135 
GOL HO3  H N N 136 
HOH O    O N N 137 
HOH H1   H N N 138 
HOH H2   H N N 139 
ILE N    N N N 140 
ILE CA   C N S 141 
ILE C    C N N 142 
ILE O    O N N 143 
ILE CB   C N S 144 
ILE CG1  C N N 145 
ILE CG2  C N N 146 
ILE CD1  C N N 147 
ILE OXT  O N N 148 
ILE H    H N N 149 
ILE H2   H N N 150 
ILE HA   H N N 151 
ILE HB   H N N 152 
ILE HG12 H N N 153 
ILE HG13 H N N 154 
ILE HG21 H N N 155 
ILE HG22 H N N 156 
ILE HG23 H N N 157 
ILE HD11 H N N 158 
ILE HD12 H N N 159 
ILE HD13 H N N 160 
ILE HXT  H N N 161 
LEU N    N N N 162 
LEU CA   C N S 163 
LEU C    C N N 164 
LEU O    O N N 165 
LEU CB   C N N 166 
LEU CG   C N N 167 
LEU CD1  C N N 168 
LEU CD2  C N N 169 
LEU OXT  O N N 170 
LEU H    H N N 171 
LEU H2   H N N 172 
LEU HA   H N N 173 
LEU HB2  H N N 174 
LEU HB3  H N N 175 
LEU HG   H N N 176 
LEU HD11 H N N 177 
LEU HD12 H N N 178 
LEU HD13 H N N 179 
LEU HD21 H N N 180 
LEU HD22 H N N 181 
LEU HD23 H N N 182 
LEU HXT  H N N 183 
LYS N    N N N 184 
LYS CA   C N S 185 
LYS C    C N N 186 
LYS O    O N N 187 
LYS CB   C N N 188 
LYS CG   C N N 189 
LYS CD   C N N 190 
LYS CE   C N N 191 
LYS NZ   N N N 192 
LYS OXT  O N N 193 
LYS H    H N N 194 
LYS H2   H N N 195 
LYS HA   H N N 196 
LYS HB2  H N N 197 
LYS HB3  H N N 198 
LYS HG2  H N N 199 
LYS HG3  H N N 200 
LYS HD2  H N N 201 
LYS HD3  H N N 202 
LYS HE2  H N N 203 
LYS HE3  H N N 204 
LYS HZ1  H N N 205 
LYS HZ2  H N N 206 
LYS HZ3  H N N 207 
LYS HXT  H N N 208 
PHE N    N N N 209 
PHE CA   C N S 210 
PHE C    C N N 211 
PHE O    O N N 212 
PHE CB   C N N 213 
PHE CG   C Y N 214 
PHE CD1  C Y N 215 
PHE CD2  C Y N 216 
PHE CE1  C Y N 217 
PHE CE2  C Y N 218 
PHE CZ   C Y N 219 
PHE OXT  O N N 220 
PHE H    H N N 221 
PHE H2   H N N 222 
PHE HA   H N N 223 
PHE HB2  H N N 224 
PHE HB3  H N N 225 
PHE HD1  H N N 226 
PHE HD2  H N N 227 
PHE HE1  H N N 228 
PHE HE2  H N N 229 
PHE HZ   H N N 230 
PHE HXT  H N N 231 
PRO N    N N N 232 
PRO CA   C N S 233 
PRO C    C N N 234 
PRO O    O N N 235 
PRO CB   C N N 236 
PRO CG   C N N 237 
PRO CD   C N N 238 
PRO OXT  O N N 239 
PRO H    H N N 240 
PRO HA   H N N 241 
PRO HB2  H N N 242 
PRO HB3  H N N 243 
PRO HG2  H N N 244 
PRO HG3  H N N 245 
PRO HD2  H N N 246 
PRO HD3  H N N 247 
PRO HXT  H N N 248 
SER N    N N N 249 
SER CA   C N S 250 
SER C    C N N 251 
SER O    O N N 252 
SER CB   C N N 253 
SER OG   O N N 254 
SER OXT  O N N 255 
SER H    H N N 256 
SER H2   H N N 257 
SER HA   H N N 258 
SER HB2  H N N 259 
SER HB3  H N N 260 
SER HG   H N N 261 
SER HXT  H N N 262 
THR N    N N N 263 
THR CA   C N S 264 
THR C    C N N 265 
THR O    O N N 266 
THR CB   C N R 267 
THR OG1  O N N 268 
THR CG2  C N N 269 
THR OXT  O N N 270 
THR H    H N N 271 
THR H2   H N N 272 
THR HA   H N N 273 
THR HB   H N N 274 
THR HG1  H N N 275 
THR HG21 H N N 276 
THR HG22 H N N 277 
THR HG23 H N N 278 
THR HXT  H N N 279 
TRP N    N N N 280 
TRP CA   C N S 281 
TRP C    C N N 282 
TRP O    O N N 283 
TRP CB   C N N 284 
TRP CG   C Y N 285 
TRP CD1  C Y N 286 
TRP CD2  C Y N 287 
TRP NE1  N Y N 288 
TRP CE2  C Y N 289 
TRP CE3  C Y N 290 
TRP CZ2  C Y N 291 
TRP CZ3  C Y N 292 
TRP CH2  C Y N 293 
TRP OXT  O N N 294 
TRP H    H N N 295 
TRP H2   H N N 296 
TRP HA   H N N 297 
TRP HB2  H N N 298 
TRP HB3  H N N 299 
TRP HD1  H N N 300 
TRP HE1  H N N 301 
TRP HE3  H N N 302 
TRP HZ2  H N N 303 
TRP HZ3  H N N 304 
TRP HH2  H N N 305 
TRP HXT  H N N 306 
VAL N    N N N 307 
VAL CA   C N S 308 
VAL C    C N N 309 
VAL O    O N N 310 
VAL CB   C N N 311 
VAL CG1  C N N 312 
VAL CG2  C N N 313 
VAL OXT  O N N 314 
VAL H    H N N 315 
VAL H2   H N N 316 
VAL HA   H N N 317 
VAL HB   H N N 318 
VAL HG11 H N N 319 
VAL HG12 H N N 320 
VAL HG13 H N N 321 
VAL HG21 H N N 322 
VAL HG22 H N N 323 
VAL HG23 H N N 324 
VAL HXT  H N N 325 
# 
loop_
_chem_comp_bond.comp_id 
_chem_comp_bond.atom_id_1 
_chem_comp_bond.atom_id_2 
_chem_comp_bond.value_order 
_chem_comp_bond.pdbx_aromatic_flag 
_chem_comp_bond.pdbx_stereo_config 
_chem_comp_bond.pdbx_ordinal 
ALA N   CA   sing N N 1   
ALA N   H    sing N N 2   
ALA N   H2   sing N N 3   
ALA CA  C    sing N N 4   
ALA CA  CB   sing N N 5   
ALA CA  HA   sing N N 6   
ALA C   O    doub N N 7   
ALA C   OXT  sing N N 8   
ALA CB  HB1  sing N N 9   
ALA CB  HB2  sing N N 10  
ALA CB  HB3  sing N N 11  
ALA OXT HXT  sing N N 12  
ARG N   CA   sing N N 13  
ARG N   H    sing N N 14  
ARG N   H2   sing N N 15  
ARG CA  C    sing N N 16  
ARG CA  CB   sing N N 17  
ARG CA  HA   sing N N 18  
ARG C   O    doub N N 19  
ARG C   OXT  sing N N 20  
ARG CB  CG   sing N N 21  
ARG CB  HB2  sing N N 22  
ARG CB  HB3  sing N N 23  
ARG CG  CD   sing N N 24  
ARG CG  HG2  sing N N 25  
ARG CG  HG3  sing N N 26  
ARG CD  NE   sing N N 27  
ARG CD  HD2  sing N N 28  
ARG CD  HD3  sing N N 29  
ARG NE  CZ   sing N N 30  
ARG NE  HE   sing N N 31  
ARG CZ  NH1  sing N N 32  
ARG CZ  NH2  doub N N 33  
ARG NH1 HH11 sing N N 34  
ARG NH1 HH12 sing N N 35  
ARG NH2 HH21 sing N N 36  
ARG NH2 HH22 sing N N 37  
ARG OXT HXT  sing N N 38  
ASN N   CA   sing N N 39  
ASN N   H    sing N N 40  
ASN N   H2   sing N N 41  
ASN CA  C    sing N N 42  
ASN CA  CB   sing N N 43  
ASN CA  HA   sing N N 44  
ASN C   O    doub N N 45  
ASN C   OXT  sing N N 46  
ASN CB  CG   sing N N 47  
ASN CB  HB2  sing N N 48  
ASN CB  HB3  sing N N 49  
ASN CG  OD1  doub N N 50  
ASN CG  ND2  sing N N 51  
ASN ND2 HD21 sing N N 52  
ASN ND2 HD22 sing N N 53  
ASN OXT HXT  sing N N 54  
ASP N   CA   sing N N 55  
ASP N   H    sing N N 56  
ASP N   H2   sing N N 57  
ASP CA  C    sing N N 58  
ASP CA  CB   sing N N 59  
ASP CA  HA   sing N N 60  
ASP C   O    doub N N 61  
ASP C   OXT  sing N N 62  
ASP CB  CG   sing N N 63  
ASP CB  HB2  sing N N 64  
ASP CB  HB3  sing N N 65  
ASP CG  OD1  doub N N 66  
ASP CG  OD2  sing N N 67  
ASP OD2 HD2  sing N N 68  
ASP OXT HXT  sing N N 69  
GLN N   CA   sing N N 70  
GLN N   H    sing N N 71  
GLN N   H2   sing N N 72  
GLN CA  C    sing N N 73  
GLN CA  CB   sing N N 74  
GLN CA  HA   sing N N 75  
GLN C   O    doub N N 76  
GLN C   OXT  sing N N 77  
GLN CB  CG   sing N N 78  
GLN CB  HB2  sing N N 79  
GLN CB  HB3  sing N N 80  
GLN CG  CD   sing N N 81  
GLN CG  HG2  sing N N 82  
GLN CG  HG3  sing N N 83  
GLN CD  OE1  doub N N 84  
GLN CD  NE2  sing N N 85  
GLN NE2 HE21 sing N N 86  
GLN NE2 HE22 sing N N 87  
GLN OXT HXT  sing N N 88  
GLU N   CA   sing N N 89  
GLU N   H    sing N N 90  
GLU N   H2   sing N N 91  
GLU CA  C    sing N N 92  
GLU CA  CB   sing N N 93  
GLU CA  HA   sing N N 94  
GLU C   O    doub N N 95  
GLU C   OXT  sing N N 96  
GLU CB  CG   sing N N 97  
GLU CB  HB2  sing N N 98  
GLU CB  HB3  sing N N 99  
GLU CG  CD   sing N N 100 
GLU CG  HG2  sing N N 101 
GLU CG  HG3  sing N N 102 
GLU CD  OE1  doub N N 103 
GLU CD  OE2  sing N N 104 
GLU OE2 HE2  sing N N 105 
GLU OXT HXT  sing N N 106 
GLY N   CA   sing N N 107 
GLY N   H    sing N N 108 
GLY N   H2   sing N N 109 
GLY CA  C    sing N N 110 
GLY CA  HA2  sing N N 111 
GLY CA  HA3  sing N N 112 
GLY C   O    doub N N 113 
GLY C   OXT  sing N N 114 
GLY OXT HXT  sing N N 115 
GOL C1  O1   sing N N 116 
GOL C1  C2   sing N N 117 
GOL C1  H11  sing N N 118 
GOL C1  H12  sing N N 119 
GOL O1  HO1  sing N N 120 
GOL C2  O2   sing N N 121 
GOL C2  C3   sing N N 122 
GOL C2  H2   sing N N 123 
GOL O2  HO2  sing N N 124 
GOL C3  O3   sing N N 125 
GOL C3  H31  sing N N 126 
GOL C3  H32  sing N N 127 
GOL O3  HO3  sing N N 128 
HOH O   H1   sing N N 129 
HOH O   H2   sing N N 130 
ILE N   CA   sing N N 131 
ILE N   H    sing N N 132 
ILE N   H2   sing N N 133 
ILE CA  C    sing N N 134 
ILE CA  CB   sing N N 135 
ILE CA  HA   sing N N 136 
ILE C   O    doub N N 137 
ILE C   OXT  sing N N 138 
ILE CB  CG1  sing N N 139 
ILE CB  CG2  sing N N 140 
ILE CB  HB   sing N N 141 
ILE CG1 CD1  sing N N 142 
ILE CG1 HG12 sing N N 143 
ILE CG1 HG13 sing N N 144 
ILE CG2 HG21 sing N N 145 
ILE CG2 HG22 sing N N 146 
ILE CG2 HG23 sing N N 147 
ILE CD1 HD11 sing N N 148 
ILE CD1 HD12 sing N N 149 
ILE CD1 HD13 sing N N 150 
ILE OXT HXT  sing N N 151 
LEU N   CA   sing N N 152 
LEU N   H    sing N N 153 
LEU N   H2   sing N N 154 
LEU CA  C    sing N N 155 
LEU CA  CB   sing N N 156 
LEU CA  HA   sing N N 157 
LEU C   O    doub N N 158 
LEU C   OXT  sing N N 159 
LEU CB  CG   sing N N 160 
LEU CB  HB2  sing N N 161 
LEU CB  HB3  sing N N 162 
LEU CG  CD1  sing N N 163 
LEU CG  CD2  sing N N 164 
LEU CG  HG   sing N N 165 
LEU CD1 HD11 sing N N 166 
LEU CD1 HD12 sing N N 167 
LEU CD1 HD13 sing N N 168 
LEU CD2 HD21 sing N N 169 
LEU CD2 HD22 sing N N 170 
LEU CD2 HD23 sing N N 171 
LEU OXT HXT  sing N N 172 
LYS N   CA   sing N N 173 
LYS N   H    sing N N 174 
LYS N   H2   sing N N 175 
LYS CA  C    sing N N 176 
LYS CA  CB   sing N N 177 
LYS CA  HA   sing N N 178 
LYS C   O    doub N N 179 
LYS C   OXT  sing N N 180 
LYS CB  CG   sing N N 181 
LYS CB  HB2  sing N N 182 
LYS CB  HB3  sing N N 183 
LYS CG  CD   sing N N 184 
LYS CG  HG2  sing N N 185 
LYS CG  HG3  sing N N 186 
LYS CD  CE   sing N N 187 
LYS CD  HD2  sing N N 188 
LYS CD  HD3  sing N N 189 
LYS CE  NZ   sing N N 190 
LYS CE  HE2  sing N N 191 
LYS CE  HE3  sing N N 192 
LYS NZ  HZ1  sing N N 193 
LYS NZ  HZ2  sing N N 194 
LYS NZ  HZ3  sing N N 195 
LYS OXT HXT  sing N N 196 
PHE N   CA   sing N N 197 
PHE N   H    sing N N 198 
PHE N   H2   sing N N 199 
PHE CA  C    sing N N 200 
PHE CA  CB   sing N N 201 
PHE CA  HA   sing N N 202 
PHE C   O    doub N N 203 
PHE C   OXT  sing N N 204 
PHE CB  CG   sing N N 205 
PHE CB  HB2  sing N N 206 
PHE CB  HB3  sing N N 207 
PHE CG  CD1  doub Y N 208 
PHE CG  CD2  sing Y N 209 
PHE CD1 CE1  sing Y N 210 
PHE CD1 HD1  sing N N 211 
PHE CD2 CE2  doub Y N 212 
PHE CD2 HD2  sing N N 213 
PHE CE1 CZ   doub Y N 214 
PHE CE1 HE1  sing N N 215 
PHE CE2 CZ   sing Y N 216 
PHE CE2 HE2  sing N N 217 
PHE CZ  HZ   sing N N 218 
PHE OXT HXT  sing N N 219 
PRO N   CA   sing N N 220 
PRO N   CD   sing N N 221 
PRO N   H    sing N N 222 
PRO CA  C    sing N N 223 
PRO CA  CB   sing N N 224 
PRO CA  HA   sing N N 225 
PRO C   O    doub N N 226 
PRO C   OXT  sing N N 227 
PRO CB  CG   sing N N 228 
PRO CB  HB2  sing N N 229 
PRO CB  HB3  sing N N 230 
PRO CG  CD   sing N N 231 
PRO CG  HG2  sing N N 232 
PRO CG  HG3  sing N N 233 
PRO CD  HD2  sing N N 234 
PRO CD  HD3  sing N N 235 
PRO OXT HXT  sing N N 236 
SER N   CA   sing N N 237 
SER N   H    sing N N 238 
SER N   H2   sing N N 239 
SER CA  C    sing N N 240 
SER CA  CB   sing N N 241 
SER CA  HA   sing N N 242 
SER C   O    doub N N 243 
SER C   OXT  sing N N 244 
SER CB  OG   sing N N 245 
SER CB  HB2  sing N N 246 
SER CB  HB3  sing N N 247 
SER OG  HG   sing N N 248 
SER OXT HXT  sing N N 249 
THR N   CA   sing N N 250 
THR N   H    sing N N 251 
THR N   H2   sing N N 252 
THR CA  C    sing N N 253 
THR CA  CB   sing N N 254 
THR CA  HA   sing N N 255 
THR C   O    doub N N 256 
THR C   OXT  sing N N 257 
THR CB  OG1  sing N N 258 
THR CB  CG2  sing N N 259 
THR CB  HB   sing N N 260 
THR OG1 HG1  sing N N 261 
THR CG2 HG21 sing N N 262 
THR CG2 HG22 sing N N 263 
THR CG2 HG23 sing N N 264 
THR OXT HXT  sing N N 265 
TRP N   CA   sing N N 266 
TRP N   H    sing N N 267 
TRP N   H2   sing N N 268 
TRP CA  C    sing N N 269 
TRP CA  CB   sing N N 270 
TRP CA  HA   sing N N 271 
TRP C   O    doub N N 272 
TRP C   OXT  sing N N 273 
TRP CB  CG   sing N N 274 
TRP CB  HB2  sing N N 275 
TRP CB  HB3  sing N N 276 
TRP CG  CD1  doub Y N 277 
TRP CG  CD2  sing Y N 278 
TRP CD1 NE1  sing Y N 279 
TRP CD1 HD1  sing N N 280 
TRP CD2 CE2  doub Y N 281 
TRP CD2 CE3  sing Y N 282 
TRP NE1 CE2  sing Y N 283 
TRP NE1 HE1  sing N N 284 
TRP CE2 CZ2  sing Y N 285 
TRP CE3 CZ3  doub Y N 286 
TRP CE3 HE3  sing N N 287 
TRP CZ2 CH2  doub Y N 288 
TRP CZ2 HZ2  sing N N 289 
TRP CZ3 CH2  sing Y N 290 
TRP CZ3 HZ3  sing N N 291 
TRP CH2 HH2  sing N N 292 
TRP OXT HXT  sing N N 293 
VAL N   CA   sing N N 294 
VAL N   H    sing N N 295 
VAL N   H2   sing N N 296 
VAL CA  C    sing N N 297 
VAL CA  CB   sing N N 298 
VAL CA  HA   sing N N 299 
VAL C   O    doub N N 300 
VAL C   OXT  sing N N 301 
VAL CB  CG1  sing N N 302 
VAL CB  CG2  sing N N 303 
VAL CB  HB   sing N N 304 
VAL CG1 HG11 sing N N 305 
VAL CG1 HG12 sing N N 306 
VAL CG1 HG13 sing N N 307 
VAL CG2 HG21 sing N N 308 
VAL CG2 HG22 sing N N 309 
VAL CG2 HG23 sing N N 310 
VAL OXT HXT  sing N N 311 
# 
loop_
_pdbx_audit_support.funding_organization 
_pdbx_audit_support.country 
_pdbx_audit_support.grant_number 
_pdbx_audit_support.ordinal 
'National Institutes of Health/National Institute Of Allergy and Infectious Diseases (NIH/NIAID)' 'United States' 'R01 AI080779' 1 
'National Institutes of Health/National Institute Of Allergy and Infectious Diseases (NIH/NIAID)' 'United States' 'R01 AI155488' 2 
# 
_pdbx_initial_refinement_model.id               1 
_pdbx_initial_refinement_model.entity_id_list   ? 
_pdbx_initial_refinement_model.type             other 
_pdbx_initial_refinement_model.source_name      Other 
_pdbx_initial_refinement_model.accession_code   ? 
_pdbx_initial_refinement_model.details          'one helix with 40 alanines' 
# 
_atom_sites.entry_id                    8SDE 
_atom_sites.Cartn_transf_matrix[1][1]   ? 
_atom_sites.Cartn_transf_matrix[1][2]   ? 
_atom_sites.Cartn_transf_matrix[1][3]   ? 
_atom_sites.Cartn_transf_matrix[2][1]   ? 
_atom_sites.Cartn_transf_matrix[2][2]   ? 
_atom_sites.Cartn_transf_matrix[2][3]   ? 
_atom_sites.Cartn_transf_matrix[3][1]   ? 
_atom_sites.Cartn_transf_matrix[3][2]   ? 
_atom_sites.Cartn_transf_matrix[3][3]   ? 
_atom_sites.Cartn_transf_vector[1]      ? 
_atom_sites.Cartn_transf_vector[2]      ? 
_atom_sites.Cartn_transf_vector[3]      ? 
_atom_sites.fract_transf_matrix[1][1]   0.01288507 
_atom_sites.fract_transf_matrix[1][2]   -0.00950911 
_atom_sites.fract_transf_matrix[1][3]   -0.01537215 
_atom_sites.fract_transf_matrix[2][1]   -0.00424235 
_atom_sites.fract_transf_matrix[2][2]   -0.01888740 
_atom_sites.fract_transf_matrix[2][3]   0.00812764 
_atom_sites.fract_transf_matrix[3][1]   -0.00733680 
_atom_sites.fract_transf_matrix[3][2]   -0.00078853 
_atom_sites.fract_transf_matrix[3][3]   -0.00566199 
_atom_sites.fract_transf_vector[1]      -0.337893 
_atom_sites.fract_transf_vector[2]      -0.172128 
_atom_sites.fract_transf_vector[3]      -0.220532 
_atom_sites.solution_primary            ? 
_atom_sites.solution_secondary          ? 
_atom_sites.solution_hydrogens          ? 
_atom_sites.special_details             ? 
# 
loop_
_atom_type.symbol 
_atom_type.pdbx_scat_Z 
_atom_type.pdbx_N_electrons 
_atom_type.scat_Cromer_Mann_a1 
_atom_type.scat_Cromer_Mann_b1 
_atom_type.scat_Cromer_Mann_a2 
_atom_type.scat_Cromer_Mann_b2 
_atom_type.scat_Cromer_Mann_a3 
_atom_type.scat_Cromer_Mann_b3 
C 6 6 2.310  20.844 1.020 10.208 1.589 0.569  
N 7 7 12.222 0.006  3.135 9.893  2.014 28.997 
O 8 8 3.049  13.277 2.287 5.701  1.546 0.324  
# 
loop_
_atom_site.group_PDB 
_atom_site.id 
_atom_site.type_symbol 
_atom_site.label_atom_id 
_atom_site.label_alt_id 
_atom_site.label_comp_id 
_atom_site.label_asym_id 
_atom_site.label_entity_id 
_atom_site.label_seq_id 
_atom_site.pdbx_PDB_ins_code 
_atom_site.Cartn_x 
_atom_site.Cartn_y 
_atom_site.Cartn_z 
_atom_site.occupancy 
_atom_site.B_iso_or_equiv 
_atom_site.pdbx_formal_charge 
_atom_site.auth_seq_id 
_atom_site.auth_comp_id 
_atom_site.auth_asym_id 
_atom_site.auth_atom_id 
_atom_site.pdbx_PDB_model_num 
_atom_site.calc_flag 
_atom_site.pdbx_tls_group_id 
ATOM   1   N N   . PRO A 1 2  ? 51.762  10.234  36.800  1.000 103.470 0 258 PRO A N   1 ? 1 
ATOM   2   C CA  . PRO A 1 2  ? 51.274  11.482  36.187  1.000 102.541 0 258 PRO A CA  1 ? 1 
ATOM   3   C C   . PRO A 1 2  ? 50.934  12.587  37.187  1.000 113.811 0 258 PRO A C   1 ? 1 
ATOM   4   O O   . PRO A 1 2  ? 50.462  12.311  38.300  1.000 96.949  0 258 PRO A O   1 ? 1 
ATOM   5   C CB  . PRO A 1 2  ? 50.015  11.111  35.387  1.000 95.571  0 258 PRO A CB  1 ? 1 
ATOM   6   C CG  . PRO A 1 2  ? 49.536  9.831   36.027  1.000 100.659 0 258 PRO A CG  1 ? 1 
ATOM   7   C CD  . PRO A 1 2  ? 50.804  9.151   36.510  1.000 110.758 0 258 PRO A CD  1 ? 1 
ATOM   8   N N   . THR A 1 3  ? 51.157  13.841  36.751  1.000 98.893  0 259 THR A N   1 ? 1 
ATOM   9   C CA  . THR A 1 3  ? 50.689  15.014  37.478  1.000 111.124 0 259 THR A CA  1 ? 1 
ATOM   10  C C   . THR A 1 3  ? 49.165  14.951  37.640  1.000 110.546 0 259 THR A C   1 ? 1 
ATOM   11  O O   . THR A 1 3  ? 48.471  14.384  36.792  1.000 115.948 0 259 THR A O   1 ? 1 
ATOM   12  C CB  . THR A 1 3  ? 51.194  16.329  36.854  1.000 110.690 0 259 THR A CB  1 ? 1 
ATOM   13  O OG1 . THR A 1 3  ? 50.334  16.777  35.806  1.000 108.883 0 259 THR A OG1 1 ? 1 
ATOM   14  C CG2 . THR A 1 3  ? 52.617  16.276  36.335  1.000 111.336 0 259 THR A CG2 1 ? 1 
ATOM   15  N N   . VAL A 1 4  ? 48.662  15.527  38.746  1.000 112.186 0 260 VAL A N   1 ? 1 
ATOM   16  C CA  . VAL A 1 4  ? 47.241  15.700  39.032  1.000 110.464 0 260 VAL A CA  1 ? 1 
ATOM   17  C C   . VAL A 1 4  ? 46.556  16.447  37.878  1.000 94.556  0 260 VAL A C   1 ? 1 
ATOM   18  O O   . VAL A 1 4  ? 45.482  16.052  37.431  1.000 97.185  0 260 VAL A O   1 ? 1 
ATOM   19  C CB  . VAL A 1 4  ? 47.022  16.400  40.393  1.000 121.581 0 260 VAL A CB  1 ? 1 
ATOM   20  C CG1 . VAL A 1 4  ? 45.672  16.055  41.013  1.000 113.971 0 260 VAL A CG1 1 ? 1 
ATOM   21  C CG2 . VAL A 1 4  ? 48.146  16.096  41.376  1.000 125.289 0 260 VAL A CG2 1 ? 1 
ATOM   22  N N   . GLU A 1 5  ? 47.196  17.499  37.362  1.000 98.026  0 261 GLU A N   1 ? 1 
ATOM   23  C CA  . GLU A 1 5  ? 46.655  18.264  36.247  1.000 98.135  0 261 GLU A CA  1 ? 1 
ATOM   24  C C   . GLU A 1 5  ? 46.731  17.479  34.933  1.000 100.274 0 261 GLU A C   1 ? 1 
ATOM   25  O O   . GLU A 1 5  ? 46.019  17.806  33.983  1.000 94.673  0 261 GLU A O   1 ? 1 
ATOM   26  C CB  . GLU A 1 5  ? 47.407  19.586  36.086  1.000 112.124 0 261 GLU A CB  1 ? 1 
ATOM   27  C CG  . GLU A 1 5  ? 46.886  20.441  34.942  1.000 105.139 0 261 GLU A CG  1 ? 1 
ATOM   28  C CD  . GLU A 1 5  ? 45.365  20.516  34.865  1.000 131.796 0 261 GLU A CD  1 ? 1 
ATOM   29  O OE1 . GLU A 1 5  ? 44.735  20.828  35.906  1.000 159.563 0 261 GLU A OE1 1 ? 1 
ATOM   30  O OE2 . GLU A 1 5  ? 44.809  20.234  33.771  1.000 132.826 0 261 GLU A OE2 1 ? 1 
ATOM   31  N N   . GLU A 1 6  ? 47.624  16.481  34.859  1.000 97.306  0 262 GLU A N   1 ? 1 
ATOM   32  C CA  . GLU A 1 6  ? 47.775  15.695  33.642  1.000 93.407  0 262 GLU A CA  1 ? 1 
ATOM   33  C C   . GLU A 1 6  ? 46.724  14.594  33.614  1.000 85.279  0 262 GLU A C   1 ? 1 
ATOM   34  O O   . GLU A 1 6  ? 46.162  14.323  32.555  1.000 94.660  0 262 GLU A O   1 ? 1 
ATOM   35  C CB  . GLU A 1 6  ? 49.198  15.160  33.438  1.000 96.143  0 262 GLU A CB  1 ? 1 
ATOM   36  C CG  . GLU A 1 6  ? 49.372  14.272  32.212  1.000 110.609 0 262 GLU A CG  1 ? 1 
ATOM   37  C CD  . GLU A 1 6  ? 48.899  14.848  30.883  1.000 131.589 0 262 GLU A CD  1 ? 1 
ATOM   38  O OE1 . GLU A 1 6  ? 48.481  16.028  30.860  1.000 140.861 0 262 GLU A OE1 1 ? 1 
ATOM   39  O OE2 . GLU A 1 6  ? 48.954  14.118  29.866  1.000 134.278 0 262 GLU A OE2 1 ? 1 
ATOM   40  N N   . ALA A 1 7  ? 46.442  14.002  34.781  1.000 81.950  0 263 ALA A N   1 ? 1 
ATOM   41  C CA  . ALA A 1 7  ? 45.444  12.948  34.846  1.000 85.923  0 263 ALA A CA  1 ? 1 
ATOM   42  C C   . ALA A 1 7  ? 44.055  13.550  34.693  1.000 94.413  0 263 ALA A C   1 ? 1 
ATOM   43  O O   . ALA A 1 7  ? 43.123  12.858  34.297  1.000 103.622 0 263 ALA A O   1 ? 1 
ATOM   44  C CB  . ALA A 1 7  ? 45.542  12.164  36.125  1.000 79.996  0 263 ALA A CB  1 ? 1 
ATOM   45  N N   . LYS A 1 8  ? 43.925  14.830  35.050  1.000 100.164 0 264 LYS A N   1 ? 1 
ATOM   46  C CA  . LYS A 1 8  ? 42.625  15.469  34.977  1.000 106.741 0 264 LYS A CA  1 ? 1 
ATOM   47  C C   . LYS A 1 8  ? 42.305  15.606  33.497  1.000 83.782  0 264 LYS A C   1 ? 1 
ATOM   48  O O   . LYS A 1 8  ? 41.288  15.119  33.032  1.000 87.745  0 264 LYS A O   1 ? 1 
ATOM   49  C CB  . LYS A 1 8  ? 42.613  16.814  35.719  1.000 103.519 0 264 LYS A CB  1 ? 1 
ATOM   50  C CG  . LYS A 1 8  ? 41.363  17.093  36.543  1.000 109.863 0 264 LYS A CG  1 ? 1 
ATOM   51  C CD  . LYS A 1 8  ? 41.405  18.430  37.277  1.000 126.808 0 264 LYS A CD  1 ? 1 
ATOM   52  C CE  . LYS A 1 8  ? 40.111  18.794  37.982  1.000 129.498 0 264 LYS A CE  1 ? 1 
ATOM   53  N NZ  . LYS A 1 8  ? 40.249  18.778  39.460  1.000 136.990 0 264 LYS A NZ  1 ? 1 
ATOM   54  N N   . ALA A 1 9  ? 43.256  16.201  32.779  1.000 81.808  0 265 ALA A N   1 ? 1 
ATOM   55  C CA  . ALA A 1 9  ? 43.125  16.508  31.369  1.000 87.659  0 265 ALA A CA  1 ? 1 
ATOM   56  C C   . ALA A 1 9  ? 42.906  15.253  30.525  1.000 76.928  0 265 ALA A C   1 ? 1 
ATOM   57  O O   . ALA A 1 9  ? 42.200  15.349  29.532  1.000 87.869  0 265 ALA A O   1 ? 1 
ATOM   58  C CB  . ALA A 1 9  ? 44.287  17.339  30.887  1.000 82.936  0 265 ALA A CB  1 ? 1 
ATOM   59  N N   . GLU A 1 10 ? 43.421  14.088  30.961  1.000 81.064  0 266 GLU A N   1 ? 1 
ATOM   60  C CA  . GLU A 1 10 ? 43.356  12.843  30.194  1.000 80.518  0 266 GLU A CA  1 ? 1 
ATOM   61  C C   . GLU A 1 10 ? 41.975  12.226  30.337  1.000 75.149  0 266 GLU A C   1 ? 1 
ATOM   62  O O   . GLU A 1 10 ? 41.427  11.670  29.370  1.000 75.293  0 266 GLU A O   1 ? 1 
ATOM   63  C CB  . GLU A 1 10 ? 44.352  11.788  30.698  1.000 69.394  0 266 GLU A CB  1 ? 1 
ATOM   64  C CG  . GLU A 1 10 ? 45.755  12.012  30.171  1.000 73.573  0 266 GLU A CG  1 ? 1 
ATOM   65  C CD  . GLU A 1 10 ? 46.831  11.003  30.582  1.000 88.905  0 266 GLU A CD  1 ? 1 
ATOM   66  O OE1 . GLU A 1 10 ? 46.486  9.838   30.887  1.000 96.126  0 266 GLU A OE1 1 ? 1 
ATOM   67  O OE2 . GLU A 1 10 ? 48.038  11.372  30.548  1.000 98.329  0 266 GLU A OE2 1 ? 1 
ATOM   68  N N   . LYS A 1 11 ? 41.461  12.305  31.572  1.000 76.186  0 267 LYS A N   1 ? 1 
ATOM   69  C CA  . LYS A 1 11 ? 40.131  11.822  31.903  1.000 84.743  0 267 LYS A CA  1 ? 1 
ATOM   70  C C   . LYS A 1 11 ? 39.125  12.569  31.029  1.000 75.831  0 267 LYS A C   1 ? 1 
ATOM   71  O O   . LYS A 1 11 ? 38.305  11.965  30.357  1.000 74.074  0 267 LYS A O   1 ? 1 
ATOM   72  C CB  . LYS A 1 11 ? 39.845  12.022  33.399  1.000 92.029  0 267 LYS A CB  1 ? 1 
ATOM   73  C CG  . LYS A 1 11 ? 38.760  11.120  33.986  1.000 91.260  0 267 LYS A CG  1 ? 1 
ATOM   74  C CD  . LYS A 1 11 ? 38.919  9.638   33.644  1.000 99.170  0 267 LYS A CD  1 ? 1 
ATOM   75  C CE  . LYS A 1 11 ? 37.665  8.829   33.928  1.000 116.872 0 267 LYS A CE  1 ? 1 
ATOM   76  N NZ  . LYS A 1 11 ? 37.802  7.420   33.485  1.000 109.233 0 267 LYS A NZ  1 ? 1 
ATOM   77  N N   . GLU A 1 12 ? 39.267  13.892  30.970  1.000 81.901  0 268 GLU A N   1 ? 1 
ATOM   78  C CA  . GLU A 1 12 ? 38.366  14.716  30.189  1.000 78.751  0 268 GLU A CA  1 ? 1 
ATOM   79  C C   . GLU A 1 12 ? 38.443  14.334  28.709  1.000 82.870  0 268 GLU A C   1 ? 1 
ATOM   80  O O   . GLU A 1 12 ? 37.426  14.312  28.030  1.000 83.675  0 268 GLU A O   1 ? 1 
ATOM   81  C CB  . GLU A 1 12 ? 38.644  16.180  30.517  1.000 94.566  0 268 GLU A CB  1 ? 1 
ATOM   82  C CG  . GLU A 1 12 ? 37.445  17.099  30.361  1.000 110.989 0 268 GLU A CG  1 ? 1 
ATOM   83  C CD  . GLU A 1 12 ? 37.584  18.377  31.173  1.000 132.758 0 268 GLU A CD  1 ? 1 
ATOM   84  O OE1 . GLU A 1 12 ? 37.468  18.295  32.419  1.000 151.972 0 268 GLU A OE1 1 ? 1 
ATOM   85  O OE2 . GLU A 1 12 ? 37.826  19.449  30.568  1.000 131.986 0 268 GLU A OE2 1 ? 1 
ATOM   86  N N   . THR A 1 13 ? 39.644  14.025  28.192  1.000 83.539  0 269 THR A N   1 ? 1 
ATOM   87  C CA  . THR A 1 13 ? 39.774  13.645  26.788  1.000 74.335  0 269 THR A CA  1 ? 1 
ATOM   88  C C   . THR A 1 13 ? 39.075  12.301  26.563  1.000 59.622  0 269 THR A C   1 ? 1 
ATOM   89  O O   . THR A 1 13 ? 38.276  12.104  25.671  1.000 56.434  0 269 THR A O   1 ? 1 
ATOM   90  C CB  . THR A 1 13 ? 41.241  13.680  26.330  1.000 75.141  0 269 THR A CB  1 ? 1 
ATOM   91  O OG1 . THR A 1 13 ? 41.682  15.037  26.184  1.000 74.836  0 269 THR A OG1 1 ? 1 
ATOM   92  C CG2 . THR A 1 13 ? 41.428  13.048  24.973  1.000 69.414  0 269 THR A CG2 1 ? 1 
ATOM   93  N N   . GLU A 1 14 ? 39.299  11.382  27.469  1.000 58.443  0 270 GLU A N   1 ? 1 
ATOM   94  C CA  . GLU A 1 14 ? 38.795  10.045  27.283  1.000 66.758  0 270 GLU A CA  1 ? 1 
ATOM   95  C C   . GLU A 1 14 ? 37.266  10.079  27.319  1.000 70.006  0 270 GLU A C   1 ? 1 
ATOM   96  O O   . GLU A 1 14 ? 36.629  9.413   26.496  1.000 70.314  0 270 GLU A O   1 ? 1 
ATOM   97  C CB  . GLU A 1 14 ? 39.418  9.160   28.372  1.000 68.832  0 270 GLU A CB  1 ? 1 
ATOM   98  C CG  . GLU A 1 14 ? 39.628  7.723   27.973  1.000 94.753  0 270 GLU A CG  1 ? 1 
ATOM   99  C CD  . GLU A 1 14 ? 40.256  6.838   29.041  1.000 113.141 0 270 GLU A CD  1 ? 1 
ATOM   100 O OE1 . GLU A 1 14 ? 39.845  5.660   29.140  1.000 120.048 0 270 GLU A OE1 1 ? 1 
ATOM   101 O OE2 . GLU A 1 14 ? 41.170  7.318   29.755  1.000 121.457 0 270 GLU A OE2 1 ? 1 
ATOM   102 N N   . LEU A 1 15 ? 36.683  10.844  28.264  1.000 67.098  0 271 LEU A N   1 ? 1 
ATOM   103 C CA  . LEU A 1 15 ? 35.230  10.838  28.448  1.000 68.458  0 271 LEU A CA  1 ? 1 
ATOM   104 C C   . LEU A 1 15 ? 34.620  11.497  27.219  1.000 62.753  0 271 LEU A C   1 ? 1 
ATOM   105 O O   . LEU A 1 15 ? 33.642  11.038  26.651  1.000 66.180  0 271 LEU A O   1 ? 1 
ATOM   106 C CB  . LEU A 1 15 ? 34.823  11.609  29.713  1.000 75.648  0 271 LEU A CB  1 ? 1 
ATOM   107 C CG  . LEU A 1 15 ? 35.156  10.972  31.077  1.000 93.239  0 271 LEU A CG  1 ? 1 
ATOM   108 C CD1 . LEU A 1 15 ? 34.968  11.982  32.211  1.000 93.578  0 271 LEU A CD1 1 ? 1 
ATOM   109 C CD2 . LEU A 1 15 ? 34.345  9.706   31.364  1.000 84.088  0 271 LEU A CD2 1 ? 1 
ATOM   110 N N   . SER A 1 16 ? 35.267  12.559  26.760  1.000 63.762  0 272 SER A N   1 ? 1 
ATOM   111 C CA  . SER A 1 16 ? 34.734  13.256  25.602  1.000 61.162  0 272 SER A CA  1 ? 1 
ATOM   112 C C   . SER A 1 16 ? 34.708  12.358  24.374  1.000 62.638  0 272 SER A C   1 ? 1 
ATOM   113 O O   . SER A 1 16 ? 33.775  12.438  23.577  1.000 62.971  0 272 SER A O   1 ? 1 
ATOM   114 C CB  . SER A 1 16 ? 35.473  14.553  25.391  1.000 64.753  0 272 SER A CB  1 ? 1 
ATOM   115 O OG  . SER A 1 16 ? 35.087  15.146  24.161  1.000 89.952  0 272 SER A OG  1 ? 1 
ATOM   116 N N   . LEU A 1 17 ? 35.711  11.472  24.224  1.000 71.338  0 273 LEU A N   1 ? 1 
ATOM   117 C CA  . LEU A 1 17 ? 35.761  10.644  23.024  1.000 69.015  0 273 LEU A CA  1 ? 1 
ATOM   118 C C   . LEU A 1 17 ? 34.765  9.498   23.141  1.000 62.781  0 273 LEU A C   1 ? 1 
ATOM   119 O O   . LEU A 1 17 ? 34.110  9.110   22.175  1.000 62.999  0 273 LEU A O   1 ? 1 
ATOM   120 C CB  . LEU A 1 17 ? 37.193  10.140  22.789  1.000 72.325  0 273 LEU A CB  1 ? 1 
ATOM   121 C CG  . LEU A 1 17 ? 38.192  11.177  22.259  1.000 78.122  0 273 LEU A CG  1 ? 1 
ATOM   122 C CD1 . LEU A 1 17 ? 39.579  10.591  22.166  1.000 82.835  0 273 LEU A CD1 1 ? 1 
ATOM   123 C CD2 . LEU A 1 17 ? 37.797  11.755  20.921  1.000 69.651  0 273 LEU A CD2 1 ? 1 
ATOM   124 N N   . GLN A 1 18 ? 34.619  8.970   24.353  1.000 69.525  0 274 GLN A N   1 ? 1 
ATOM   125 C CA  . GLN A 1 18 ? 33.701  7.875   24.611  1.000 63.586  0 274 GLN A CA  1 ? 1 
ATOM   126 C C   . GLN A 1 18 ? 32.251  8.335   24.511  1.000 70.669  0 274 GLN A C   1 ? 1 
ATOM   127 O O   . GLN A 1 18 ? 31.387  7.590   24.050  1.000 64.532  0 274 GLN A O   1 ? 1 
ATOM   128 C CB  . GLN A 1 18 ? 33.926  7.360   26.027  1.000 77.669  0 274 GLN A CB  1 ? 1 
ATOM   129 C CG  . GLN A 1 18 ? 35.163  6.499   26.156  1.000 99.404  0 274 GLN A CG  1 ? 1 
ATOM   130 C CD  . GLN A 1 18 ? 35.541  6.285   27.601  1.000 115.785 0 274 GLN A CD  1 ? 1 
ATOM   131 O OE1 . GLN A 1 18 ? 36.687  6.499   27.997  1.000 126.804 0 274 GLN A OE1 1 ? 1 
ATOM   132 N NE2 . GLN A 1 18 ? 34.573  5.864   28.406  1.000 114.561 0 274 GLN A NE2 1 ? 1 
ATOM   133 N N   . LYS A 1 19 ? 31.978  9.564   24.965  1.000 63.714  0 275 LYS A N   1 ? 1 
ATOM   134 C CA  . LYS A 1 19 ? 30.627  10.073  24.839  1.000 68.670  0 275 LYS A CA  1 ? 1 
ATOM   135 C C   . LYS A 1 19 ? 30.232  10.013  23.367  1.000 69.811  0 275 LYS A C   1 ? 1 
ATOM   136 O O   . LYS A 1 19 ? 29.165  9.494   23.037  1.000 68.484  0 275 LYS A O   1 ? 1 
ATOM   137 C CB  . LYS A 1 19 ? 30.556  11.497  25.389  1.000 62.954  0 275 LYS A CB  1 ? 1 
ATOM   138 C CG  . LYS A 1 19 ? 29.225  12.230  25.300  1.000 73.252  0 275 LYS A CG  1 ? 1 
ATOM   139 C CD  . LYS A 1 19 ? 29.300  13.455  26.233  1.000 95.562  0 275 LYS A CD  1 ? 1 
ATOM   140 C CE  . LYS A 1 19 ? 27.983  14.074  26.653  1.000 102.414 0 275 LYS A CE  1 ? 1 
ATOM   141 N NZ  . LYS A 1 19 ? 27.117  14.378  25.494  1.000 101.746 0 275 LYS A NZ  1 ? 1 
ATOM   142 N N   . GLU A 1 20 ? 31.134  10.512  22.501  1.000 71.303  0 276 GLU A N   1 ? 1 
ATOM   143 C CA  . GLU A 1 20 ? 30.916  10.669  21.060  1.000 65.990  0 276 GLU A CA  1 ? 1 
ATOM   144 C C   . GLU A 1 20 ? 30.684  9.303   20.410  1.000 60.250  0 276 GLU A C   1 ? 1 
ATOM   145 O O   . GLU A 1 20 ? 29.829  9.178   19.564  1.000 63.939  0 276 GLU A O   1 ? 1 
ATOM   146 C CB  . GLU A 1 20 ? 32.062  11.516  20.486  1.000 74.316  0 276 GLU A CB  1 ? 1 
ATOM   147 C CG  . GLU A 1 20 ? 32.276  11.487  18.986  1.000 76.287  0 276 GLU A CG  1 ? 1 
ATOM   148 C CD  . GLU A 1 20 ? 33.449  12.392  18.602  1.000 110.501 0 276 GLU A CD  1 ? 1 
ATOM   149 O OE1 . GLU A 1 20 ? 34.643  12.055  18.928  1.000 96.853  0 276 GLU A OE1 1 ? 1 
ATOM   150 O OE2 . GLU A 1 20 ? 33.176  13.461  18.008  1.000 125.307 0 276 GLU A OE2 1 ? 1 
ATOM   151 N N   . GLN A 1 21 ? 31.384  8.267   20.853  1.000 61.959  0 277 GLN A N   1 ? 1 
ATOM   152 C CA  . GLN A 1 21 ? 31.170  6.919   20.362  1.000 71.300  0 277 GLN A CA  1 ? 1 
ATOM   153 C C   . GLN A 1 21 ? 29.745  6.464   20.657  1.000 74.646  0 277 GLN A C   1 ? 1 
ATOM   154 O O   . GLN A 1 21 ? 29.090  5.921   19.766  1.000 77.612  0 277 GLN A O   1 ? 1 
ATOM   155 C CB  . GLN A 1 21 ? 32.090  5.925   21.078  1.000 75.350  0 277 GLN A CB  1 ? 1 
ATOM   156 C CG  . GLN A 1 21 ? 33.401  5.617   20.380  1.000 89.458  0 277 GLN A CG  1 ? 1 
ATOM   157 C CD  . GLN A 1 21 ? 34.428  5.041   21.341  1.000 99.037  0 277 GLN A CD  1 ? 1 
ATOM   158 O OE1 . GLN A 1 21 ? 34.704  5.581   22.407  1.000 94.019  0 277 GLN A OE1 1 ? 1 
ATOM   159 N NE2 . GLN A 1 21 ? 35.039  3.933   20.962  1.000 97.213  0 277 GLN A NE2 1 ? 1 
ATOM   160 N N   . LEU A 1 22 ? 29.315  6.625   21.924  1.000 73.117  0 278 LEU A N   1 ? 1 
ATOM   161 C CA  . LEU A 1 22 ? 27.989  6.264   22.426  1.000 65.300  0 278 LEU A CA  1 ? 1 
ATOM   162 C C   . LEU A 1 22 ? 26.936  7.018   21.621  1.000 61.484  0 278 LEU A C   1 ? 1 
ATOM   163 O O   . LEU A 1 22 ? 25.985  6.416   21.117  1.000 71.486  0 278 LEU A O   1 ? 1 
ATOM   164 C CB  . LEU A 1 22 ? 27.930  6.607   23.932  1.000 82.798  0 278 LEU A CB  1 ? 1 
ATOM   165 C CG  . LEU A 1 22 ? 26.582  6.594   24.691  1.000 103.070 0 278 LEU A CG  1 ? 1 
ATOM   166 C CD1 . LEU A 1 22 ? 26.801  6.436   26.198  1.000 103.066 0 278 LEU A CD1 1 ? 1 
ATOM   167 C CD2 . LEU A 1 22 ? 25.786  7.875   24.480  1.000 106.982 0 278 LEU A CD2 1 ? 1 
ATOM   168 N N   . GLN A 1 23 ? 27.144  8.327   21.433  1.000 55.895  0 279 GLN A N   1 ? 1 
ATOM   169 C CA  . GLN A 1 23 ? 26.159  9.107   20.692  1.000 61.397  0 279 GLN A CA  1 ? 1 
ATOM   170 C C   . GLN A 1 23 ? 25.998  8.608   19.264  1.000 70.660  0 279 GLN A C   1 ? 1 
ATOM   171 O O   . GLN A 1 23 ? 24.875  8.529   18.775  1.000 68.577  0 279 GLN A O   1 ? 1 
ATOM   172 C CB  . GLN A 1 23 ? 26.514  10.597  20.682  1.000 73.967  0 279 GLN A CB  1 ? 1 
ATOM   173 C CG  . GLN A 1 23 ? 26.619  11.129  22.105  1.000 94.172  0 279 GLN A CG  1 ? 1 
ATOM   174 C CD  . GLN A 1 23 ? 26.443  12.619  22.232  1.000 104.205 0 279 GLN A CD  1 ? 1 
ATOM   175 O OE1 . GLN A 1 23 ? 25.688  13.102  23.084  1.000 109.814 0 279 GLN A OE1 1 ? 1 
ATOM   176 N NE2 . GLN A 1 23 ? 27.170  13.350  21.401  1.000 95.215  0 279 GLN A NE2 1 ? 1 
ATOM   177 N N   . LEU A 1 24 ? 27.120  8.282   18.605  1.000 66.854  0 280 LEU A N   1 ? 1 
ATOM   178 C CA  . LEU A 1 24 ? 27.078  7.841   17.223  1.000 66.111  0 280 LEU A CA  1 ? 1 
ATOM   179 C C   . LEU A 1 24 ? 26.252  6.551   17.127  1.000 63.473  0 280 LEU A C   1 ? 1 
ATOM   180 O O   . LEU A 1 24 ? 25.431  6.417   16.221  1.000 59.915  0 280 LEU A O   1 ? 1 
ATOM   181 C CB  . LEU A 1 24 ? 28.529  7.555   16.836  1.000 68.334  0 280 LEU A CB  1 ? 1 
ATOM   182 C CG  . LEU A 1 24 ? 28.945  8.002   15.445  1.000 81.812  0 280 LEU A CG  1 ? 1 
ATOM   183 C CD1 . LEU A 1 24 ? 30.369  8.566   15.474  1.000 83.023  0 280 LEU A CD1 1 ? 1 
ATOM   184 C CD2 . LEU A 1 24 ? 28.806  6.826   14.488  1.000 79.401  0 280 LEU A CD2 1 ? 1 
ATOM   185 N N   . LYS A 1 25 ? 26.456  5.622   18.081  1.000 58.023  0 281 LYS A N   1 ? 1 
ATOM   186 C CA  . LYS A 1 25 ? 25.783  4.324   18.096  1.000 66.935  0 281 LYS A CA  1 ? 1 
ATOM   187 C C   . LYS A 1 25 ? 24.283  4.532   18.297  1.000 66.131  0 281 LYS A C   1 ? 1 
ATOM   188 O O   . LYS A 1 25 ? 23.446  3.822   17.739  1.000 69.195  0 281 LYS A O   1 ? 1 
ATOM   189 C CB  . LYS A 1 25 ? 26.267  3.468   19.281  1.000 74.821  0 281 LYS A CB  1 ? 1 
ATOM   190 C CG  . LYS A 1 25 ? 27.561  2.699   19.075  1.000 93.853  0 281 LYS A CG  1 ? 1 
ATOM   191 C CD  . LYS A 1 25 ? 28.201  2.255   20.377  1.000 114.039 0 281 LYS A CD  1 ? 1 
ATOM   192 C CE  . LYS A 1 25 ? 29.474  1.456   20.179  1.000 110.600 0 281 LYS A CE  1 ? 1 
ATOM   193 N NZ  . LYS A 1 25 ? 30.503  2.218   19.425  1.000 115.003 0 281 LYS A NZ  1 ? 1 
ATOM   194 N N   . ILE A 1 26 ? 23.935  5.533   19.099  1.000 64.788  0 282 ILE A N   1 ? 1 
ATOM   195 C CA  . ILE A 1 26 ? 22.522  5.776   19.323  1.000 64.903  0 282 ILE A CA  1 ? 1 
ATOM   196 C C   . ILE A 1 26 ? 21.921  6.293   18.019  1.000 64.375  0 282 ILE A C   1 ? 1 
ATOM   197 O O   . ILE A 1 26 ? 20.815  5.877   17.632  1.000 66.461  0 282 ILE A O   1 ? 1 
ATOM   198 C CB  . ILE A 1 26 ? 22.315  6.735   20.526  1.000 70.230  0 282 ILE A CB  1 ? 1 
ATOM   199 C CG1 . ILE A 1 26 ? 22.681  6.085   21.866  1.000 73.578  0 282 ILE A CG1 1 ? 1 
ATOM   200 C CG2 . ILE A 1 26 ? 20.905  7.327   20.544  1.000 74.855  0 282 ILE A CG2 1 ? 1 
ATOM   201 C CD1 . ILE A 1 26 ? 22.696  7.084   23.026  1.000 82.687  0 282 ILE A CD1 1 ? 1 
ATOM   202 N N   . ILE A 1 27 ? 22.671  7.169   17.323  1.000 63.543  0 283 ILE A N   1 ? 1 
ATOM   203 C CA  . ILE A 1 27 ? 22.210  7.736   16.059  1.000 63.247  0 283 ILE A CA  1 ? 1 
ATOM   204 C C   . ILE A 1 27 ? 22.000  6.615   15.048  1.000 56.940  0 283 ILE A C   1 ? 1 
ATOM   205 O O   . ILE A 1 27 ? 21.058  6.671   14.274  1.000 58.351  0 283 ILE A O   1 ? 1 
ATOM   206 C CB  . ILE A 1 27 ? 23.142  8.844   15.506  1.000 68.902  0 283 ILE A CB  1 ? 1 
ATOM   207 C CG1 . ILE A 1 27 ? 23.142  10.080  16.418  1.000 82.270  0 283 ILE A CG1 1 ? 1 
ATOM   208 C CG2 . ILE A 1 27 ? 22.760  9.250   14.073  1.000 60.798  0 283 ILE A CG2 1 ? 1 
ATOM   209 C CD1 . ILE A 1 27 ? 24.377  10.964  16.237  1.000 82.172  0 283 ILE A CD1 1 ? 1 
ATOM   210 N N   . GLU A 1 28 ? 22.883  5.610   15.074  1.000 62.740  0 284 GLU A N   1 ? 1 
ATOM   211 C CA  . GLU A 1 28 ? 22.816  4.503   14.135  1.000 71.617  0 284 GLU A CA  1 ? 1 
ATOM   212 C C   . GLU A 1 28 ? 21.576  3.663   14.442  1.000 67.501  0 284 GLU A C   1 ? 1 
ATOM   213 O O   . GLU A 1 28 ? 20.802  3.429   13.529  1.000 70.072  0 284 GLU A O   1 ? 1 
ATOM   214 C CB  . GLU A 1 28 ? 24.069  3.634   14.198  1.000 66.984  0 284 GLU A CB  1 ? 1 
ATOM   215 C CG  . GLU A 1 28 ? 25.282  4.239   13.515  1.000 77.699  0 284 GLU A CG  1 ? 1 
ATOM   216 C CD  . GLU A 1 28 ? 26.576  3.523   13.896  1.000 100.120 0 284 GLU A CD  1 ? 1 
ATOM   217 O OE1 . GLU A 1 28 ? 26.559  2.254   14.001  1.000 101.520 0 284 GLU A OE1 1 ? 1 
ATOM   218 O OE2 . GLU A 1 28 ? 27.603  4.224   14.110  1.000 96.719  0 284 GLU A OE2 1 ? 1 
ATOM   219 N N   . ILE A 1 29 ? 21.413  3.225   15.707  1.000 70.540  0 285 ILE A N   1 ? 1 
ATOM   220 C CA  . ILE A 1 29 ? 20.206  2.550   16.167  1.000 66.178  0 285 ILE A CA  1 ? 1 
ATOM   221 C C   . ILE A 1 29 ? 18.953  3.328   15.746  1.000 67.535  0 285 ILE A C   1 ? 1 
ATOM   222 O O   . ILE A 1 29 ? 18.031  2.799   15.120  1.000 70.562  0 285 ILE A O   1 ? 1 
ATOM   223 C CB  . ILE A 1 29 ? 20.209  2.281   17.686  1.000 76.968  0 285 ILE A CB  1 ? 1 
ATOM   224 C CG1 . ILE A 1 29 ? 21.430  1.495   18.182  1.000 79.954  0 285 ILE A CG1 1 ? 1 
ATOM   225 C CG2 . ILE A 1 29 ? 18.908  1.589   18.074  1.000 87.885  0 285 ILE A CG2 1 ? 1 
ATOM   226 C CD1 . ILE A 1 29 ? 21.763  0.274   17.358  1.000 92.629  0 285 ILE A CD1 1 ? 1 
ATOM   227 N N   . GLU A 1 30 ? 18.929  4.628   16.013  1.000 64.624  0 286 GLU A N   1 ? 1 
ATOM   228 C CA  . GLU A 1 30 ? 17.728  5.353   15.658  1.000 67.146  0 286 GLU A CA  1 ? 1 
ATOM   229 C C   . GLU A 1 30 ? 17.574  5.469   14.150  1.000 68.167  0 286 GLU A C   1 ? 1 
ATOM   230 O O   . GLU A 1 30 ? 16.442  5.583   13.663  1.000 68.583  0 286 GLU A O   1 ? 1 
ATOM   231 C CB  . GLU A 1 30 ? 17.734  6.782   16.188  1.000 69.920  0 286 GLU A CB  1 ? 1 
ATOM   232 C CG  . GLU A 1 30 ? 17.162  6.958   17.576  1.000 84.122  0 286 GLU A CG  1 ? 1 
ATOM   233 C CD  . GLU A 1 30 ? 17.212  8.440   17.948  1.000 116.209 0 286 GLU A CD  1 ? 1 
ATOM   234 O OE1 . GLU A 1 30 ? 16.502  9.264   17.292  1.000 112.833 0 286 GLU A OE1 1 ? 1 
ATOM   235 O OE2 . GLU A 1 30 ? 17.992  8.786   18.865  1.000 133.971 0 286 GLU A OE2 1 ? 1 
ATOM   236 N N   . ASP A 1 31 ? 18.686  5.532   13.395  1.000 62.888  0 287 ASP A N   1 ? 1 
ATOM   237 C CA  . ASP A 1 31 ? 18.426  5.655   11.959  1.000 64.535  0 287 ASP A CA  1 ? 1 
ATOM   238 C C   . ASP A 1 31 ? 17.783  4.347   11.479  1.000 59.933  0 287 ASP A C   1 ? 1 
ATOM   239 O O   . ASP A 1 31 ? 16.777  4.373   10.810  1.000 68.638  0 287 ASP A O   1 ? 1 
ATOM   240 C CB  . ASP A 1 31 ? 19.617  6.240   11.171  1.000 65.713  0 287 ASP A CB  1 ? 1 
ATOM   241 C CG  . ASP A 1 31 ? 19.823  5.793   9.712   1.000 86.644  0 287 ASP A CG  1 ? 1 
ATOM   242 O OD1 . ASP A 1 31 ? 19.045  4.951   9.193   1.000 98.251  0 287 ASP A OD1 1 ? 1 
ATOM   243 O OD2 . ASP A 1 31 ? 20.772  6.295   9.080   1.000 96.358  0 287 ASP A OD2 1 ? 1 
ATOM   244 N N   . ASP A 1 32 ? 18.368  3.211   11.844  1.000 63.679  0 288 ASP A N   1 ? 1 
ATOM   245 C CA  . ASP A 1 32 ? 17.877  1.878   11.493  1.000 70.094  0 288 ASP A CA  1 ? 1 
ATOM   246 C C   . ASP A 1 32 ? 16.403  1.683   11.855  1.000 61.281  0 288 ASP A C   1 ? 1 
ATOM   247 O O   . ASP A 1 32 ? 15.615  1.222   11.039  1.000 66.711  0 288 ASP A O   1 ? 1 
ATOM   248 C CB  . ASP A 1 32 ? 18.768  0.816   12.162  1.000 76.997  0 288 ASP A CB  1 ? 1 
ATOM   249 C CG  . ASP A 1 32 ? 20.131  0.694   11.500  1.000 88.642  0 288 ASP A CG  1 ? 1 
ATOM   250 O OD1 . ASP A 1 32 ? 20.243  1.111   10.323  1.000 99.087  0 288 ASP A OD1 1 ? 1 
ATOM   251 O OD2 . ASP A 1 32 ? 21.075  0.201   12.158  1.000 100.227 0 288 ASP A OD2 1 ? 1 
ATOM   252 N N   . VAL A 1 33 ? 15.999  2.136   13.044  1.000 69.286  0 289 VAL A N   1 ? 1 
ATOM   253 C CA  . VAL A 1 33 ? 14.622  2.007   13.509  1.000 73.885  0 289 VAL A CA  1 ? 1 
ATOM   254 C C   . VAL A 1 33 ? 13.669  2.887   12.695  1.000 69.726  0 289 VAL A C   1 ? 1 
ATOM   255 O O   . VAL A 1 33 ? 12.563  2.466   12.360  1.000 71.794  0 289 VAL A O   1 ? 1 
ATOM   256 C CB  . VAL A 1 33 ? 14.514  2.291   15.023  1.000 81.343  0 289 VAL A CB  1 ? 1 
ATOM   257 C CG1 . VAL A 1 33 ? 13.089  2.582   15.483  1.000 80.107  0 289 VAL A CG1 1 ? 1 
ATOM   258 C CG2 . VAL A 1 33 ? 15.165  1.192   15.837  1.000 74.956  0 289 VAL A CG2 1 ? 1 
ATOM   259 N N   . GLU A 1 34 ? 14.064  4.118   12.382  1.000 74.336  0 290 GLU A N   1 ? 1 
ATOM   260 C CA  . GLU A 1 34 ? 13.168  4.989   11.626  1.000 73.218  0 290 GLU A CA  1 ? 1 
ATOM   261 C C   . GLU A 1 34 ? 13.028  4.460   10.186  1.000 72.660  0 290 GLU A C   1 ? 1 
ATOM   262 O O   . GLU A 1 34 ? 11.959  4.477   9.561   1.000 65.878  0 290 GLU A O   1 ? 1 
ATOM   263 C CB  . GLU A 1 34 ? 13.643  6.427   11.785  1.000 73.851  0 290 GLU A CB  1 ? 1 
ATOM   264 C CG  . GLU A 1 34 ? 12.881  7.476   11.000  1.000 86.621  0 290 GLU A CG  1 ? 1 
ATOM   265 C CD  . GLU A 1 34 ? 13.326  8.923   11.262  1.000 108.977 0 290 GLU A CD  1 ? 1 
ATOM   266 O OE1 . GLU A 1 34 ? 12.569  9.864   10.894  1.000 104.056 0 290 GLU A OE1 1 ? 1 
ATOM   267 O OE2 . GLU A 1 34 ? 14.426  9.124   11.848  1.000 96.512  0 290 GLU A OE2 1 ? 1 
ATOM   268 N N   . LYS A 1 35 ? 14.105  3.895   9.669   1.000 63.876  0 291 LYS A N   1 ? 1 
ATOM   269 C CA  . LYS A 1 35 ? 14.071  3.369   8.313   1.000 63.437  0 291 LYS A CA  1 ? 1 
ATOM   270 C C   . LYS A 1 35 ? 13.201  2.091   8.274   1.000 67.528  0 291 LYS A C   1 ? 1 
ATOM   271 O O   . LYS A 1 35 ? 12.407  1.892   7.356   1.000 58.458  0 291 LYS A O   1 ? 1 
ATOM   272 C CB  . LYS A 1 35 ? 15.539  3.121   7.961   1.000 57.464  0 291 LYS A CB  1 ? 1 
ATOM   273 C CG  . LYS A 1 35 ? 15.797  2.201   6.778   1.000 77.794  0 291 LYS A CG  1 ? 1 
ATOM   274 C CD  . LYS A 1 35 ? 17.238  2.311   6.291   1.000 89.280  0 291 LYS A CD  1 ? 1 
ATOM   275 C CE  . LYS A 1 35 ? 17.484  1.632   4.958   1.000 98.880  0 291 LYS A CE  1 ? 1 
ATOM   276 N NZ  . LYS A 1 35 ? 18.550  2.315   4.185   1.000 116.157 0 291 LYS A NZ  1 ? 1 
ATOM   277 N N   . TRP A 1 36 ? 13.310  1.241   9.314   1.000 72.834  0 292 TRP A N   1 ? 1 
ATOM   278 C CA  . TRP A 1 36 ? 12.521  0.016   9.418   1.000 78.006  0 292 TRP A CA  1 ? 1 
ATOM   279 C C   . TRP A 1 36 ? 11.042  0.379   9.346   1.000 75.728  0 292 TRP A C   1 ? 1 
ATOM   280 O O   . TRP A 1 36 ? 10.270  -0.087  8.487   1.000 71.952  0 292 TRP A O   1 ? 1 
ATOM   281 C CB  . TRP A 1 36 ? 12.873  -0.754  10.701  1.000 77.228  0 292 TRP A CB  1 ? 1 
ATOM   282 C CG  . TRP A 1 36 ? 11.929  -1.863  11.084  1.000 110.699 0 292 TRP A CG  1 ? 1 
ATOM   283 C CD1 . TRP A 1 36 ? 11.664  -3.004  10.381  1.000 111.773 0 292 TRP A CD1 1 ? 1 
ATOM   284 C CD2 . TRP A 1 36 ? 11.141  -1.956  12.291  1.000 122.187 0 292 TRP A CD2 1 ? 1 
ATOM   285 N NE1 . TRP A 1 36 ? 10.760  -3.786  11.048  1.000 119.524 0 292 TRP A NE1 1 ? 1 
ATOM   286 C CE2 . TRP A 1 36 ? 10.424  -3.173  12.225  1.000 128.299 0 292 TRP A CE2 1 ? 1 
ATOM   287 C CE3 . TRP A 1 36 ? 10.967  -1.136  13.416  1.000 123.385 0 292 TRP A CE3 1 ? 1 
ATOM   288 C CZ2 . TRP A 1 36 ? 9.557   -3.582  13.240  1.000 136.114 0 292 TRP A CZ2 1 ? 1 
ATOM   289 C CZ3 . TRP A 1 36 ? 10.102  -1.537  14.414  1.000 137.325 0 292 TRP A CZ3 1 ? 1 
ATOM   290 C CH2 . TRP A 1 36 ? 9.410   -2.747  14.328  1.000 137.976 0 292 TRP A CH2 1 ? 1 
ATOM   291 N N   . GLN A 1 37 ? 10.708  1.352   10.185  1.000 69.863  0 293 GLN A N   1 ? 1 
ATOM   292 C CA  . GLN A 1 37 ? 9.343   1.768   10.413  1.000 67.059  0 293 GLN A CA  1 ? 1 
ATOM   293 C C   . GLN A 1 37 ? 8.756   2.441   9.172   1.000 75.949  0 293 GLN A C   1 ? 1 
ATOM   294 O O   . GLN A 1 37 ? 7.577   2.233   8.844   1.000 74.471  0 293 GLN A O   1 ? 1 
ATOM   295 C CB  . GLN A 1 37 ? 9.341   2.643   11.677  1.000 66.922  0 293 GLN A CB  1 ? 1 
ATOM   296 C CG  . GLN A 1 37 ? 8.266   3.723   11.650  1.000 83.140  0 293 GLN A CG  1 ? 1 
ATOM   297 C CD  . GLN A 1 37 ? 6.985   3.181   12.241  1.000 106.205 0 293 GLN A CD  1 ? 1 
ATOM   298 O OE1 . GLN A 1 37 ? 6.890   2.002   12.609  1.000 102.242 0 293 GLN A OE1 1 ? 1 
ATOM   299 N NE2 . GLN A 1 37 ? 5.989   4.052   12.332  1.000 121.804 0 293 GLN A NE2 1 ? 1 
ATOM   300 N N   . LYS A 1 38 ? 9.567   3.275   8.498   1.000 62.308  0 294 LYS A N   1 ? 1 
ATOM   301 C CA  . LYS A 1 38 ? 9.123   3.881   7.257   1.000 57.615  0 294 LYS A CA  1 ? 1 
ATOM   302 C C   . LYS A 1 38 ? 8.892   2.804   6.187   1.000 62.702  0 294 LYS A C   1 ? 1 
ATOM   303 O O   . LYS A 1 38 ? 7.971   2.916   5.397   1.000 63.225  0 294 LYS A O   1 ? 1 
ATOM   304 C CB  . LYS A 1 38 ? 10.146  4.927   6.794   1.000 75.322  0 294 LYS A CB  1 ? 1 
ATOM   305 C CG  . LYS A 1 38 ? 10.215  5.157   5.292   1.000 72.346  0 294 LYS A CG  1 ? 1 
ATOM   306 C CD  . LYS A 1 38 ? 10.809  6.483   4.826   1.000 90.227  0 294 LYS A CD  1 ? 1 
ATOM   307 C CE  . LYS A 1 38 ? 11.110  6.464   3.332   1.000 90.804  0 294 LYS A CE  1 ? 1 
ATOM   308 N NZ  . LYS A 1 38 ? 10.951  7.787   2.670   1.000 98.553  0 294 LYS A NZ  1 ? 1 
ATOM   309 N N   . GLU A 1 39 ? 9.737   1.771   6.116   1.000 57.942  0 295 GLU A N   1 ? 1 
ATOM   310 C CA  . GLU A 1 39 ? 9.497   0.731   5.109   1.000 65.366  0 295 GLU A CA  1 ? 1 
ATOM   311 C C   . GLU A 1 39 ? 8.194   -0.041  5.398   1.000 70.095  0 295 GLU A C   1 ? 1 
ATOM   312 O O   . GLU A 1 39 ? 7.377   -0.272  4.512   1.000 65.576  0 295 GLU A O   1 ? 1 
ATOM   313 C CB  . GLU A 1 39 ? 10.648  -0.283  5.094   1.000 68.406  0 295 GLU A CB  1 ? 1 
ATOM   314 C CG  . GLU A 1 39 ? 10.472  -1.373  4.059   1.000 82.382  0 295 GLU A CG  1 ? 1 
ATOM   315 C CD  . GLU A 1 39 ? 10.395  -0.822  2.640   1.000 96.073  0 295 GLU A CD  1 ? 1 
ATOM   316 O OE1 . GLU A 1 39 ? 10.851  0.328   2.421   1.000 108.038 0 295 GLU A OE1 1 ? 1 
ATOM   317 O OE2 . GLU A 1 39 ? 9.896   -1.543  1.753   1.000 101.635 0 295 GLU A OE2 1 ? 1 
ATOM   318 N N   . LYS A 1 40 ? 8.006   -0.485  6.646   1.000 73.224  0 296 LYS A N   1 ? 1 
ATOM   319 C CA  . LYS A 1 40 ? 6.781   -1.170  7.052   1.000 73.234  0 296 LYS A CA  1 ? 1 
ATOM   320 C C   . LYS A 1 40 ? 5.551   -0.357  6.633   1.000 76.536  0 296 LYS A C   1 ? 1 
ATOM   321 O O   . LYS A 1 40 ? 4.605   -0.896  6.066   1.000 75.817  0 296 LYS A O   1 ? 1 
ATOM   322 C CB  . LYS A 1 40 ? 6.831   -1.452  8.557   1.000 84.713  0 296 LYS A CB  1 ? 1 
ATOM   323 C CG  . LYS A 1 40 ? 5.528   -1.305  9.327   1.000 101.065 0 296 LYS A CG  1 ? 1 
ATOM   324 C CD  . LYS A 1 40 ? 5.425   -2.201  10.564  1.000 107.734 0 296 LYS A CD  1 ? 1 
ATOM   325 C CE  . LYS A 1 40 ? 6.707   -2.312  11.361  1.000 120.394 0 296 LYS A CE  1 ? 1 
ATOM   326 N NZ  . LYS A 1 40 ? 6.424   -2.398  12.814  1.000 130.643 0 296 LYS A NZ  1 ? 1 
ATOM   327 N N   . ASP A 1 41 ? 5.588   0.951   6.871   1.000 63.373  0 297 ASP A N   1 ? 1 
ATOM   328 C CA  . ASP A 1 41 ? 4.496   1.869   6.596   1.000 69.568  0 297 ASP A CA  1 ? 1 
ATOM   329 C C   . ASP A 1 41 ? 4.295   2.012   5.089   1.000 74.071  0 297 ASP A C   1 ? 1 
ATOM   330 O O   . ASP A 1 41 ? 3.186   2.271   4.628   1.000 71.656  0 297 ASP A O   1 ? 1 
ATOM   331 C CB  . ASP A 1 41 ? 4.824   3.295   7.089   1.000 76.421  0 297 ASP A CB  1 ? 1 
ATOM   332 C CG  . ASP A 1 41 ? 4.500   3.580   8.552   1.000 103.844 0 297 ASP A CG  1 ? 1 
ATOM   333 O OD1 . ASP A 1 41 ? 4.214   2.612   9.296   1.000 123.980 0 297 ASP A OD1 1 ? 1 
ATOM   334 O OD2 . ASP A 1 41 ? 4.551   4.778   8.957   1.000 122.671 0 297 ASP A OD2 1 ? 1 
ATOM   335 N N   . ARG A 1 42 ? 5.386   1.919   4.328   1.000 63.439  0 298 ARG A N   1 ? 1 
ATOM   336 C CA  . ARG A 1 42 ? 5.278   2.080   2.888   1.000 64.559  0 298 ARG A CA  1 ? 1 
ATOM   337 C C   . ARG A 1 42 ? 4.570   0.855   2.298   1.000 62.335  0 298 ARG A C   1 ? 1 
ATOM   338 O O   . ARG A 1 42 ? 3.771   0.996   1.393   1.000 70.095  0 298 ARG A O   1 ? 1 
ATOM   339 C CB  . ARG A 1 42 ? 6.684   2.293   2.303   1.000 54.579  0 298 ARG A CB  1 ? 1 
ATOM   340 C CG  . ARG A 1 42 ? 6.665   2.622   0.806   1.000 70.198  0 298 ARG A CG  1 ? 1 
ATOM   341 C CD  . ARG A 1 42 ? 7.978   2.308   0.067   1.000 68.407  0 298 ARG A CD  1 ? 1 
ATOM   342 N NE  . ARG A 1 42 ? 8.204   0.869   0.205   1.000 83.617  0 298 ARG A NE  1 ? 1 
ATOM   343 C CZ  . ARG A 1 42 ? 7.692   -0.085  -0.594  1.000 82.395  0 298 ARG A CZ  1 ? 1 
ATOM   344 N NH1 . ARG A 1 42 ? 7.929   -1.367  -0.345  1.000 81.005  0 298 ARG A NH1 1 ? 1 
ATOM   345 N NH2 . ARG A 1 42 ? 6.947   0.243   -1.636  1.000 83.221  0 298 ARG A NH2 1 ? 1 
ATOM   346 N N   . ILE A 1 43 ? 4.875   -0.345  2.809   1.000 68.479  0 299 ILE A N   1 ? 1 
ATOM   347 C CA  . ILE A 1 43 ? 4.326   -1.592  2.294   1.000 71.777  0 299 ILE A CA  1 ? 1 
ATOM   348 C C   . ILE A 1 43 ? 2.835   -1.627  2.618   1.000 74.310  0 299 ILE A C   1 ? 1 
ATOM   349 O O   . ILE A 1 43 ? 2.015   -1.996  1.776   1.000 74.903  0 299 ILE A O   1 ? 1 
ATOM   350 C CB  . ILE A 1 43 ? 5.052   -2.786  2.959   1.000 69.866  0 299 ILE A CB  1 ? 1 
ATOM   351 C CG1 . ILE A 1 43 ? 6.527   -2.878  2.571   1.000 72.278  0 299 ILE A CG1 1 ? 1 
ATOM   352 C CG2 . ILE A 1 43 ? 4.320   -4.099  2.730   1.000 75.280  0 299 ILE A CG2 1 ? 1 
ATOM   353 C CD1 . ILE A 1 43 ? 7.311   -3.892  3.429   1.000 69.497  0 299 ILE A CD1 1 ? 1 
ATOM   354 N N   . LYS A 1 44 ? 2.494   -1.233  3.847   1.000 64.285  0 300 LYS A N   1 ? 1 
ATOM   355 C CA  . LYS A 1 44 ? 1.098   -1.094  4.260   1.000 72.219  0 300 LYS A CA  1 ? 1 
ATOM   356 C C   . LYS A 1 44 ? 0.346   -0.139  3.351   1.000 62.571  0 300 LYS A C   1 ? 1 
ATOM   357 O O   . LYS A 1 44 ? -0.841  -0.304  3.022   1.000 65.603  0 300 LYS A O   1 ? 1 
ATOM   358 C CB  . LYS A 1 44 ? 0.988   -0.555  5.696   1.000 75.760  0 300 LYS A CB  1 ? 1 
ATOM   359 C CG  . LYS A 1 44 ? 1.127   -1.623  6.776   1.000 106.214 0 300 LYS A CG  1 ? 1 
ATOM   360 C CD  . LYS A 1 44 ? 0.624   -1.223  8.168   1.000 121.929 0 300 LYS A CD  1 ? 1 
ATOM   361 C CE  . LYS A 1 44 ? 0.640   -2.377  9.155   1.000 126.614 0 300 LYS A CE  1 ? 1 
ATOM   362 N NZ  . LYS A 1 44 ? 0.602   -1.925  10.568  1.000 131.920 0 300 LYS A NZ  1 ? 1 
ATOM   363 N N   . SER A 1 45 ? 1.031   0.944   3.006   1.000 63.056  0 301 SER A N   1 ? 1 
ATOM   364 C CA  . SER A 1 45 ? 0.394   1.968   2.216   1.000 61.653  0 301 SER A CA  1 ? 1 
ATOM   365 C C   . SER A 1 45 ? 0.184   1.431   0.793   1.000 67.578  0 301 SER A C   1 ? 1 
ATOM   366 O O   . SER A 1 45 ? -0.828  1.695   0.154   1.000 66.607  0 301 SER A O   1 ? 1 
ATOM   367 C CB  . SER A 1 45 ? 1.233   3.210   2.277   1.000 66.957  0 301 SER A CB  1 ? 1 
ATOM   368 O OG  . SER A 1 45 ? 0.589   4.282   1.597   1.000 90.184  0 301 SER A OG  1 ? 1 
ATOM   369 N N   . PHE A 1 46 ? 1.123   0.621   0.294   1.000 57.944  0 302 PHE A N   1 ? 1 
ATOM   370 C CA  . PHE A 1 46 ? 1.002   0.062   -1.051  1.000 60.309  0 302 PHE A CA  1 ? 1 
ATOM   371 C C   . PHE A 1 46 ? -0.153  -0.950  -1.097  1.000 58.420  0 302 PHE A C   1 ? 1 
ATOM   372 O O   . PHE A 1 46 ? -1.004  -0.927  -1.980  1.000 63.474  0 302 PHE A O   1 ? 1 
ATOM   373 C CB  . PHE A 1 46 ? 2.331   -0.600  -1.419  1.000 60.897  0 302 PHE A CB  1 ? 1 
ATOM   374 C CG  . PHE A 1 46 ? 2.271   -1.472  -2.644  1.000 71.131  0 302 PHE A CG  1 ? 1 
ATOM   375 C CD1 . PHE A 1 46 ? 1.862   -2.795  -2.551  1.000 73.907  0 302 PHE A CD1 1 ? 1 
ATOM   376 C CD2 . PHE A 1 46 ? 2.590   -0.951  -3.887  1.000 76.711  0 302 PHE A CD2 1 ? 1 
ATOM   377 C CE1 . PHE A 1 46 ? 1.759   -3.574  -3.693  1.000 79.398  0 302 PHE A CE1 1 ? 1 
ATOM   378 C CE2 . PHE A 1 46 ? 2.479   -1.728  -5.029  1.000 81.694  0 302 PHE A CE2 1 ? 1 
ATOM   379 C CZ  . PHE A 1 46 ? 2.089   -3.041  -4.925  1.000 76.413  0 302 PHE A CZ  1 ? 1 
ATOM   380 N N   . THR A 1 47 ? -0.283  -1.757  -0.054  1.000 61.189  0 303 THR A N   1 ? 1 
ATOM   381 C CA  . THR A 1 47 ? -1.309  -2.779  -0.063  1.000 66.023  0 303 THR A CA  1 ? 1 
ATOM   382 C C   . THR A 1 47 ? -2.687  -2.158  -0.048  1.000 60.188  0 303 THR A C   1 ? 1 
ATOM   383 O O   . THR A 1 47 ? -3.609  -2.669  -0.678  1.000 70.558  0 303 THR A O   1 ? 1 
ATOM   384 C CB  . THR A 1 47 ? -1.240  -3.668  1.166   1.000 68.279  0 303 THR A CB  1 ? 1 
ATOM   385 O OG1 . THR A 1 47 ? 0.126   -4.061  1.134   1.000 68.181  0 303 THR A OG1 1 ? 1 
ATOM   386 C CG2 . THR A 1 47 ? -2.125  -4.889  1.022   1.000 85.574  0 303 THR A CG2 1 ? 1 
ATOM   387 N N   . THR A 1 48 ? -2.793  -1.040  0.656   1.000 64.383  0 304 THR A N   1 ? 1 
ATOM   388 C CA  . THR A 1 48 ? -4.065  -0.376  0.869   1.000 62.828  0 304 THR A CA  1 ? 1 
ATOM   389 C C   . THR A 1 48 ? -4.519  0.173   -0.478  1.000 61.420  0 304 THR A C   1 ? 1 
ATOM   390 O O   . THR A 1 48 ? -5.683  0.066   -0.870  1.000 62.550  0 304 THR A O   1 ? 1 
ATOM   391 C CB  . THR A 1 48 ? -3.875  0.704   1.952   1.000 73.890  0 304 THR A CB  1 ? 1 
ATOM   392 O OG1 . THR A 1 48 ? -3.799  0.014   3.194   1.000 76.960  0 304 THR A OG1 1 ? 1 
ATOM   393 C CG2 . THR A 1 48 ? -4.955  1.755   2.025   1.000 69.474  0 304 THR A CG2 1 ? 1 
ATOM   394 N N   . ASN A 1 49 ? -3.576  0.789   -1.174  1.000 63.952  0 305 ASN A N   1 ? 1 
ATOM   395 C CA  . ASN A 1 49 ? -3.788  1.289   -2.525  1.000 63.768  0 305 ASN A CA  1 ? 1 
ATOM   396 C C   . ASN A 1 49 ? -4.229  0.177   -3.474  1.000 62.510  0 305 ASN A C   1 ? 1 
ATOM   397 O O   . ASN A 1 49 ? -5.145  0.402   -4.252  1.000 60.164  0 305 ASN A O   1 ? 1 
ATOM   398 C CB  . ASN A 1 49 ? -2.429  1.695   -3.104  1.000 79.527  0 305 ASN A CB  1 ? 1 
ATOM   399 C CG  . ASN A 1 49 ? -2.398  3.099   -3.645  1.000 100.388 0 305 ASN A CG  1 ? 1 
ATOM   400 O OD1 . ASN A 1 49 ? -3.081  3.405   -4.625  1.000 104.402 0 305 ASN A OD1 1 ? 1 
ATOM   401 N ND2 . ASN A 1 49 ? -1.596  3.944   -3.009  1.000 102.416 0 305 ASN A ND2 1 ? 1 
ATOM   402 N N   . GLU A 1 50 ? -3.501  -0.973  -3.492  1.000 56.204  0 306 GLU A N   1 ? 1 
ATOM   403 C CA  . GLU A 1 50 ? -3.787  -2.049  -4.446  1.000 61.311  0 306 GLU A CA  1 ? 1 
ATOM   404 C C   . GLU A 1 50 ? -5.169  -2.658  -4.191  1.000 57.273  0 306 GLU A C   1 ? 1 
ATOM   405 O O   . GLU A 1 50 ? -5.918  -2.961  -5.120  1.000 54.692  0 306 GLU A O   1 ? 1 
ATOM   406 C CB  . GLU A 1 50 ? -2.723  -3.156  -4.345  1.000 63.537  0 306 GLU A CB  1 ? 1 
ATOM   407 C CG  . GLU A 1 50 ? -1.324  -2.665  -4.718  1.000 67.171  0 306 GLU A CG  1 ? 1 
ATOM   408 C CD  . GLU A 1 50 ? -1.265  -1.801  -5.985  1.000 91.558  0 306 GLU A CD  1 ? 1 
ATOM   409 O OE1 . GLU A 1 50 ? -1.353  -2.379  -7.089  1.000 94.001  0 306 GLU A OE1 1 ? 1 
ATOM   410 O OE2 . GLU A 1 50 ? -1.140  -0.546  -5.876  1.000 91.594  0 306 GLU A OE2 1 ? 1 
ATOM   411 N N   . LYS A 1 51 ? -5.553  -2.731  -2.912  1.000 57.858  0 307 LYS A N   1 ? 1 
ATOM   412 C CA  . LYS A 1 51 ? -6.861  -3.268  -2.559  1.000 57.491  0 307 LYS A CA  1 ? 1 
ATOM   413 C C   . LYS A 1 51 ? -7.958  -2.328  -3.001  1.000 58.281  0 307 LYS A C   1 ? 1 
ATOM   414 O O   . LYS A 1 51 ? -8.983  -2.789  -3.505  1.000 57.639  0 307 LYS A O   1 ? 1 
ATOM   415 C CB  . LYS A 1 51 ? -6.998  -3.418  -1.049  1.000 63.414  0 307 LYS A CB  1 ? 1 
ATOM   416 C CG  . LYS A 1 51 ? -6.369  -4.665  -0.444  1.000 66.857  0 307 LYS A CG  1 ? 1 
ATOM   417 C CD  . LYS A 1 51 ? -6.535  -4.567  1.076   1.000 77.354  0 307 LYS A CD  1 ? 1 
ATOM   418 C CE  . LYS A 1 51 ? -5.718  -5.538  1.896   1.000 90.012  0 307 LYS A CE  1 ? 1 
ATOM   419 N NZ  . LYS A 1 51 ? -5.877  -5.272  3.355   1.000 100.313 0 307 LYS A NZ  1 ? 1 
ATOM   420 N N   . ALA A 1 52 ? -7.703  -1.010  -2.891  1.000 58.067  0 308 ALA A N   1 ? 1 
ATOM   421 C CA  . ALA A 1 52 ? -8.675  -0.055  -3.396  1.000 57.094  0 308 ALA A CA  1 ? 1 
ATOM   422 C C   . ALA A 1 52 ? -8.827  -0.210  -4.913  1.000 63.213  0 308 ALA A C   1 ? 1 
ATOM   423 O O   . ALA A 1 52 ? -9.927  -0.112  -5.444  1.000 61.084  0 308 ALA A O   1 ? 1 
ATOM   424 C CB  . ALA A 1 52 ? -8.187  1.332   -3.055  1.000 61.963  0 308 ALA A CB  1 ? 1 
ATOM   425 N N   . ILE A 1 53 ? -7.710  -0.434  -5.631  1.000 63.634  0 309 ILE A N   1 ? 1 
ATOM   426 C CA  . ILE A 1 53 ? -7.811  -0.543  -7.080  1.000 61.790  0 309 ILE A CA  1 ? 1 
ATOM   427 C C   . ILE A 1 53 ? -8.513  -1.852  -7.438  1.000 52.535  0 309 ILE A C   1 ? 1 
ATOM   428 O O   . ILE A 1 53 ? -9.313  -1.895  -8.355  1.000 56.728  0 309 ILE A O   1 ? 1 
ATOM   429 C CB  . ILE A 1 53 ? -6.416  -0.444  -7.727  1.000 68.589  0 309 ILE A CB  1 ? 1 
ATOM   430 C CG1 . ILE A 1 53 ? -5.855  0.980   -7.649  1.000 73.104  0 309 ILE A CG1 1 ? 1 
ATOM   431 C CG2 . ILE A 1 53 ? -6.463  -0.960  -9.151  1.000 57.959  0 309 ILE A CG2 1 ? 1 
ATOM   432 C CD1 . ILE A 1 53 ? -4.337  1.040   -7.706  1.000 78.998  0 309 ILE A CD1 1 ? 1 
ATOM   433 N N   . LEU A 1 54 ? -8.214  -2.924  -6.702  1.000 59.773  0 310 LEU A N   1 ? 1 
ATOM   434 C CA  . LEU A 1 54 ? -8.917  -4.180  -6.913  1.000 59.859  0 310 LEU A CA  1 ? 1 
ATOM   435 C C   . LEU A 1 54 ? -10.426 -3.953  -6.785  1.000 61.893  0 310 LEU A C   1 ? 1 
ATOM   436 O O   . LEU A 1 54 ? -11.221 -4.369  -7.638  1.000 56.225  0 310 LEU A O   1 ? 1 
ATOM   437 C CB  . LEU A 1 54 ? -8.422  -5.186  -5.870  1.000 52.009  0 310 LEU A CB  1 ? 1 
ATOM   438 C CG  . LEU A 1 54 ? -9.099  -6.572  -5.908  1.000 65.994  0 310 LEU A CG  1 ? 1 
ATOM   439 C CD1 . LEU A 1 54 ? -8.579  -7.382  -7.101  1.000 60.649  0 310 LEU A CD1 1 ? 1 
ATOM   440 C CD2 . LEU A 1 54 ? -8.766  -7.373  -4.657  1.000 56.857  0 310 LEU A CD2 1 ? 1 
ATOM   441 N N   . GLU A 1 55 ? -10.818 -3.310  -5.684  1.000 61.614  0 311 GLU A N   1 ? 1 
ATOM   442 C CA  . GLU A 1 55 ? -12.229 -3.095  -5.399  1.000 62.066  0 311 GLU A CA  1 ? 1 
ATOM   443 C C   . GLU A 1 55 ? -12.872 -2.289  -6.516  1.000 63.107  0 311 GLU A C   1 ? 1 
ATOM   444 O O   . GLU A 1 55 ? -13.969 -2.607  -6.953  1.000 66.395  0 311 GLU A O   1 ? 1 
ATOM   445 C CB  . GLU A 1 55 ? -12.394 -2.292  -4.104  1.000 69.631  0 311 GLU A CB  1 ? 1 
ATOM   446 C CG  . GLU A 1 55 ? -13.736 -2.523  -3.466  1.000 92.135  0 311 GLU A CG  1 ? 1 
ATOM   447 C CD  . GLU A 1 55 ? -13.982 -4.006  -3.230  1.000 103.289 0 311 GLU A CD  1 ? 1 
ATOM   448 O OE1 . GLU A 1 55 ? -13.097 -4.670  -2.620  1.000 92.631  0 311 GLU A OE1 1 ? 1 
ATOM   449 O OE2 . GLU A 1 55 ? -15.044 -4.498  -3.685  1.000 98.677  0 311 GLU A OE2 1 ? 1 
ATOM   450 N N   . GLN A 1 56 ? -12.184 -1.261  -7.024  1.000 64.213  0 312 GLN A N   1 ? 1 
ATOM   451 C CA  . GLN A 1 56 ? -12.755 -0.528  -8.152  1.000 64.274  0 312 GLN A CA  1 ? 1 
ATOM   452 C C   . GLN A 1 56 ? -12.776 -1.355  -9.456  1.000 57.136  0 312 GLN A C   1 ? 1 
ATOM   453 O O   . GLN A 1 56 ? -13.685 -1.228  -10.271 1.000 59.440  0 312 GLN A O   1 ? 1 
ATOM   454 C CB  . GLN A 1 56 ? -12.070 0.834   -8.303  1.000 61.726  0 312 GLN A CB  1 ? 1 
ATOM   455 C CG  . GLN A 1 56 ? -12.701 1.703   -9.398  1.000 77.365  0 312 GLN A CG  1 ? 1 
ATOM   456 C CD  . GLN A 1 56 ? -14.145 2.060   -9.090  1.000 94.478  0 312 GLN A CD  1 ? 1 
ATOM   457 O OE1 . GLN A 1 56 ? -14.498 2.398   -7.956  1.000 88.037  0 312 GLN A OE1 1 ? 1 
ATOM   458 N NE2 . GLN A 1 56 ? -15.012 1.951   -10.090 1.000 85.724  0 312 GLN A NE2 1 ? 1 
ATOM   459 N N   . ASN A 1 57 ? -11.790 -2.218  -9.702  1.000 56.278  0 313 ASN A N   1 ? 1 
ATOM   460 C CA  . ASN A 1 57 ? -11.885 -3.087  -10.881 1.000 58.774  0 313 ASN A CA  1 ? 1 
ATOM   461 C C   . ASN A 1 57 ? -13.132 -3.981  -10.823 1.000 58.263  0 313 ASN A C   1 ? 1 
ATOM   462 O O   . ASN A 1 57 ? -13.850 -4.178  -11.817 1.000 55.691  0 313 ASN A O   1 ? 1 
ATOM   463 C CB  . ASN A 1 57 ? -10.620 -3.957  -11.017 1.000 57.150  0 313 ASN A CB  1 ? 1 
ATOM   464 C CG  . ASN A 1 57 ? -9.429  -3.149  -11.504 1.000 67.652  0 313 ASN A CG  1 ? 1 
ATOM   465 O OD1 . ASN A 1 57 ? -9.530  -1.936  -11.711 1.000 67.276  0 313 ASN A OD1 1 ? 1 
ATOM   466 N ND2 . ASN A 1 57 ? -8.267  -3.774  -11.576 1.000 67.713  0 313 ASN A ND2 1 ? 1 
ATOM   467 N N   . PHE A 1 58 ? -13.400 -4.508  -9.619  1.000 55.615  0 314 PHE A N   1 ? 1 
ATOM   468 C CA  . PHE A 1 58 ? -14.484 -5.442  -9.406  1.000 55.716  0 314 PHE A CA  1 ? 1 
ATOM   469 C C   . PHE A 1 58 ? -15.800 -4.749  -9.726  1.000 54.113  0 314 PHE A C   1 ? 1 
ATOM   470 O O   . PHE A 1 58 ? -16.655 -5.297  -10.424 1.000 57.960  0 314 PHE A O   1 ? 1 
ATOM   471 C CB  . PHE A 1 58 ? -14.379 -6.057  -7.992  1.000 62.143  0 314 PHE A CB  1 ? 1 
ATOM   472 C CG  . PHE A 1 58 ? -15.553 -6.932  -7.629  1.000 66.511  0 314 PHE A CG  1 ? 1 
ATOM   473 C CD1 . PHE A 1 58 ? -15.641 -8.236  -8.089  1.000 67.352  0 314 PHE A CD1 1 ? 1 
ATOM   474 C CD2 . PHE A 1 58 ? -16.630 -6.418  -6.909  1.000 75.273  0 314 PHE A CD2 1 ? 1 
ATOM   475 C CE1 . PHE A 1 58 ? -16.777 -9.004  -7.836  1.000 67.134  0 314 PHE A CE1 1 ? 1 
ATOM   476 C CE2 . PHE A 1 58 ? -17.742 -7.198  -6.608  1.000 72.125  0 314 PHE A CE2 1 ? 1 
ATOM   477 C CZ  . PHE A 1 58 ? -17.798 -8.501  -7.056  1.000 73.260  0 314 PHE A CZ  1 ? 1 
ATOM   478 N N   . ARG A 1 59 ? -15.966 -3.536  -9.196  1.000 51.460  0 315 ARG A N   1 ? 1 
ATOM   479 C CA  . ARG A 1 59 ? -17.169 -2.763  -9.436  1.000 61.751  0 315 ARG A CA  1 ? 1 
ATOM   480 C C   . ARG A 1 59 ? -17.335 -2.418  -10.904 1.000 66.257  0 315 ARG A C   1 ? 1 
ATOM   481 O O   . ARG A 1 59 ? -18.462 -2.464  -11.394 1.000 64.697  0 315 ARG A O   1 ? 1 
ATOM   482 C CB  . ARG A 1 59 ? -17.248 -1.464  -8.627  1.000 63.664  0 315 ARG A CB  1 ? 1 
ATOM   483 C CG  . ARG A 1 59 ? -17.124 -1.648  -7.120  1.000 70.429  0 315 ARG A CG  1 ? 1 
ATOM   484 C CD  . ARG A 1 59 ? -17.482 -0.257  -6.597  1.000 89.698  0 315 ARG A CD  1 ? 1 
ATOM   485 N NE  . ARG A 1 59 ? -16.988 -0.069  -5.247  1.000 100.920 0 315 ARG A NE  1 ? 1 
ATOM   486 C CZ  . ARG A 1 59 ? -17.440 -0.722  -4.179  1.000 113.407 0 315 ARG A CZ  1 ? 1 
ATOM   487 N NH1 . ARG A 1 59 ? -18.404 -1.618  -4.302  1.000 121.958 0 315 ARG A NH1 1 ? 1 
ATOM   488 N NH2 . ARG A 1 59 ? -16.917 -0.482  -2.988  1.000 107.844 0 315 ARG A NH2 1 ? 1 
ATOM   489 N N   . ASP A 1 60 ? -16.239 -2.048  -11.595 1.000 69.226  0 316 ASP A N   1 ? 1 
ATOM   490 C CA  . ASP A 1 60 ? -16.371 -1.807  -13.032 1.000 65.225  0 316 ASP A CA  1 ? 1 
ATOM   491 C C   . ASP A 1 60 ? -16.729 -3.115  -13.744 1.000 59.110  0 316 ASP A C   1 ? 1 
ATOM   492 O O   . ASP A 1 60 ? -17.516 -3.117  -14.662 1.000 60.810  0 316 ASP A O   1 ? 1 
ATOM   493 C CB  . ASP A 1 60 ? -15.108 -1.199  -13.652 1.000 74.756  0 316 ASP A CB  1 ? 1 
ATOM   494 C CG  . ASP A 1 60 ? -14.639 0.097   -12.991 1.000 94.376  0 316 ASP A CG  1 ? 1 
ATOM   495 O OD1 . ASP A 1 60 ? -15.498 0.820   -12.450 1.000 105.785 0 316 ASP A OD1 1 ? 1 
ATOM   496 O OD2 . ASP A 1 60 ? -13.404 0.379   -13.024 1.000 100.019 0 316 ASP A OD2 1 ? 1 
ATOM   497 N N   . LEU A 1 61 ? -16.106 -4.242  -13.368 1.000 57.623  0 317 LEU A N   1 ? 1 
ATOM   498 C CA  . LEU A 1 61 ? -16.447 -5.497  -14.022 1.000 59.914  0 317 LEU A CA  1 ? 1 
ATOM   499 C C   . LEU A 1 61 ? -17.939 -5.802  -13.835 1.000 65.130  0 317 LEU A C   1 ? 1 
ATOM   500 O O   . LEU A 1 61 ? -18.652 -6.058  -14.811 1.000 59.899  0 317 LEU A O   1 ? 1 
ATOM   501 C CB  . LEU A 1 61 ? -15.545 -6.581  -13.406 1.000 69.609  0 317 LEU A CB  1 ? 1 
ATOM   502 C CG  . LEU A 1 61 ? -15.748 -8.023  -13.864 1.000 70.968  0 317 LEU A CG  1 ? 1 
ATOM   503 C CD1 . LEU A 1 61 ? -15.635 -8.169  -15.379 1.000 72.649  0 317 LEU A CD1 1 ? 1 
ATOM   504 C CD2 . LEU A 1 61 ? -14.737 -8.917  -13.180 1.000 72.821  0 317 LEU A CD2 1 ? 1 
ATOM   505 N N   . VAL A 1 62 ? -18.451 -5.676  -12.598 1.000 53.384  0 318 VAL A N   1 ? 1 
ATOM   506 C CA  . VAL A 1 62 ? -19.837 -6.066  -12.367 1.000 54.578  0 318 VAL A CA  1 ? 1 
ATOM   507 C C   . VAL A 1 62 ? -20.758 -5.183  -13.198 1.000 56.824  0 318 VAL A C   1 ? 1 
ATOM   508 O O   . VAL A 1 62 ? -21.701 -5.670  -13.811 1.000 63.219  0 318 VAL A O   1 ? 1 
ATOM   509 C CB  . VAL A 1 62 ? -20.212 -6.011  -10.865 1.000 55.600  0 318 VAL A CB  1 ? 1 
ATOM   510 C CG1 . VAL A 1 62 ? -21.711 -6.203  -10.669 1.000 69.153  0 318 VAL A CG1 1 ? 1 
ATOM   511 C CG2 . VAL A 1 62 ? -19.453 -7.082  -10.101 1.000 59.997  0 318 VAL A CG2 1 ? 1 
ATOM   512 N N   . ARG A 1 63 ? -20.510 -3.866  -13.170 1.000 63.181  0 319 ARG A N   1 ? 1 
ATOM   513 C CA  . ARG A 1 63 ? -21.273 -2.933  -13.987 1.000 59.119  0 319 ARG A CA  1 ? 1 
ATOM   514 C C   . ARG A 1 63 ? -21.217 -3.317  -15.475 1.000 61.249  0 319 ARG A C   1 ? 1 
ATOM   515 O O   . ARG A 1 63 ? -22.213 -3.247  -16.183 1.000 64.056  0 319 ARG A O   1 ? 1 
ATOM   516 C CB  . ARG A 1 63 ? -20.719 -1.526  -13.748 1.000 73.067  0 319 ARG A CB  1 ? 1 
ATOM   517 C CG  . ARG A 1 63 ? -21.235 -0.455  -14.702 1.000 88.321  0 319 ARG A CG  1 ? 1 
ATOM   518 C CD  . ARG A 1 63 ? -21.055 0.933   -14.110 1.000 98.773  0 319 ARG A CD  1 ? 1 
ATOM   519 N NE  . ARG A 1 63 ? -19.827 1.612   -14.506 1.000 120.463 0 319 ARG A NE  1 ? 1 
ATOM   520 C CZ  . ARG A 1 63 ? -18.811 1.921   -13.697 1.000 133.324 0 319 ARG A CZ  1 ? 1 
ATOM   521 N NH1 . ARG A 1 63 ? -18.856 1.620   -12.408 1.000 137.384 0 319 ARG A NH1 1 ? 1 
ATOM   522 N NH2 . ARG A 1 63 ? -17.754 2.550   -14.182 1.000 137.839 0 319 ARG A NH2 1 ? 1 
ATOM   523 N N   . GLU A 1 64 ? -20.041 -3.690  -15.996 1.000 60.173  0 320 GLU A N   1 ? 1 
ATOM   524 C CA  . GLU A 1 64 ? -20.004 -4.042  -17.407 1.000 65.426  0 320 GLU A CA  1 ? 1 
ATOM   525 C C   . GLU A 1 64 ? -20.838 -5.306  -17.665 1.000 72.265  0 320 GLU A C   1 ? 1 
ATOM   526 O O   . GLU A 1 64 ? -21.445 -5.424  -18.731 1.000 68.182  0 320 GLU A O   1 ? 1 
ATOM   527 C CB  . GLU A 1 64 ? -18.560 -4.209  -17.898 1.000 69.663  0 320 GLU A CB  1 ? 1 
ATOM   528 C CG  . GLU A 1 64 ? -18.436 -4.498  -19.394 1.000 70.177  0 320 GLU A CG  1 ? 1 
ATOM   529 C CD  . GLU A 1 64 ? -19.318 -3.719  -20.383 1.000 80.067  0 320 GLU A CD  1 ? 1 
ATOM   530 O OE1 . GLU A 1 64 ? -19.738 -4.342  -21.401 1.000 79.127  0 320 GLU A OE1 1 ? 1 
ATOM   531 O OE2 . GLU A 1 64 ? -19.602 -2.491  -20.156 1.000 80.559  0 320 GLU A OE2 1 ? 1 
ATOM   532 N N   . LEU A 1 65 ? -20.883 -6.241  -16.694 1.000 64.839  0 321 LEU A N   1 ? 1 
ATOM   533 C CA  . LEU A 1 65 ? -21.527 -7.531  -16.938 1.000 63.535  0 321 LEU A CA  1 ? 1 
ATOM   534 C C   . LEU A 1 65 ? -23.031 -7.359  -16.823 1.000 59.481  0 321 LEU A C   1 ? 1 
ATOM   535 O O   . LEU A 1 65 ? -23.795 -7.959  -17.574 1.000 66.991  0 321 LEU A O   1 ? 1 
ATOM   536 C CB  . LEU A 1 65 ? -21.061 -8.589  -15.931 1.000 62.226  0 321 LEU A CB  1 ? 1 
ATOM   537 C CG  . LEU A 1 65 ? -19.611 -9.072  -16.017 1.000 69.733  0 321 LEU A CG  1 ? 1 
ATOM   538 C CD1 . LEU A 1 65 ? -19.257 -9.773  -14.700 1.000 74.823  0 321 LEU A CD1 1 ? 1 
ATOM   539 C CD2 . LEU A 1 65 ? -19.413 -10.043 -17.194 1.000 80.126  0 321 LEU A CD2 1 ? 1 
ATOM   540 N N   . GLU A 1 66 ? -23.441 -6.538  -15.858 1.000 64.419  0 322 GLU A N   1 ? 1 
ATOM   541 C CA  . GLU A 1 66 ? -24.833 -6.183  -15.718 1.000 68.240  0 322 GLU A CA  1 ? 1 
ATOM   542 C C   . GLU A 1 66 ? -25.287 -5.548  -17.033 1.000 74.215  0 322 GLU A C   1 ? 1 
ATOM   543 O O   . GLU A 1 66 ? -26.313 -5.926  -17.580 1.000 68.690  0 322 GLU A O   1 ? 1 
ATOM   544 C CB  . GLU A 1 66 ? -24.984 -5.270  -14.495 1.000 75.952  0 322 GLU A CB  1 ? 1 
ATOM   545 C CG  . GLU A 1 66 ? -26.378 -4.699  -14.315 1.000 102.517 0 322 GLU A CG  1 ? 1 
ATOM   546 C CD  . GLU A 1 66 ? -27.413 -5.627  -13.691 1.000 133.124 0 322 GLU A CD  1 ? 1 
ATOM   547 O OE1 . GLU A 1 66 ? -27.017 -6.675  -13.142 1.000 141.905 0 322 GLU A OE1 1 ? 1 
ATOM   548 O OE2 . GLU A 1 66 ? -28.623 -5.296  -13.745 1.000 145.714 0 322 GLU A OE2 1 ? 1 
ATOM   549 N N   . LYS A 1 67 ? -24.493 -4.621  -17.582 1.000 63.539  0 323 LYS A N   1 ? 1 
ATOM   550 C CA  . LYS A 1 67 ? -24.878 -4.035  -18.861 1.000 67.448  0 323 LYS A CA  1 ? 1 
ATOM   551 C C   . LYS A 1 67 ? -24.955 -5.092  -19.969 1.000 66.436  0 323 LYS A C   1 ? 1 
ATOM   552 O O   . LYS A 1 67 ? -25.873 -5.064  -20.778 1.000 66.367  0 323 LYS A O   1 ? 1 
ATOM   553 C CB  . LYS A 1 67 ? -24.012 -2.823  -19.215 1.000 70.138  0 323 LYS A CB  1 ? 1 
ATOM   554 C CG  . LYS A 1 67 ? -24.509 -1.969  -20.365 1.000 92.735  0 323 LYS A CG  1 ? 1 
ATOM   555 C CD  . LYS A 1 67 ? -23.450 -1.048  -20.969 1.000 111.786 0 323 LYS A CD  1 ? 1 
ATOM   556 C CE  . LYS A 1 67 ? -22.498 -0.426  -19.967 1.000 116.588 0 323 LYS A CE  1 ? 1 
ATOM   557 N NZ  . LYS A 1 67 ? -21.169 -0.155  -20.579 1.000 121.561 0 323 LYS A NZ  1 ? 1 
ATOM   558 N N   . GLN A 1 68 ? -24.052 -6.072  -19.996 1.000 63.610  0 324 GLN A N   1 ? 1 
ATOM   559 C CA  . GLN A 1 68 ? -24.149 -7.102  -21.018 1.000 69.623  0 324 GLN A CA  1 ? 1 
ATOM   560 C C   . GLN A 1 68 ? -25.409 -7.957  -20.809 1.000 76.305  0 324 GLN A C   1 ? 1 
ATOM   561 O O   . GLN A 1 68 ? -26.051 -8.380  -21.784 1.000 62.770  0 324 GLN A O   1 ? 1 
ATOM   562 C CB  . GLN A 1 68 ? -22.880 -7.968  -21.046 1.000 74.233  0 324 GLN A CB  1 ? 1 
ATOM   563 C CG  . GLN A 1 68 ? -21.654 -7.242  -21.595 1.000 90.949  0 324 GLN A CG  1 ? 1 
ATOM   564 C CD  . GLN A 1 68 ? -20.337 -7.963  -21.417 1.000 84.738  0 324 GLN A CD  1 ? 1 
ATOM   565 O OE1 . GLN A 1 68 ? -20.274 -9.161  -21.108 1.000 89.855  0 324 GLN A OE1 1 ? 1 
ATOM   566 N NE2 . GLN A 1 68 ? -19.261 -7.207  -21.571 1.000 90.089  0 324 GLN A NE2 1 ? 1 
ATOM   567 N N   . LYS A 1 69 ? -25.785 -8.174  -19.537 1.000 64.943  0 325 LYS A N   1 ? 1 
ATOM   568 C CA  . LYS A 1 69 ? -26.929 -9.025  -19.249 1.000 64.121  0 325 LYS A CA  1 ? 1 
ATOM   569 C C   . LYS A 1 69 ? -28.171 -8.384  -19.847 1.000 61.947  0 325 LYS A C   1 ? 1 
ATOM   570 O O   . LYS A 1 69 ? -29.031 -9.083  -20.401 1.000 69.217  0 325 LYS A O   1 ? 1 
ATOM   571 C CB  . LYS A 1 69 ? -27.046 -9.355  -17.745 1.000 63.946  0 325 LYS A CB  1 ? 1 
ATOM   572 C CG  . LYS A 1 69 ? -28.355 -10.035 -17.351 1.000 76.520  0 325 LYS A CG  1 ? 1 
ATOM   573 C CD  . LYS A 1 69 ? -28.585 -10.154 -15.875 1.000 81.242  0 325 LYS A CD  1 ? 1 
ATOM   574 C CE  . LYS A 1 69 ? -28.810 -8.813  -15.221 1.000 81.286  0 325 LYS A CE  1 ? 1 
ATOM   575 N NZ  . LYS A 1 69 ? -30.118 -8.284  -15.658 1.000 85.285  0 325 LYS A NZ  1 ? 1 
ATOM   576 N N   . GLU A 1 70 ? -28.209 -7.041  -19.765 1.000 63.483  0 326 GLU A N   1 ? 1 
ATOM   577 C CA  . GLU A 1 70 ? -29.329 -6.202  -20.188 1.000 72.043  0 326 GLU A CA  1 ? 1 
ATOM   578 C C   . GLU A 1 70 ? -29.518 -6.257  -21.703 1.000 73.373  0 326 GLU A C   1 ? 1 
ATOM   579 O O   . GLU A 1 70 ? -30.646 -6.301  -22.201 1.000 75.753  0 326 GLU A O   1 ? 1 
ATOM   580 C CB  . GLU A 1 70 ? -29.065 -4.767  -19.750 1.000 82.997  0 326 GLU A CB  1 ? 1 
ATOM   581 C CG  . GLU A 1 70 ? -29.969 -4.251  -18.643 1.000 115.692 0 326 GLU A CG  1 ? 1 
ATOM   582 C CD  . GLU A 1 70 ? -30.169 -5.118  -17.414 1.000 128.393 0 326 GLU A CD  1 ? 1 
ATOM   583 O OE1 . GLU A 1 70 ? -29.999 -4.588  -16.289 1.000 140.782 0 326 GLU A OE1 1 ? 1 
ATOM   584 O OE2 . GLU A 1 70 ? -30.534 -6.302  -17.580 1.000 136.153 0 326 GLU A OE2 1 ? 1 
ATOM   585 N N   . GLU A 1 71 ? -28.389 -6.284  -22.422 1.000 71.277  0 327 GLU A N   1 ? 1 
ATOM   586 C CA  . GLU A 1 71 ? -28.358 -6.461  -23.860 1.000 85.177  0 327 GLU A CA  1 ? 1 
ATOM   587 C C   . GLU A 1 71 ? -28.899 -7.845  -24.228 1.000 72.512  0 327 GLU A C   1 ? 1 
ATOM   588 O O   . GLU A 1 71 ? -29.648 -7.984  -25.180 1.000 75.657  0 327 GLU A O   1 ? 1 
ATOM   589 C CB  . GLU A 1 71 ? -26.961 -6.129  -24.407 1.000 83.719  0 327 GLU A CB  1 ? 1 
ATOM   590 C CG  . GLU A 1 71 ? -26.721 -4.626  -24.547 1.000 100.577 0 327 GLU A CG  1 ? 1 
ATOM   591 C CD  . GLU A 1 71 ? -25.353 -4.075  -24.133 1.000 131.432 0 327 GLU A CD  1 ? 1 
ATOM   592 O OE1 . GLU A 1 71 ? -24.319 -4.593  -24.623 1.000 135.760 0 327 GLU A OE1 1 ? 1 
ATOM   593 O OE2 . GLU A 1 71 ? -25.311 -3.120  -23.313 1.000 128.193 0 327 GLU A OE2 1 ? 1 
ATOM   594 N N   . VAL A 1 72 ? -28.492 -8.890  -23.509 1.000 70.813  0 328 VAL A N   1 ? 1 
ATOM   595 C CA  . VAL A 1 72 ? -28.972 -10.233 -23.833 1.000 67.070  0 328 VAL A CA  1 ? 1 
ATOM   596 C C   . VAL A 1 72 ? -30.485 -10.296 -23.550 1.000 62.513  0 328 VAL A C   1 ? 1 
ATOM   597 O O   . VAL A 1 72 ? -31.263 -10.741 -24.383 1.000 68.683  0 328 VAL A O   1 ? 1 
ATOM   598 C CB  . VAL A 1 72 ? -28.131 -11.299 -23.085 1.000 73.198  0 328 VAL A CB  1 ? 1 
ATOM   599 C CG1 . VAL A 1 72 ? -28.648 -12.726 -23.248 1.000 61.377  0 328 VAL A CG1 1 ? 1 
ATOM   600 C CG2 . VAL A 1 72 ? -26.667 -11.219 -23.509 1.000 63.822  0 328 VAL A CG2 1 ? 1 
ATOM   601 N N   . ARG A 1 73 ? -30.928 -9.689  -22.443 1.000 56.862  0 329 ARG A N   1 ? 1 
ATOM   602 C CA  . ARG A 1 73 ? -32.334 -9.729  -22.089 1.000 58.059  0 329 ARG A CA  1 ? 1 
ATOM   603 C C   . ARG A 1 73 ? -33.189 -9.072  -23.182 1.000 75.522  0 329 ARG A C   1 ? 1 
ATOM   604 O O   . ARG A 1 73 ? -34.221 -9.626  -23.608 1.000 73.312  0 329 ARG A O   1 ? 1 
ATOM   605 C CB  . ARG A 1 73 ? -32.435 -9.111  -20.696 1.000 59.714  0 329 ARG A CB  1 ? 1 
ATOM   606 C CG  . ARG A 1 73 ? -33.839 -8.735  -20.242 1.000 78.489  0 329 ARG A CG  1 ? 1 
ATOM   607 C CD  . ARG A 1 73 ? -33.843 -8.508  -18.731 1.000 68.790  0 329 ARG A CD  1 ? 1 
ATOM   608 N NE  . ARG A 1 73 ? -35.235 -8.413  -18.361 1.000 87.495  0 329 ARG A NE  1 ? 1 
ATOM   609 C CZ  . ARG A 1 73 ? -35.861 -9.300  -17.602 1.000 93.362  0 329 ARG A CZ  1 ? 1 
ATOM   610 N NH1 . ARG A 1 73 ? -35.205 -10.352 -17.146 1.000 79.325  0 329 ARG A NH1 1 ? 1 
ATOM   611 N NH2 . ARG A 1 73 ? -37.143 -9.140  -17.316 1.000 97.846  0 329 ARG A NH2 1 ? 1 
ATOM   612 N N   . ALA A 1 74 ? -32.747 -7.899  -23.669 1.000 69.926  0 330 ALA A N   1 ? 1 
ATOM   613 C CA  . ALA A 1 74 ? -33.511 -7.165  -24.675 1.000 65.374  0 330 ALA A CA  1 ? 1 
ATOM   614 C C   . ALA A 1 74 ? -33.412 -7.871  -26.027 1.000 69.651  0 330 ALA A C   1 ? 1 
ATOM   615 O O   . ALA A 1 74 ? -34.372 -7.901  -26.787 1.000 88.023  0 330 ALA A O   1 ? 1 
ATOM   616 C CB  . ALA A 1 74 ? -33.046 -5.714  -24.739 1.000 68.990  0 330 ALA A CB  1 ? 1 
ATOM   617 N N   . ALA A 1 75 ? -32.272 -8.487  -26.327 1.000 63.542  0 331 ALA A N   1 ? 1 
ATOM   618 C CA  . ALA A 1 75 ? -32.236 -9.413  -27.447 1.000 67.213  0 331 ALA A CA  1 ? 1 
ATOM   619 C C   . ALA A 1 75 ? -33.291 -10.520 -27.287 1.000 81.043  0 331 ALA A C   1 ? 1 
ATOM   620 O O   . ALA A 1 75 ? -34.018 -10.783 -28.237 1.000 84.622  0 331 ALA A O   1 ? 1 
ATOM   621 C CB  . ALA A 1 75 ? -30.841 -9.991  -27.595 1.000 69.702  0 331 ALA A CB  1 ? 1 
ATOM   622 N N   . LEU A 1 76 ? -33.372 -11.197 -26.119 1.000 76.274  0 332 LEU A N   1 ? 1 
ATOM   623 C CA  . LEU A 1 76 ? -34.363 -12.264 -25.939 1.000 76.828  0 332 LEU A CA  1 ? 1 
ATOM   624 C C   . LEU A 1 76 ? -35.771 -11.734 -26.225 1.000 79.608  0 332 LEU A C   1 ? 1 
ATOM   625 O O   . LEU A 1 76 ? -36.564 -12.435 -26.831 1.000 70.562  0 332 LEU A O   1 ? 1 
ATOM   626 C CB  . LEU A 1 76 ? -34.347 -12.850 -24.522 1.000 73.937  0 332 LEU A CB  1 ? 1 
ATOM   627 C CG  . LEU A 1 76 ? -33.065 -13.551 -24.054 1.000 70.093  0 332 LEU A CG  1 ? 1 
ATOM   628 C CD1 . LEU A 1 76 ? -33.173 -13.913 -22.578 1.000 61.335  0 332 LEU A CD1 1 ? 1 
ATOM   629 C CD2 . LEU A 1 76 ? -32.781 -14.793 -24.885 1.000 67.597  0 332 LEU A CD2 1 ? 1 
ATOM   630 N N   . GLU A 1 77 ? -36.069 -10.504 -25.783 1.000 69.706  0 333 GLU A N   1 ? 1 
ATOM   631 C CA  . GLU A 1 77 ? -37.387 -9.913  -25.945 1.000 86.857  0 333 GLU A CA  1 ? 1 
ATOM   632 C C   . GLU A 1 77 ? -37.675 -9.519  -27.394 1.000 100.113 0 333 GLU A C   1 ? 1 
ATOM   633 O O   . GLU A 1 77 ? -38.831 -9.360  -27.762 1.000 104.564 0 333 GLU A O   1 ? 1 
ATOM   634 C CB  . GLU A 1 77 ? -37.534 -8.681  -25.056 1.000 80.289  0 333 GLU A CB  1 ? 1 
ATOM   635 C CG  . GLU A 1 77 ? -37.965 -9.044  -23.653 1.000 80.892  0 333 GLU A CG  1 ? 1 
ATOM   636 C CD  . GLU A 1 77 ? -37.516 -8.060  -22.580 1.000 102.131 0 333 GLU A CD  1 ? 1 
ATOM   637 O OE1 . GLU A 1 77 ? -36.619 -7.240  -22.870 1.000 128.516 0 333 GLU A OE1 1 ? 1 
ATOM   638 O OE2 . GLU A 1 77 ? -38.038 -8.131  -21.444 1.000 101.113 0 333 GLU A OE2 1 ? 1 
ATOM   639 N N   . GLN A 1 78 ? -36.628 -9.346  -28.210 1.000 102.386 0 334 GLN A N   1 ? 1 
ATOM   640 C CA  . GLN A 1 78 ? -36.835 -8.943  -29.587 1.000 106.612 0 334 GLN A CA  1 ? 1 
ATOM   641 C C   . GLN A 1 78 ? -36.998 -10.184 -30.452 1.000 102.080 0 334 GLN A C   1 ? 1 
ATOM   642 O O   . GLN A 1 78 ? -37.734 -10.147 -31.427 1.000 117.859 0 334 GLN A O   1 ? 1 
ATOM   643 C CB  . GLN A 1 78 ? -35.737 -8.016  -30.128 1.000 111.198 0 334 GLN A CB  1 ? 1 
ATOM   644 C CG  . GLN A 1 78 ? -36.225 -6.595  -30.431 1.000 125.660 0 334 GLN A CG  1 ? 1 
ATOM   645 C CD  . GLN A 1 78 ? -37.357 -6.520  -31.436 1.000 136.552 0 334 GLN A CD  1 ? 1 
ATOM   646 O OE1 . GLN A 1 78 ? -38.367 -5.847  -31.220 1.000 128.332 0 334 GLN A OE1 1 ? 1 
ATOM   647 N NE2 . GLN A 1 78 ? -37.215 -7.227  -32.550 1.000 129.822 0 334 GLN A NE2 1 ? 1 
ATOM   648 N N   . ARG A 1 79 ? -36.285 -11.261 -30.118 1.000 91.173  0 335 ARG A N   1 ? 1 
ATOM   649 C CA  . ARG A 1 79 ? -36.547 -12.527 -30.773 1.000 91.451  0 335 ARG A CA  1 ? 1 
ATOM   650 C C   . ARG A 1 79 ? -37.957 -12.977 -30.399 1.000 96.288  0 335 ARG A C   1 ? 1 
ATOM   651 O O   . ARG A 1 79 ? -38.557 -13.786 -31.110 1.000 104.635 0 335 ARG A O   1 ? 1 
ATOM   652 C CB  . ARG A 1 79 ? -35.498 -13.581 -30.404 1.000 93.766  0 335 ARG A CB  1 ? 1 
ATOM   653 C CG  . ARG A 1 79 ? -34.442 -13.796 -31.479 1.000 107.361 0 335 ARG A CG  1 ? 1 
ATOM   654 C CD  . ARG A 1 79 ? -33.029 -13.854 -30.926 1.000 108.399 0 335 ARG A CD  1 ? 1 
ATOM   655 N NE  . ARG A 1 79 ? -32.294 -15.024 -31.393 1.000 123.432 0 335 ARG A NE  1 ? 1 
ATOM   656 C CZ  . ARG A 1 79 ? -32.310 -16.215 -30.795 1.000 130.716 0 335 ARG A CZ  1 ? 1 
ATOM   657 N NH1 . ARG A 1 79 ? -33.031 -16.402 -29.700 1.000 137.083 0 335 ARG A NH1 1 ? 1 
ATOM   658 N NH2 . ARG A 1 79 ? -31.612 -17.220 -31.298 1.000 129.065 0 335 ARG A NH2 1 ? 1 
ATOM   659 N N   . GLU A 1 80 ? -38.474 -12.452 -29.276 1.000 84.342  0 336 GLU A N   1 ? 1 
ATOM   660 C CA  . GLU A 1 80 ? -39.751 -12.940 -28.789 1.000 93.570  0 336 GLU A CA  1 ? 1 
ATOM   661 C C   . GLU A 1 80 ? -40.865 -12.349 -29.642 1.000 91.550  0 336 GLU A C   1 ? 1 
ATOM   662 O O   . GLU A 1 80 ? -41.619 -13.110 -30.238 1.000 87.950  0 336 GLU A O   1 ? 1 
ATOM   663 C CB  . GLU A 1 80 ? -39.977 -12.639 -27.313 1.000 85.325  0 336 GLU A CB  1 ? 1 
ATOM   664 C CG  . GLU A 1 80 ? -41.248 -13.273 -26.779 1.000 89.587  0 336 GLU A CG  1 ? 1 
ATOM   665 C CD  . GLU A 1 80 ? -41.795 -12.595 -25.540 1.000 97.135  0 336 GLU A CD  1 ? 1 
ATOM   666 O OE1 . GLU A 1 80 ? -42.575 -13.232 -24.825 1.000 112.464 0 336 GLU A OE1 1 ? 1 
ATOM   667 O OE2 . GLU A 1 80 ? -41.431 -11.425 -25.298 1.000 121.301 0 336 GLU A OE2 1 ? 1 
ATOM   668 N N   . GLN A 1 81 ? -40.925 -11.008 -29.698 1.000 104.137 0 337 GLN A N   1 ? 1 
ATOM   669 C CA  . GLN A 1 81 ? -41.906 -10.272 -30.485 1.000 105.715 0 337 GLN A CA  1 ? 1 
ATOM   670 C C   . GLN A 1 81 ? -41.778 -10.633 -31.962 1.000 107.146 0 337 GLN A C   1 ? 1 
ATOM   671 O O   . GLN A 1 81 ? -42.785 -10.816 -32.638 1.000 109.506 0 337 GLN A O   1 ? 1 
ATOM   672 C CB  . GLN A 1 81 ? -41.805 -8.772  -30.228 1.000 106.131 0 337 GLN A CB  1 ? 1 
ATOM   673 C CG  . GLN A 1 81 ? -42.383 -8.367  -28.883 1.000 118.003 0 337 GLN A CG  1 ? 1 
ATOM   674 C CD  . GLN A 1 81 ? -42.849 -6.930  -28.852 1.000 132.446 0 337 GLN A CD  1 ? 1 
ATOM   675 O OE1 . GLN A 1 81 ? -44.034 -6.650  -28.665 1.000 133.471 0 337 GLN A OE1 1 ? 1 
ATOM   676 N NE2 . GLN A 1 81 ? -41.920 -6.004  -29.035 1.000 130.028 0 337 GLN A NE2 1 ? 1 
ATOM   677 N N   . ASP A 1 82 ? -40.540 -10.770 -32.446 1.000 103.773 0 338 ASP A N   1 ? 1 
ATOM   678 C CA  . ASP A 1 82 ? -40.312 -11.226 -33.810 1.000 111.547 0 338 ASP A CA  1 ? 1 
ATOM   679 C C   . ASP A 1 82 ? -41.056 -12.536 -34.048 1.000 112.529 0 338 ASP A C   1 ? 1 
ATOM   680 O O   . ASP A 1 82 ? -41.651 -12.716 -35.105 1.000 120.408 0 338 ASP A O   1 ? 1 
ATOM   681 C CB  . ASP A 1 82 ? -38.829 -11.391 -34.165 1.000 104.846 0 338 ASP A CB  1 ? 1 
ATOM   682 C CG  . ASP A 1 82 ? -38.145 -10.099 -34.608 1.000 129.668 0 338 ASP A CG  1 ? 1 
ATOM   683 O OD1 . ASP A 1 82 ? -38.590 -9.010  -34.169 1.000 118.606 0 338 ASP A OD1 1 ? 1 
ATOM   684 O OD2 . ASP A 1 82 ? -37.163 -10.185 -35.388 1.000 138.014 0 338 ASP A OD2 1 ? 1 
ATOM   685 N N   . ALA A 1 83 ? -41.010 -13.440 -33.063 1.000 101.415 0 339 ALA A N   1 ? 1 
ATOM   686 C CA  . ALA A 1 83 ? -41.506 -14.788 -33.284 1.000 102.814 0 339 ALA A CA  1 ? 1 
ATOM   687 C C   . ALA A 1 83 ? -43.034 -14.802 -33.197 1.000 97.898  0 339 ALA A C   1 ? 1 
ATOM   688 O O   . ALA A 1 83 ? -43.694 -15.512 -33.953 1.000 96.624  0 339 ALA A O   1 ? 1 
ATOM   689 C CB  . ALA A 1 83 ? -40.867 -15.752 -32.320 1.000 111.248 0 339 ALA A CB  1 ? 1 
ATOM   690 N N   . VAL A 1 84 ? -43.569 -13.979 -32.292 1.000 77.489  0 340 VAL A N   1 ? 1 
ATOM   691 C CA  . VAL A 1 84 ? -44.992 -13.829 -32.059 1.000 92.295  0 340 VAL A CA  1 ? 1 
ATOM   692 C C   . VAL A 1 84 ? -45.678 -13.235 -33.301 1.000 108.054 0 340 VAL A C   1 ? 1 
ATOM   693 O O   . VAL A 1 84 ? -46.815 -13.590 -33.612 1.000 114.953 0 340 VAL A O   1 ? 1 
ATOM   694 C CB  . VAL A 1 84 ? -45.223 -13.074 -30.726 1.000 89.010  0 340 VAL A CB  1 ? 1 
ATOM   695 C CG1 . VAL A 1 84 ? -46.562 -12.362 -30.624 1.000 87.034  0 340 VAL A CG1 1 ? 1 
ATOM   696 C CG2 . VAL A 1 84 ? -45.049 -14.004 -29.532 1.000 87.871  0 340 VAL A CG2 1 ? 1 
ATOM   697 N N   . ASP A 1 85 ? -44.965 -12.385 -34.053 1.000 107.364 0 341 ASP A N   1 ? 1 
ATOM   698 C CA  . ASP A 1 85 ? -45.477 -11.821 -35.293 1.000 105.521 0 341 ASP A CA  1 ? 1 
ATOM   699 C C   . ASP A 1 85 ? -45.307 -12.794 -36.458 1.000 106.642 0 341 ASP A C   1 ? 1 
ATOM   700 O O   . ASP A 1 85 ? -45.980 -12.662 -37.476 1.000 110.792 0 341 ASP A O   1 ? 1 
ATOM   701 C CB  . ASP A 1 85 ? -44.760 -10.514 -35.631 1.000 119.197 0 341 ASP A CB  1 ? 1 
ATOM   702 C CG  . ASP A 1 85 ? -44.905 -9.471  -34.542 1.000 125.878 0 341 ASP A CG  1 ? 1 
ATOM   703 O OD1 . ASP A 1 85 ? -45.651 -9.730  -33.569 1.000 126.884 0 341 ASP A OD1 1 ? 1 
ATOM   704 O OD2 . ASP A 1 85 ? -44.263 -8.412  -34.672 1.000 136.817 0 341 ASP A OD2 1 ? 1 
ATOM   705 N N   . GLN A 1 86 ? -44.398 -13.760 -36.312 1.000 108.932 0 342 GLN A N   1 ? 1 
ATOM   706 C CA  . GLN A 1 86 ? -44.115 -14.738 -37.352 1.000 105.432 0 342 GLN A CA  1 ? 1 
ATOM   707 C C   . GLN A 1 86 ? -45.099 -15.916 -37.289 1.000 113.805 0 342 GLN A C   1 ? 1 
ATOM   708 O O   . GLN A 1 86 ? -45.081 -16.769 -38.180 1.000 113.685 0 342 GLN A O   1 ? 1 
ATOM   709 C CB  . GLN A 1 86 ? -42.663 -15.204 -37.206 1.000 112.901 0 342 GLN A CB  1 ? 1 
ATOM   710 C CG  . GLN A 1 86 ? -42.038 -15.801 -38.461 1.000 115.188 0 342 GLN A CG  1 ? 1 
ATOM   711 C CD  . GLN A 1 86 ? -40.785 -16.580 -38.138 1.000 135.976 0 342 GLN A CD  1 ? 1 
ATOM   712 O OE1 . GLN A 1 86 ? -39.670 -16.117 -38.370 1.000 145.198 0 342 GLN A OE1 1 ? 1 
ATOM   713 N NE2 . GLN A 1 86 ? -40.955 -17.769 -37.578 1.000 139.386 0 342 GLN A NE2 1 ? 1 
ATOM   714 N N   . VAL A 1 87 ? -45.941 -15.972 -36.237 1.000 116.632 0 343 VAL A N   1 ? 1 
ATOM   715 C CA  . VAL A 1 87 ? -46.926 -17.041 -36.072 1.000 104.684 0 343 VAL A CA  1 ? 1 
ATOM   716 C C   . VAL A 1 87 ? -48.251 -16.621 -36.707 1.000 100.644 0 343 VAL A C   1 ? 1 
ATOM   717 O O   . VAL A 1 87 ? -48.929 -15.709 -36.222 1.000 91.840  0 343 VAL A O   1 ? 1 
ATOM   718 C CB  . VAL A 1 87 ? -47.098 -17.564 -34.623 1.000 103.405 0 343 VAL A CB  1 ? 1 
ATOM   719 C CG1 . VAL A 1 87 ? -47.308 -16.465 -33.591 1.000 112.962 0 343 VAL A CG1 1 ? 1 
ATOM   720 C CG2 . VAL A 1 87 ? -48.220 -18.586 -34.518 1.000 90.023  0 343 VAL A CG2 1 ? 1 
ATOM   721 N N   . LYS A 1 88 ? -48.590 -17.316 -37.803 1.000 108.337 0 344 LYS A N   1 ? 1 
ATOM   722 C CA  . LYS A 1 88 ? -49.738 -17.000 -38.642 1.000 122.201 0 344 LYS A CA  1 ? 1 
ATOM   723 C C   . LYS A 1 88 ? -51.049 -17.385 -37.951 1.000 128.538 0 344 LYS A C   1 ? 1 
ATOM   724 O O   . LYS A 1 88 ? -51.051 -18.155 -36.989 1.000 142.210 0 344 LYS A O   1 ? 1 
ATOM   725 C CB  . LYS A 1 88 ? -49.571 -17.663 -40.014 1.000 115.687 0 344 LYS A CB  1 ? 1 
ATOM   726 C CG  . LYS A 1 88 ? -48.966 -16.776 -41.092 1.000 125.289 0 344 LYS A CG  1 ? 1 
ATOM   727 C CD  . LYS A 1 88 ? -47.533 -16.363 -40.818 1.000 126.872 0 344 LYS A CD  1 ? 1 
ATOM   728 C CE  . LYS A 1 88 ? -47.144 -15.080 -41.532 1.000 133.751 0 344 LYS A CE  1 ? 1 
ATOM   729 N NZ  . LYS A 1 88 ? -45.805 -14.607 -41.094 1.000 124.985 0 344 LYS A NZ  1 ? 1 
ATOM   730 N N   . VAL A 1 89 ? -52.164 -16.831 -38.449 1.000 126.172 0 345 VAL A N   1 ? 1 
ATOM   731 C CA  . VAL A 1 89 ? -53.488 -17.230 -37.989 1.000 124.643 0 345 VAL A CA  1 ? 1 
ATOM   732 C C   . VAL A 1 89 ? -54.048 -18.344 -38.882 1.000 124.831 0 345 VAL A C   1 ? 1 
ATOM   733 O O   . VAL A 1 89 ? -54.899 -19.108 -38.428 1.000 117.483 0 345 VAL A O   1 ? 1 
ATOM   734 C CB  . VAL A 1 89 ? -54.436 -16.025 -37.799 1.000 114.242 0 345 VAL A CB  1 ? 1 
ATOM   735 C CG1 . VAL A 1 89 ? -55.816 -16.240 -38.401 1.000 111.405 0 345 VAL A CG1 1 ? 1 
ATOM   736 C CG2 . VAL A 1 89 ? -54.556 -15.661 -36.328 1.000 116.989 0 345 VAL A CG2 1 ? 1 
ATOM   737 N N   . ILE A 1 90 ? -53.530 -18.441 -40.121 1.000 128.264 0 346 ILE A N   1 ? 1 
ATOM   738 C CA  . ILE A 1 90 ? -53.841 -19.466 -41.117 1.000 112.343 0 346 ILE A CA  1 ? 1 
ATOM   739 C C   . ILE A 1 90 ? -55.354 -19.503 -41.356 1.000 127.235 0 346 ILE A C   1 ? 1 
ATOM   740 O O   . ILE A 1 90 ? -55.781 -18.956 -42.390 1.000 125.931 0 346 ILE A O   1 ? 1 
ATOM   741 C CB  . ILE A 1 90 ? -53.266 -20.847 -40.724 1.000 117.768 0 346 ILE A CB  1 ? 1 
ATOM   742 C CG1 . ILE A 1 90 ? -51.733 -20.844 -40.658 1.000 114.576 0 346 ILE A CG1 1 ? 1 
ATOM   743 C CG2 . ILE A 1 90 ? -53.793 -21.940 -41.646 1.000 122.173 0 346 ILE A CG2 1 ? 1 
ATOM   744 C CD1 . ILE A 1 90 ? -51.141 -21.908 -39.753 1.000 110.359 0 346 ILE A CD1 1 ? 1 
HETATM 745 C C1  . GOL B 2 .  ? 19.955  12.031  18.596  0.500 88.739  0 501 GOL A C1  1 ? 1 
HETATM 746 O O1  . GOL B 2 .  ? 18.749  11.806  17.871  0.500 95.290  0 501 GOL A O1  1 ? 1 
HETATM 747 C C2  . GOL B 2 .  ? 19.778  11.771  20.078  0.500 93.178  0 501 GOL A C2  1 ? 1 
HETATM 748 O O2  . GOL B 2 .  ? 20.603  10.684  20.500  0.500 87.554  0 501 GOL A O2  1 ? 1 
HETATM 749 C C3  . GOL B 2 .  ? 20.031  12.995  20.935  0.500 85.765  0 501 GOL A C3  1 ? 1 
HETATM 750 O O3  . GOL B 2 .  ? 21.378  13.449  20.820  0.500 91.627  0 501 GOL A O3  1 ? 1 
HETATM 751 C C1  . GOL C 2 .  ? -12.778 -10.119 -9.749  1.000 118.532 0 502 GOL A C1  1 ? 1 
HETATM 752 O O1  . GOL C 2 .  ? -13.018 -11.482 -10.095 1.000 114.370 0 502 GOL A O1  1 ? 1 
HETATM 753 C C2  . GOL C 2 .  ? -11.304 -9.832  -9.539  1.000 113.205 0 502 GOL A C2  1 ? 1 
HETATM 754 O O2  . GOL C 2 .  ? -10.491 -10.668 -10.366 1.000 117.772 0 502 GOL A O2  1 ? 1 
HETATM 755 C C3  . GOL C 2 .  ? -10.930 -8.367  -9.693  1.000 114.042 0 502 GOL A C3  1 ? 1 
HETATM 756 O O3  . GOL C 2 .  ? -11.611 -7.721  -10.766 1.000 102.796 0 502 GOL A O3  1 ? 1 
HETATM 757 O O   . HOH D 3 .  ? 30.397  4.310   17.810  1.000 82.546  0 601 HOH A O   1 ? 1 
HETATM 758 O O   . HOH D 3 .  ? 21.560  3.444   10.973  1.000 87.082  0 602 HOH A O   1 ? 1 
HETATM 759 O O   . HOH D 3 .  ? 29.326  14.578  22.531  1.000 95.804  0 603 HOH A O   1 ? 1 
HETATM 760 O O   . HOH D 3 .  ? 36.969  2.694   22.552  1.000 90.604  0 604 HOH A O   1 ? 1 
HETATM 761 O O   . HOH D 3 .  ? -9.481  0.718   -10.559 1.000 88.390  0 605 HOH A O   1 ? 1 
HETATM 762 O O   . HOH D 3 .  ? 18.661  11.751  14.758  1.000 99.151  0 606 HOH A O   1 ? 1 
HETATM 763 O O   . HOH D 3 .  ? -5.483  4.833   -2.890  1.000 105.143 0 607 HOH A O   1 ? 1 
HETATM 764 O O   . HOH D 3 .  ? -36.416 -12.783 -15.229 1.000 78.113  0 608 HOH A O   1 ? 1 
HETATM 765 O O   . HOH D 3 .  ? 3.596   3.356   -1.196  1.000 77.183  0 609 HOH A O   1 ? 1 
HETATM 766 O O   . HOH D 3 .  ? -38.157 -16.904 -29.119 1.000 96.974  0 610 HOH A O   1 ? 1 
HETATM 767 O O   . HOH D 3 .  ? 35.200  16.747  20.619  1.000 104.161 0 611 HOH A O   1 ? 1 
HETATM 768 O O   . HOH D 3 .  ? 18.325  9.418   13.341  1.000 93.572  0 612 HOH A O   1 ? 1 
HETATM 769 O O   . HOH D 3 .  ? 27.431  12.762  17.194  1.000 86.747  0 613 HOH A O   1 ? 1 
HETATM 770 O O   . HOH D 3 .  ? -55.586 -19.308 -47.277 1.000 108.320 0 614 HOH A O   1 ? 1 
HETATM 771 O O   . HOH D 3 .  ? -38.565 -14.174 -16.082 1.000 77.171  0 615 HOH A O   1 ? 1 
# 
loop_
_atom_site_anisotrop.id 
_atom_site_anisotrop.type_symbol 
_atom_site_anisotrop.pdbx_label_atom_id 
_atom_site_anisotrop.pdbx_label_alt_id 
_atom_site_anisotrop.pdbx_label_comp_id 
_atom_site_anisotrop.pdbx_label_asym_id 
_atom_site_anisotrop.pdbx_label_seq_id 
_atom_site_anisotrop.pdbx_PDB_ins_code 
_atom_site_anisotrop.U[1][1] 
_atom_site_anisotrop.U[2][2] 
_atom_site_anisotrop.U[3][3] 
_atom_site_anisotrop.U[1][2] 
_atom_site_anisotrop.U[1][3] 
_atom_site_anisotrop.U[2][3] 
_atom_site_anisotrop.pdbx_auth_seq_id 
_atom_site_anisotrop.pdbx_auth_comp_id 
_atom_site_anisotrop.pdbx_auth_asym_id 
_atom_site_anisotrop.pdbx_auth_atom_id 
1   N N   . PRO A 2  ? 1.2817 1.3787 1.2706 -0.0456 -0.0439 -0.0289 258 PRO A N   
2   C CA  . PRO A 2  ? 1.2637 1.3818 1.2495 -0.0371 -0.0137 -0.0405 258 PRO A CA  
3   C C   . PRO A 2  ? 1.4022 1.5453 1.3775 -0.0499 0.0029  -0.0406 258 PRO A C   
4   O O   . PRO A 2  ? 1.1865 1.3465 1.1500 -0.0709 -0.0016 -0.0302 258 PRO A O   
5   C CB  . PRO A 2  ? 1.1778 1.2918 1.1625 -0.0365 -0.0135 -0.0393 258 PRO A CB  
6   C CG  . PRO A 2  ? 1.2489 1.3475 1.2286 -0.0542 -0.0392 -0.0214 258 PRO A CG  
7   C CD  . PRO A 2  ? 1.3795 1.4589 1.3706 -0.0520 -0.0645 -0.0178 258 PRO A CD  
8   N N   . THR A 3  ? 1.2076 1.3600 1.1905 -0.0386 0.0190  -0.0527 259 THR A N   
9   C CA  . THR A 3  ? 1.3531 1.5288 1.3401 -0.0432 0.0299  -0.0633 259 THR A CA  
10  C C   . THR A 3  ? 1.3387 1.5359 1.3254 -0.0520 0.0332  -0.0686 259 THR A C   
11  O O   . THR A 3  ? 1.4127 1.5953 1.3969 -0.0497 0.0303  -0.0641 259 THR A O   
12  C CB  . THR A 3  ? 1.3434 1.5153 1.3464 -0.0319 0.0343  -0.0718 259 THR A CB  
13  O OG1 . THR A 3  ? 1.3203 1.4846 1.3321 -0.0265 0.0337  -0.0744 259 THR A OG1 
14  C CG2 . THR A 3  ? 1.3557 1.5173 1.3571 -0.0263 0.0323  -0.0660 259 THR A CG2 
15  N N   . VAL A 4  ? 1.3442 1.5837 1.3341 -0.0627 0.0383  -0.0837 260 VAL A N   
16  C CA  . VAL A 4  ? 1.3077 1.5863 1.3029 -0.0703 0.0425  -0.1001 260 VAL A CA  
17  C C   . VAL A 4  ? 1.1058 1.3648 1.1234 -0.0511 0.0431  -0.1138 260 VAL A C   
18  O O   . VAL A 4  ? 1.1372 1.4013 1.1535 -0.0529 0.0435  -0.1144 260 VAL A O   
19  C CB  . VAL A 4  ? 1.4234 1.7683 1.4283 -0.0816 0.0482  -0.1263 260 VAL A CB  
20  C CG1 . VAL A 4  ? 1.3054 1.7190 1.3056 -0.1023 0.0517  -0.1394 260 VAL A CG1 
21  C CG2 . VAL A 4  ? 1.4733 1.8264 1.4613 -0.0954 0.0458  -0.1128 260 VAL A CG2 
22  N N   . GLU A 5  ? 1.1514 1.3845 1.1890 -0.0353 0.0387  -0.1208 261 GLU A N   
23  C CA  . GLU A 5  ? 1.1527 1.3638 1.2125 -0.0228 0.0309  -0.1258 261 GLU A CA  
24  C C   . GLU A 5  ? 1.1962 1.3751 1.2387 -0.0225 0.0314  -0.1001 261 GLU A C   
25  O O   . GLU A 5  ? 1.1252 1.2914 1.1804 -0.0184 0.0260  -0.1001 261 GLU A O   
26  C CB  . GLU A 5  ? 1.3264 1.5196 1.4139 -0.0140 0.0169  -0.1318 261 GLU A CB  
27  C CG  . GLU A 5  ? 1.2384 1.4039 1.3517 -0.0075 -0.0013 -0.1295 261 GLU A CG  
28  C CD  . GLU A 5  ? 1.5637 1.7450 1.6983 -0.0020 -0.0051 -0.1527 261 GLU A CD  
29  O OE1 . GLU A 5  ? 1.8955 2.1172 2.0504 0.0025  -0.0045 -0.1885 261 GLU A OE1 
30  O OE2 . GLU A 5  ? 1.5864 1.7467 1.7149 -0.0027 -0.0080 -0.1369 261 GLU A OE2 
31  N N   . GLU A 6  ? 1.1700 1.3377 1.1894 -0.0265 0.0351  -0.0826 262 GLU A N   
32  C CA  . GLU A 6  ? 1.1290 1.2796 1.1403 -0.0233 0.0343  -0.0692 262 GLU A CA  
33  C C   . GLU A 6  ? 1.0299 1.1808 1.0303 -0.0276 0.0337  -0.0664 262 GLU A C   
34  O O   . GLU A 6  ? 1.1515 1.2928 1.1527 -0.0229 0.0330  -0.0638 262 GLU A O   
35  C CB  . GLU A 6  ? 1.1684 1.3132 1.1713 -0.0201 0.0318  -0.0621 262 GLU A CB  
36  C CG  . GLU A 6  ? 1.3530 1.4974 1.3526 -0.0149 0.0285  -0.0604 262 GLU A CG  
37  C CD  . GLU A 6  ? 1.6146 1.7652 1.6202 -0.0152 0.0304  -0.0574 262 GLU A CD  
38  O OE1 . GLU A 6  ? 1.7300 1.8776 1.7444 -0.0205 0.0290  -0.0537 262 GLU A OE1 
39  O OE2 . GLU A 6  ? 1.6461 1.8069 1.6490 -0.0115 0.0285  -0.0603 262 GLU A OE2 
40  N N   . ALA A 7  ? 0.9856 1.1515 0.9759 -0.0397 0.0321  -0.0646 263 ALA A N   
41  C CA  . ALA A 7  ? 1.0390 1.2079 1.0182 -0.0507 0.0272  -0.0562 263 ALA A CA  
42  C C   . ALA A 7  ? 1.1362 1.3275 1.1233 -0.0511 0.0347  -0.0702 263 ALA A C   
43  O O   . ALA A 7  ? 1.2550 1.4448 1.2372 -0.0561 0.0326  -0.0640 263 ALA A O   
44  C CB  . ALA A 7  ? 0.9634 1.1493 0.9273 -0.0734 0.0176  -0.0431 263 ALA A CB  
45  N N   . LYS A 8  ? 1.1959 1.4072 1.2029 -0.0454 0.0401  -0.0916 264 LYS A N   
46  C CA  . LYS A 8  ? 1.2638 1.5016 1.2896 -0.0419 0.0420  -0.1144 264 LYS A CA  
47  C C   . LYS A 8  ? 0.9836 1.1826 1.0168 -0.0297 0.0381  -0.1064 264 LYS A C   
48  O O   . LYS A 8  ? 1.0347 1.2348 1.0635 -0.0316 0.0389  -0.1057 264 LYS A O   
49  C CB  . LYS A 8  ? 1.2029 1.4713 1.2588 -0.0349 0.0399  -0.1470 264 LYS A CB  
50  C CG  . LYS A 8  ? 1.2560 1.5901 1.3279 -0.0397 0.0428  -0.1823 264 LYS A CG  
51  C CD  . LYS A 8  ? 1.4444 1.8157 1.5578 -0.0272 0.0352  -0.2261 264 LYS A CD  
52  C CE  . LYS A 8  ? 1.4422 1.8952 1.5835 -0.0277 0.0357  -0.2751 264 LYS A CE  
53  N NZ  . LYS A 8  ? 1.5088 2.0481 1.6471 -0.0439 0.0447  -0.3000 264 LYS A NZ  
54  N N   . ALA A 9  ? 0.9662 1.1358 1.0060 -0.0208 0.0330  -0.0980 265 ALA A N   
55  C CA  . ALA A 9  ? 1.0460 1.1917 1.0933 -0.0154 0.0265  -0.0872 265 ALA A CA  
56  C C   . ALA A 9  ? 0.9198 1.0563 0.9468 -0.0175 0.0313  -0.0731 265 ALA A C   
57  O O   . ALA A 9  ? 1.0602 1.1880 1.0908 -0.0156 0.0280  -0.0701 265 ALA A O   
58  C CB  . ALA A 9  ? 0.9890 1.1198 1.0433 -0.0157 0.0177  -0.0768 265 ALA A CB  
59  N N   . GLU A 10 ? 0.9778 1.1149 0.9863 -0.0210 0.0340  -0.0659 266 GLU A N   
60  C CA  . GLU A 10 ? 0.9788 1.1045 0.9757 -0.0190 0.0302  -0.0582 266 GLU A CA  
61  C C   . GLU A 10 ? 0.9111 1.0395 0.9044 -0.0253 0.0299  -0.0573 266 GLU A C   
62  O O   . GLU A 10 ? 0.9167 1.0348 0.9095 -0.0215 0.0277  -0.0545 266 GLU A O   
63  C CB  . GLU A 10 ? 0.8417 0.9610 0.8333 -0.0197 0.0216  -0.0540 266 GLU A CB  
64  C CG  . GLU A 10 ? 0.8926 1.0146 0.8888 -0.0113 0.0213  -0.0584 266 GLU A CG  
65  C CD  . GLU A 10 ? 1.0870 1.2043 1.0867 -0.0068 0.0078  -0.0615 266 GLU A CD  
66  O OE1 . GLU A 10 ? 1.1843 1.2842 1.1846 -0.0094 -0.0093 -0.0571 266 GLU A OE1 
67  O OE2 . GLU A 10 ? 1.2010 1.3301 1.2050 -0.0019 0.0092  -0.0676 266 GLU A OE2 
68  N N   . LYS A 11 ? 0.9185 1.0687 0.9078 -0.0373 0.0319  -0.0604 267 LYS A N   
69  C CA  . LYS A 11 ? 1.0228 1.1913 1.0059 -0.0504 0.0316  -0.0611 267 LYS A CA  
70  C C   . LYS A 11 ? 0.9037 1.0745 0.9028 -0.0394 0.0367  -0.0736 267 LYS A C   
71  O O   . LYS A 11 ? 0.8862 1.0482 0.8806 -0.0399 0.0355  -0.0684 267 LYS A O   
72  C CB  . LYS A 11 ? 1.1005 1.3170 1.0794 -0.0694 0.0344  -0.0675 267 LYS A CB  
73  C CG  . LYS A 11 ? 1.0846 1.3358 1.0466 -0.0952 0.0295  -0.0574 267 LYS A CG  
74  C CD  . LYS A 11 ? 1.2027 1.4161 1.1492 -0.1070 0.0100  -0.0259 267 LYS A CD  
75  C CE  . LYS A 11 ? 1.4217 1.6627 1.3556 -0.1334 0.0011  -0.0112 267 LYS A CE  
76  N NZ  . LYS A 11 ? 1.3426 1.5366 1.2717 -0.1415 -0.0268 0.0183  267 LYS A NZ  
77  N N   . GLU A 12 ? 0.9726 1.1467 0.9927 -0.0289 0.0384  -0.0904 268 GLU A N   
78  C CA  . GLU A 12 ? 0.9270 1.0961 0.9689 -0.0195 0.0338  -0.1023 268 GLU A CA  
79  C C   . GLU A 12 ? 0.9919 1.1297 1.0274 -0.0157 0.0319  -0.0833 268 GLU A C   
80  O O   . GLU A 12 ? 1.0015 1.1359 1.0415 -0.0143 0.0296  -0.0855 268 GLU A O   
81  C CB  . GLU A 12 ? 1.1155 1.2880 1.1895 -0.0115 0.0249  -0.1219 268 GLU A CB  
82  C CG  . GLU A 12 ? 1.3082 1.4910 1.4177 -0.0016 0.0120  -0.1491 268 GLU A CG  
83  C CD  . GLU A 12 ? 1.5641 1.7653 1.7156 0.0074  -0.0020 -0.1814 268 GLU A CD  
84  O OE1 . GLU A 12 ? 1.7897 2.0422 1.9421 0.0051  0.0070  -0.2073 268 GLU A OE1 
85  O OE2 . GLU A 12 ? 1.5551 1.7217 1.7382 0.0158  -0.0267 -0.1805 268 GLU A OE2 
86  N N   . THR A 13 ? 1.0092 1.1326 1.0322 -0.0149 0.0317  -0.0687 269 THR A N   
87  C CA  . THR A 13 ? 0.8976 1.0118 0.9156 -0.0142 0.0300  -0.0576 269 THR A CA  
88  C C   . THR A 13 ? 0.7161 0.8279 0.7220 -0.0129 0.0317  -0.0562 269 THR A C   
89  O O   . THR A 13 ? 0.6761 0.7844 0.6835 -0.0118 0.0308  -0.0550 269 THR A O   
90  C CB  . THR A 13 ? 0.9058 1.0286 0.9206 -0.0143 0.0291  -0.0508 269 THR A CB  
91  O OG1 . THR A 13 ? 0.8981 1.0200 0.9249 -0.0198 0.0212  -0.0441 269 THR A OG1 
92  C CG2 . THR A 13 ? 0.8310 0.9655 0.8404 -0.0141 0.0285  -0.0478 269 THR A CG2 
93  N N   . GLU A 14 ? 0.7044 0.8147 0.7009 -0.0161 0.0291  -0.0549 270 GLU A N   
94  C CA  . GLU A 14 ? 0.8152 0.9163 0.8045 -0.0187 0.0215  -0.0499 270 GLU A CA  
95  C C   . GLU A 14 ? 0.8536 0.9625 0.8430 -0.0252 0.0251  -0.0502 270 GLU A C   
96  O O   . GLU A 14 ? 0.8613 0.9617 0.8490 -0.0226 0.0213  -0.0471 270 GLU A O   
97  C CB  . GLU A 14 ? 0.8449 0.9414 0.8288 -0.0270 0.0088  -0.0426 270 GLU A CB  
98  C CG  . GLU A 14 ? 1.1796 1.2539 1.1674 -0.0237 -0.0130 -0.0382 270 GLU A CG  
99  C CD  . GLU A 14 ? 1.4163 1.4776 1.4051 -0.0355 -0.0366 -0.0257 270 GLU A CD  
100 O OE1 . GLU A 14 ? 1.5093 1.5499 1.5018 -0.0446 -0.0630 -0.0134 270 GLU A OE1 
101 O OE2 . GLU A 14 ? 1.5204 1.5882 1.5064 -0.0373 -0.0334 -0.0261 270 GLU A OE2 
102 N N   . LEU A 15 ? 0.8086 0.9413 0.7992 -0.0328 0.0316  -0.0578 271 LEU A N   
103 C CA  . LEU A 15 ? 0.8181 0.9722 0.8097 -0.0408 0.0345  -0.0656 271 LEU A CA  
104 C C   . LEU A 15 ? 0.7457 0.8874 0.7519 -0.0269 0.0365  -0.0721 271 LEU A C   
105 O O   . LEU A 15 ? 0.7906 0.9298 0.7946 -0.0285 0.0365  -0.0706 271 LEU A O   
106 C CB  . LEU A 15 ? 0.8911 1.0927 0.8912 -0.0489 0.0402  -0.0845 271 LEU A CB  
107 C CG  . LEU A 15 ? 1.1093 1.3431 1.0906 -0.0723 0.0379  -0.0753 271 LEU A CG  
108 C CD1 . LEU A 15 ? 1.0885 1.3822 1.0843 -0.0774 0.0459  -0.1045 271 LEU A CD1 
109 C CD2 . LEU A 15 ? 0.9955 1.2445 0.9560 -0.0985 0.0294  -0.0550 271 LEU A CD2 
110 N N   . SER A 16 ? 0.7569 0.8874 0.7787 -0.0180 0.0347  -0.0764 272 SER A N   
111 C CA  . SER A 16 ? 0.7229 0.8405 0.7606 -0.0118 0.0289  -0.0762 272 SER A CA  
112 C C   . SER A 16 ? 0.7501 0.8555 0.7744 -0.0113 0.0302  -0.0614 272 SER A C   
113 O O   . SER A 16 ? 0.7541 0.8547 0.7832 -0.0103 0.0282  -0.0606 272 SER A O   
114 C CB  . SER A 16 ? 0.7648 0.8725 0.8226 -0.0091 0.0177  -0.0753 272 SER A CB  
115 O OG  . SER A 16 ? 1.0851 1.1777 1.1552 -0.0110 0.0057  -0.0651 272 SER A OG  
116 N N   . LEU A 17 ? 0.8670 0.9681 0.8759 -0.0110 0.0313  -0.0542 273 LEU A N   
117 C CA  . LEU A 17 ? 0.8384 0.9408 0.8428 -0.0072 0.0296  -0.0507 273 LEU A CA  
118 C C   . LEU A 17 ? 0.7650 0.8582 0.7627 -0.0074 0.0265  -0.0513 273 LEU A C   
119 O O   . LEU A 17 ? 0.7679 0.8599 0.7662 -0.0046 0.0260  -0.0512 273 LEU A O   
120 C CB  . LEU A 17 ? 0.8782 0.9905 0.8803 -0.0028 0.0273  -0.0544 273 LEU A CB  
121 C CG  . LEU A 17 ? 0.9436 1.0761 0.9483 -0.0081 0.0291  -0.0502 273 LEU A CG  
122 C CD1 . LEU A 17 ? 0.9952 1.1509 1.0009 -0.0031 0.0273  -0.0608 273 LEU A CD1 
123 C CD2 . LEU A 17 ? 0.8295 0.9799 0.8376 -0.0168 0.0270  -0.0415 273 LEU A CD2 
124 N N   . GLN A 18 ? 0.8524 0.9438 0.8448 -0.0145 0.0236  -0.0485 274 GLN A N   
125 C CA  . GLN A 18 ? 0.7817 0.8669 0.7674 -0.0229 0.0150  -0.0418 274 GLN A CA  
126 C C   . GLN A 18 ? 0.8670 0.9653 0.8517 -0.0282 0.0233  -0.0454 274 GLN A C   
127 O O   . GLN A 18 ? 0.7930 0.8850 0.7739 -0.0306 0.0184  -0.0407 274 GLN A O   
128 C CB  . GLN A 18 ? 0.9618 1.0526 0.9366 -0.0405 0.0058  -0.0318 274 GLN A CB  
129 C CG  . GLN A 18 ? 1.2431 1.3117 1.2221 -0.0366 -0.0127 -0.0270 274 GLN A CG  
130 C CD  . GLN A 18 ? 1.4512 1.5271 1.4207 -0.0568 -0.0224 -0.0131 274 GLN A CD  
131 O OE1 . GLN A 18 ? 1.5902 1.6641 1.5637 -0.0514 -0.0244 -0.0155 274 GLN A OE1 
132 N NE2 . GLN A 18 ? 1.4330 1.5283 1.3906 -0.0830 -0.0294 0.0032  274 GLN A NE2 
133 N N   . LYS A 19 ? 0.7695 0.8878 0.7637 -0.0276 0.0327  -0.0571 275 LYS A N   
134 C CA  . LYS A 19 ? 0.8236 0.9580 0.8274 -0.0289 0.0365  -0.0693 275 LYS A CA  
135 C C   . LYS A 19 ? 0.8442 0.9553 0.8525 -0.0192 0.0345  -0.0646 275 LYS A C   
136 O O   . LYS A 19 ? 0.8269 0.9423 0.8328 -0.0214 0.0348  -0.0632 275 LYS A O   
137 C CB  . LYS A 19 ? 0.7361 0.8917 0.7642 -0.0225 0.0373  -0.0915 275 LYS A CB  
138 C CG  . LYS A 19 ? 0.8523 1.0270 0.9038 -0.0171 0.0350  -0.1153 275 LYS A CG  
139 C CD  . LYS A 19 ? 1.1139 1.3204 1.1967 -0.0112 0.0298  -0.1469 275 LYS A CD  
140 C CE  . LYS A 19 ? 1.1736 1.4271 1.2902 -0.0059 0.0254  -0.1864 275 LYS A CE  
141 N NZ  . LYS A 19 ? 1.1693 1.3936 1.3032 0.0051  0.0148  -0.1875 275 LYS A NZ  
142 N N   . GLU A 20 ? 0.8659 0.9637 0.8794 -0.0121 0.0324  -0.0594 276 GLU A N   
143 C CA  . GLU A 20 ? 0.8001 0.8893 0.8176 -0.0084 0.0295  -0.0528 276 GLU A CA  
144 C C   . GLU A 20 ? 0.7323 0.8185 0.7382 -0.0063 0.0300  -0.0488 276 GLU A C   
145 O O   . GLU A 20 ? 0.7788 0.8634 0.7868 -0.0062 0.0296  -0.0480 276 GLU A O   
146 C CB  . GLU A 20 ? 0.9033 0.9951 0.9256 -0.0113 0.0249  -0.0446 276 GLU A CB  
147 C CG  . GLU A 20 ? 0.9246 1.0284 0.9449 -0.0162 0.0216  -0.0339 276 GLU A CG  
148 C CD  . GLU A 20 ? 1.3521 1.4711 1.3748 -0.0270 0.0151  -0.0220 276 GLU A CD  
149 O OE1 . GLU A 20 ? 1.1776 1.3113 1.1921 -0.0255 0.0200  -0.0264 276 GLU A OE1 
150 O OE2 . GLU A 20 ? 1.5370 1.6528 1.5712 -0.0401 0.0006  -0.0069 276 GLU A OE2 
151 N N   . GLN A 21 ? 0.7580 0.8411 0.7560 -0.0053 0.0260  -0.0489 277 GLN A N   
152 C CA  . GLN A 21 ? 0.8789 0.9543 0.8758 -0.0022 0.0168  -0.0502 277 GLN A CA  
153 C C   . GLN A 21 ? 0.9254 0.9935 0.9170 -0.0096 0.0146  -0.0438 277 GLN A C   
154 O O   . GLN A 21 ? 0.9643 1.0275 0.9583 -0.0056 0.0113  -0.0449 277 GLN A O   
155 C CB  . GLN A 21 ? 0.9328 0.9978 0.9324 -0.0011 0.0013  -0.0506 277 GLN A CB  
156 C CG  . GLN A 21 ? 1.1043 1.1789 1.1157 0.0126  -0.0051 -0.0663 277 GLN A CG  
157 C CD  . GLN A 21 ? 1.2274 1.2909 1.2447 0.0142  -0.0210 -0.0678 277 GLN A CD  
158 O OE1 . GLN A 21 ? 1.1689 1.2275 1.1756 0.0046  -0.0162 -0.0567 277 GLN A OE1 
159 N NE2 . GLN A 21 ? 1.1988 1.2573 1.2379 0.0278  -0.0445 -0.0846 277 GLN A NE2 
160 N N   . LEU A 22 ? 0.9058 0.9827 0.8905 -0.0238 0.0162  -0.0394 278 LEU A N   
161 C CA  . LEU A 22 ? 0.8046 0.8939 0.7825 -0.0382 0.0152  -0.0340 278 LEU A CA  
162 C C   . LEU A 22 ? 0.7513 0.8482 0.7366 -0.0303 0.0252  -0.0452 278 LEU A C   
163 O O   . LEU A 22 ? 0.8802 0.9738 0.8629 -0.0332 0.0230  -0.0406 278 LEU A O   
164 C CB  . LEU A 22 ? 1.0179 1.1397 0.9884 -0.0564 0.0180  -0.0349 278 LEU A CB  
165 C CG  . LEU A 22 ? 1.2611 1.4298 1.2252 -0.0770 0.0221  -0.0376 278 LEU A CG  
166 C CD1 . LEU A 22 ? 1.2509 1.4616 1.2024 -0.1037 0.0183  -0.0307 278 LEU A CD1 
167 C CD2 . LEU A 22 ? 1.2958 1.4901 1.2791 -0.0644 0.0359  -0.0668 278 LEU A CD2 
168 N N   . GLN A 23 ? 0.6736 0.7763 0.6742 -0.0217 0.0325  -0.0563 279 GLN A N   
169 C CA  . GLN A 23 ? 0.7382 0.8417 0.7531 -0.0157 0.0338  -0.0657 279 GLN A CA  
170 C C   . GLN A 23 ? 0.8631 0.9481 0.8738 -0.0108 0.0317  -0.0551 279 GLN A C   
171 O O   . GLN A 23 ? 0.8348 0.9208 0.8494 -0.0105 0.0318  -0.0577 279 GLN A O   
172 C CB  . GLN A 23 ? 0.8898 0.9936 0.9276 -0.0084 0.0295  -0.0749 279 GLN A CB  
173 C CG  . GLN A 23 ? 1.1336 1.2637 1.1818 -0.0103 0.0310  -0.0941 279 GLN A CG  
174 C CD  . GLN A 23 ? 1.2470 1.3805 1.3315 -0.0006 0.0185  -0.1155 279 GLN A CD  
175 O OE1 . GLN A 23 ? 1.2992 1.4683 1.4055 0.0020  0.0167  -0.1463 279 GLN A OE1 
176 N NE2 . GLN A 23 ? 1.1404 1.2428 1.2348 0.0025  0.0063  -0.1014 279 GLN A NE2 
177 N N   . LEU A 24 ? 0.8184 0.8964 0.8252 -0.0070 0.0296  -0.0483 280 LEU A N   
178 C CA  . LEU A 24 ? 0.8094 0.8882 0.8144 -0.0031 0.0284  -0.0454 280 LEU A CA  
179 C C   . LEU A 24 ? 0.7816 0.8509 0.7795 -0.0020 0.0247  -0.0463 280 LEU A C   
180 O O   . LEU A 24 ? 0.7345 0.8059 0.7357 -0.0012 0.0255  -0.0459 280 LEU A O   
181 C CB  . LEU A 24 ? 0.8332 0.9255 0.8372 0.0006  0.0265  -0.0480 280 LEU A CB  
182 C CG  . LEU A 24 ? 0.9944 1.1135 1.0001 -0.0042 0.0270  -0.0461 280 LEU A CG  
183 C CD1 . LEU A 24 ? 1.0025 1.1441 1.0084 -0.0086 0.0272  -0.0451 280 LEU A CD1 
184 C CD2 . LEU A 24 ? 0.9580 1.0935 0.9655 0.0031  0.0249  -0.0588 280 LEU A CD2 
185 N N   . LYS A 25 ? 0.7162 0.7778 0.7100 -0.0061 0.0167  -0.0441 281 LYS A N   
186 C CA  . LYS A 25 ? 0.8351 0.8827 0.8252 -0.0100 0.0038  -0.0388 281 LYS A CA  
187 C C   . LYS A 25 ? 0.8238 0.8806 0.8087 -0.0203 0.0100  -0.0337 281 LYS A C   
188 O O   . LYS A 25 ? 0.8653 0.9147 0.8499 -0.0216 0.0043  -0.0309 281 LYS A O   
189 C CB  . LYS A 25 ? 0.9394 0.9761 0.9265 -0.0204 -0.0148 -0.0286 281 LYS A CB  
190 C CG  . LYS A 25 ? 1.1805 1.2027 1.1828 -0.0092 -0.0339 -0.0362 281 LYS A CG  
191 C CD  . LYS A 25 ? 1.4416 1.4507 1.4407 -0.0226 -0.0520 -0.0233 281 LYS A CD  
192 C CE  . LYS A 25 ? 1.3953 1.3889 1.4178 -0.0067 -0.0771 -0.0357 281 LYS A CE  
193 N NZ  . LYS A 25 ? 1.4409 1.4578 1.4703 0.0126  -0.0587 -0.0607 281 LYS A NZ  
194 N N   . ILE A 26 ? 0.7997 0.8774 0.7840 -0.0273 0.0211  -0.0388 282 ILE A N   
195 C CA  . ILE A 26 ? 0.7939 0.8925 0.7786 -0.0353 0.0264  -0.0439 282 ILE A CA  
196 C C   . ILE A 26 ? 0.7871 0.8755 0.7834 -0.0226 0.0300  -0.0500 282 ILE A C   
197 O O   . ILE A 26 ? 0.8130 0.9048 0.8082 -0.0253 0.0297  -0.0492 282 ILE A O   
198 C CB  . ILE A 26 ? 0.8461 0.9839 0.8380 -0.0423 0.0340  -0.0593 282 ILE A CB  
199 C CG1 . ILE A 26 ? 0.8866 1.0474 0.8620 -0.0643 0.0291  -0.0486 282 ILE A CG1 
200 C CG2 . ILE A 26 ? 0.8896 1.0602 0.8942 -0.0426 0.0389  -0.0793 282 ILE A CG2 
201 C CD1 . ILE A 26 ? 0.9817 1.1925 0.9668 -0.0695 0.0374  -0.0704 282 ILE A CD1 
202 N N   . ILE A 27 ? 0.7758 0.8547 0.7835 -0.0119 0.0310  -0.0522 283 ILE A N   
203 C CA  . ILE A 27 ? 0.7713 0.8440 0.7878 -0.0069 0.0295  -0.0510 283 ILE A CA  
204 C C   . ILE A 27 ? 0.6969 0.7629 0.7032 -0.0048 0.0287  -0.0444 283 ILE A C   
205 O O   . ILE A 27 ? 0.7144 0.7781 0.7245 -0.0039 0.0286  -0.0436 283 ILE A O   
206 C CB  . ILE A 27 ? 0.8408 0.9101 0.8670 -0.0055 0.0244  -0.0459 283 ILE A CB  
207 C CG1 . ILE A 27 ? 1.0029 1.0726 1.0505 -0.0042 0.0180  -0.0558 283 ILE A CG1 
208 C CG2 . ILE A 27 ? 0.7359 0.8047 0.7694 -0.0095 0.0178  -0.0354 283 ILE A CG2 
209 C CD1 . ILE A 27 ? 1.0007 1.0668 1.0545 -0.0079 0.0101  -0.0462 283 ILE A CD1 
210 N N   . GLU A 28 ? 0.7742 0.8361 0.7737 -0.0026 0.0244  -0.0438 284 GLU A N   
211 C CA  . GLU A 28 ? 0.8875 0.9475 0.8861 0.0034  0.0177  -0.0470 284 GLU A CA  
212 C C   . GLU A 28 ? 0.8408 0.8883 0.8360 -0.0023 0.0128  -0.0422 284 GLU A C   
213 O O   . GLU A 28 ? 0.8727 0.9202 0.8691 0.0005  0.0132  -0.0435 284 GLU A O   
214 C CB  . GLU A 28 ? 0.8264 0.8868 0.8318 0.0107  0.0068  -0.0561 284 GLU A CB  
215 C CG  . GLU A 28 ? 0.9514 1.0405 0.9601 0.0156  0.0129  -0.0654 284 GLU A CG  
216 C CD  . GLU A 28 ? 1.2295 1.3244 1.2502 0.0249  0.0012  -0.0801 284 GLU A CD  
217 O OE1 . GLU A 28 ? 1.2487 1.3266 1.2817 0.0340  -0.0195 -0.0902 284 GLU A OE1 
218 O OE2 . GLU A 28 ? 1.1817 1.2933 1.2000 0.0228  0.0073  -0.0805 284 GLU A OE2 
219 N N   . ILE A 29 ? 0.8833 0.9262 0.8716 -0.0134 0.0052  -0.0337 285 ILE A N   
220 C CA  . ILE A 29 ? 0.8306 0.8737 0.8107 -0.0287 -0.0013 -0.0240 285 ILE A CA  
221 C C   . ILE A 29 ? 0.8416 0.9011 0.8233 -0.0284 0.0132  -0.0307 285 ILE A C   
222 O O   . ILE A 29 ? 0.8826 0.9361 0.8623 -0.0295 0.0108  -0.0281 285 ILE A O   
223 C CB  . ILE A 29 ? 0.9664 1.0228 0.9358 -0.0514 -0.0088 -0.0112 285 ILE A CB  
224 C CG1 . ILE A 29 ? 1.0111 1.0449 0.9820 -0.0534 -0.0304 -0.0022 285 ILE A CG1 
225 C CG2 . ILE A 29 ? 1.1039 1.1733 1.0618 -0.0736 -0.0169 0.0023  285 ILE A CG2 
226 C CD1 . ILE A 29 ? 1.1785 1.1776 1.1639 -0.0418 -0.0565 -0.0026 285 ILE A CD1 
227 N N   . GLU A 30 ? 0.7964 0.8721 0.7865 -0.0250 0.0253  -0.0414 286 GLU A N   
228 C CA  . GLU A 30 ? 0.8207 0.9100 0.8203 -0.0226 0.0314  -0.0520 286 GLU A CA  
229 C C   . GLU A 30 ? 0.8379 0.9082 0.8439 -0.0113 0.0301  -0.0490 286 GLU A C   
230 O O   . GLU A 30 ? 0.8409 0.9133 0.8517 -0.0113 0.0307  -0.0528 286 GLU A O   
231 C CB  . GLU A 30 ? 0.8437 0.9502 0.8631 -0.0179 0.0344  -0.0704 286 GLU A CB  
232 C CG  . GLU A 30 ? 1.0071 1.1599 1.0290 -0.0281 0.0380  -0.0877 286 GLU A CG  
233 C CD  . GLU A 30 ? 1.3965 1.5656 1.4528 -0.0162 0.0349  -0.1156 286 GLU A CD  
234 O OE1 . GLU A 30 ? 1.3473 1.5094 1.4303 -0.0043 0.0258  -0.1302 286 GLU A OE1 
235 O OE2 . GLU A 30 ? 1.6165 1.8007 1.6728 -0.0183 0.0358  -0.1223 286 GLU A OE2 
236 N N   . ASP A 31 ? 0.7748 0.8341 0.7801 -0.0058 0.0283  -0.0444 287 ASP A N   
237 C CA  . ASP A 31 ? 0.7954 0.8533 0.8033 -0.0029 0.0268  -0.0399 287 ASP A CA  
238 C C   . ASP A 31 ? 0.7406 0.7938 0.7425 -0.0015 0.0247  -0.0408 287 ASP A C   
239 O O   . ASP A 31 ? 0.8507 0.9039 0.8534 -0.0017 0.0263  -0.0396 287 ASP A O   
240 C CB  . ASP A 31 ? 0.8049 0.8756 0.8165 -0.0039 0.0255  -0.0353 287 ASP A CB  
241 C CG  . ASP A 31 ? 1.0641 1.1556 1.0723 -0.0058 0.0244  -0.0338 287 ASP A CG  
242 O OD1 . ASP A 31 ? 1.2125 1.3027 1.2188 -0.0014 0.0247  -0.0386 287 ASP A OD1 
243 O OD2 . ASP A 31 ? 1.1791 1.2968 1.1851 -0.0139 0.0237  -0.0294 287 ASP A OD2 
244 N N   . ASP A 32 ? 0.7918 0.8389 0.7893 0.0006  0.0177  -0.0416 288 ASP A N   
245 C CA  . ASP A 32 ? 0.8759 0.9125 0.8746 0.0025  0.0056  -0.0425 288 ASP A CA  
246 C C   . ASP A 32 ? 0.7690 0.8006 0.7594 -0.0082 0.0062  -0.0342 288 ASP A C   
247 O O   . ASP A 32 ? 0.8380 0.8661 0.8308 -0.0059 0.0040  -0.0346 288 ASP A O   
248 C CB  . ASP A 32 ? 0.9676 0.9880 0.9694 0.0035  -0.0140 -0.0432 288 ASP A CB  
249 C CG  . ASP A 32 ? 1.1063 1.1396 1.1221 0.0193  -0.0182 -0.0625 288 ASP A CG  
250 O OD1 . ASP A 32 ? 1.2279 1.2893 1.2478 0.0252  -0.0078 -0.0733 288 ASP A OD1 
251 O OD2 . ASP A 32 ? 1.2534 1.2778 1.2778 0.0219  -0.0330 -0.0662 288 ASP A OD2 
252 N N   . VAL A 33 ? 0.8679 0.9111 0.8529 -0.0204 0.0105  -0.0293 289 VAL A N   
253 C CA  . VAL A 33 ? 0.9229 0.9824 0.9018 -0.0349 0.0125  -0.0270 289 VAL A CA  
254 C C   . VAL A 33 ? 0.8649 0.9317 0.8524 -0.0266 0.0236  -0.0377 289 VAL A C   
255 O O   . VAL A 33 ? 0.8903 0.9611 0.8766 -0.0302 0.0229  -0.0360 289 VAL A O   
256 C CB  . VAL A 33 ? 1.0096 1.1006 0.9799 -0.0534 0.0152  -0.0259 289 VAL A CB  
257 C CG1 . VAL A 33 ? 0.9801 1.1143 0.9496 -0.0663 0.0227  -0.0352 289 VAL A CG1 
258 C CG2 . VAL A 33 ? 0.9352 1.0167 0.8951 -0.0708 -0.0040 -0.0057 289 VAL A CG2 
259 N N   . GLU A 34 ? 0.9182 0.9864 0.9194 -0.0158 0.0290  -0.0469 290 GLU A N   
260 C CA  . GLU A 34 ? 0.8983 0.9683 0.9154 -0.0106 0.0301  -0.0546 290 GLU A CA  
261 C C   . GLU A 34 ? 0.8974 0.9521 0.9105 -0.0058 0.0278  -0.0443 290 GLU A C   
262 O O   . GLU A 34 ? 0.8104 0.8651 0.8275 -0.0059 0.0275  -0.0463 290 GLU A O   
263 C CB  . GLU A 34 ? 0.8981 0.9699 0.9380 -0.0038 0.0257  -0.0634 290 GLU A CB  
264 C CG  . GLU A 34 ? 1.0539 1.1172 1.1198 0.0008  0.0137  -0.0687 290 GLU A CG  
265 C CD  . GLU A 34 ? 1.3295 1.3866 1.4249 0.0059  -0.0022 -0.0768 290 GLU A CD  
266 O OE1 . GLU A 34 ? 1.2583 1.3080 1.3868 0.0098  -0.0215 -0.0866 290 GLU A OE1 
267 O OE2 . GLU A 34 ? 1.1724 1.2310 1.2636 0.0044  -0.0005 -0.0744 290 GLU A OE2 
268 N N   . LYS A 35 ? 0.7907 0.8393 0.7970 -0.0032 0.0261  -0.0392 291 LYS A N   
269 C CA  . LYS A 35 ? 0.7858 0.8357 0.7895 -0.0002 0.0243  -0.0376 291 LYS A CA  
270 C C   . LYS A 35 ? 0.8418 0.8836 0.8406 0.0009  0.0199  -0.0378 291 LYS A C   
271 O O   . LYS A 35 ? 0.7258 0.7685 0.7266 0.0020  0.0201  -0.0386 291 LYS A O   
272 C CB  . LYS A 35 ? 0.7056 0.7696 0.7087 0.0046  0.0223  -0.0415 291 LYS A CB  
273 C CG  . LYS A 35 ? 0.9556 1.0395 0.9610 0.0103  0.0187  -0.0529 291 LYS A CG  
274 C CD  . LYS A 35 ? 1.0876 1.2083 1.0971 0.0112  0.0188  -0.0634 291 LYS A CD  
275 C CE  . LYS A 35 ? 1.1908 1.3568 1.2094 0.0158  0.0162  -0.0831 291 LYS A CE  
276 N NZ  . LYS A 35 ? 1.3904 1.6171 1.4065 0.0052  0.0211  -0.0863 291 LYS A NZ  
277 N N   . TRP A 36 ? 0.9142 0.9458 0.9070 -0.0039 0.0119  -0.0353 292 TRP A N   
278 C CA  . TRP A 36 ? 0.9849 1.0036 0.9755 -0.0102 -0.0011 -0.0300 292 TRP A CA  
279 C C   . TRP A 36 ? 0.9536 0.9832 0.9402 -0.0178 0.0077  -0.0274 292 TRP A C   
280 O O   . TRP A 36 ? 0.9078 0.9313 0.8959 -0.0145 0.0054  -0.0274 292 TRP A O   
281 C CB  . TRP A 36 ? 0.9802 0.9899 0.9649 -0.0240 -0.0172 -0.0176 292 TRP A CB  
282 C CG  . TRP A 36 ? 1.4081 1.4095 1.3884 -0.0419 -0.0365 -0.0018 292 TRP A CG  
283 C CD1 . TRP A 36 ? 1.4279 1.4038 1.4163 -0.0380 -0.0587 0.0000  292 TRP A CD1 
284 C CD2 . TRP A 36 ? 1.5522 1.5758 1.5150 -0.0713 -0.0392 0.0157  292 TRP A CD2 
285 N NE1 . TRP A 36 ? 1.5298 1.5020 1.5091 -0.0644 -0.0778 0.0230  292 TRP A NE1 
286 C CE2 . TRP A 36 ? 1.6359 1.6425 1.5966 -0.0870 -0.0648 0.0343  292 TRP A CE2 
287 C CE3 . TRP A 36 ? 1.5573 1.6219 1.5089 -0.0871 -0.0236 0.0149  292 TRP A CE3 
288 C CZ2 . TRP A 36 ? 1.7309 1.7661 1.6751 -0.1244 -0.0748 0.0581  292 TRP A CZ2 
289 C CZ3 . TRP A 36 ? 1.7262 1.8286 1.6631 -0.1212 -0.0308 0.0307  292 TRP A CZ3 
290 C CH2 . TRP A 36 ? 1.7414 1.8298 1.6708 -0.1428 -0.0556 0.0548  292 TRP A CH2 
291 N N   . GLN A 37 ? 0.8724 0.9219 0.8597 -0.0238 0.0181  -0.0315 293 GLN A N   
292 C CA  . GLN A 37 ? 0.8288 0.9013 0.8180 -0.0306 0.0247  -0.0376 293 GLN A CA  
293 C C   . GLN A 37 ? 0.9400 1.0040 0.9420 -0.0184 0.0280  -0.0445 293 GLN A C   
294 O O   . GLN A 37 ? 0.9188 0.9898 0.9204 -0.0204 0.0287  -0.0466 293 GLN A O   
295 C CB  . GLN A 37 ? 0.8143 0.9211 0.8075 -0.0370 0.0308  -0.0510 293 GLN A CB  
296 C CG  . GLN A 37 ? 1.0025 1.1371 1.0193 -0.0302 0.0355  -0.0755 293 GLN A CG  
297 C CD  . GLN A 37 ? 1.2826 1.4615 1.2919 -0.0478 0.0379  -0.0812 293 GLN A CD  
298 O OE1 . GLN A 37 ? 1.2386 1.4215 1.2238 -0.0683 0.0331  -0.0597 293 GLN A OE1 
299 N NE2 . GLN A 37 ? 1.4598 1.6744 1.4947 -0.0408 0.0402  -0.1111 293 GLN A NE2 
300 N N   . LYS A 38 ? 0.7677 0.8208 0.7785 -0.0087 0.0278  -0.0448 294 LYS A N   
301 C CA  . LYS A 38 ? 0.7069 0.7539 0.7292 -0.0038 0.0244  -0.0430 294 LYS A CA  
302 C C   . LYS A 38 ? 0.7773 0.8182 0.7875 -0.0035 0.0248  -0.0362 294 LYS A C   
303 O O   . LYS A 38 ? 0.7827 0.8233 0.7970 -0.0034 0.0237  -0.0348 294 LYS A O   
304 C CB  . LYS A 38 ? 0.9289 0.9724 0.9607 -0.0035 0.0190  -0.0365 294 LYS A CB  
305 C CG  . LYS A 38 ? 0.8896 0.9359 0.9224 -0.0089 0.0130  -0.0233 294 LYS A CG  
306 C CD  . LYS A 38 ? 1.1123 1.1583 1.1574 -0.0188 -0.0020 -0.0089 294 LYS A CD  
307 C CE  . LYS A 38 ? 1.1149 1.1833 1.1518 -0.0338 -0.0068 0.0094  294 LYS A CE  
308 N NZ  . LYS A 38 ? 1.2099 1.2718 1.2633 -0.0515 -0.0318 0.0320  294 LYS A NZ  
309 N N   . GLU A 39 ? 0.7204 0.7595 0.7221 -0.0007 0.0223  -0.0351 295 GLU A N   
310 C CA  . GLU A 39 ? 0.8149 0.8540 0.8151 0.0034  0.0178  -0.0373 295 GLU A CA  
311 C C   . GLU A 39 ? 0.8796 0.9071 0.8763 -0.0008 0.0136  -0.0346 295 GLU A C   
312 O O   . GLU A 39 ? 0.8222 0.8500 0.8198 0.0014  0.0145  -0.0351 295 GLU A O   
313 C CB  . GLU A 39 ? 0.8515 0.8915 0.8560 0.0107  0.0083  -0.0472 295 GLU A CB  
314 C CG  . GLU A 39 ? 1.0239 1.0692 1.0369 0.0195  -0.0025 -0.0603 295 GLU A CG  
315 C CD  . GLU A 39 ? 1.1853 1.2653 1.1994 0.0198  0.0073  -0.0657 295 GLU A CD  
316 O OE1 . GLU A 39 ? 1.3322 1.4316 1.3412 0.0119  0.0166  -0.0564 295 GLU A OE1 
317 O OE2 . GLU A 39 ? 1.2511 1.3401 1.2708 0.0255  0.0025  -0.0762 295 GLU A OE2 
318 N N   . LYS A 40 ? 0.9236 0.9460 0.9135 -0.0106 0.0087  -0.0288 296 LYS A N   
319 C CA  . LYS A 40 ? 0.9249 0.9489 0.9082 -0.0240 0.0036  -0.0207 296 LYS A CA  
320 C C   . LYS A 40 ? 0.9608 1.0001 0.9471 -0.0234 0.0156  -0.0279 296 LYS A C   
321 O O   . LYS A 40 ? 0.9539 0.9889 0.9382 -0.0250 0.0131  -0.0248 296 LYS A O   
322 C CB  . LYS A 40 ? 1.0701 1.1058 1.0431 -0.0442 -0.0035 -0.0109 296 LYS A CB  
323 C CG  . LYS A 40 ? 1.2676 1.3396 1.2327 -0.0644 0.0024  -0.0088 296 LYS A CG  
324 C CD  . LYS A 40 ? 1.3516 1.4414 1.3000 -0.0963 -0.0141 0.0125  296 LYS A CD  
325 C CE  . LYS A 40 ? 1.5162 1.5964 1.4624 -0.1010 -0.0233 0.0201  296 LYS A CE  
326 N NZ  . LYS A 40 ? 1.6338 1.7650 1.5652 -0.1365 -0.0265 0.0334  296 LYS A NZ  
327 N N   . ASP A 41 ? 0.7861 0.8388 0.7832 -0.0187 0.0250  -0.0380 297 ASP A N   
328 C CA  . ASP A 41 ? 0.8544 0.9215 0.8671 -0.0156 0.0287  -0.0496 297 ASP A CA  
329 C C   . ASP A 41 ? 0.9160 0.9643 0.9337 -0.0070 0.0256  -0.0442 297 ASP A C   
330 O O   . ASP A 41 ? 0.8821 0.9328 0.9082 -0.0067 0.0249  -0.0492 297 ASP A O   
331 C CB  . ASP A 41 ? 0.9312 1.0080 0.9648 -0.0089 0.0278  -0.0649 297 ASP A CB  
332 C CG  . ASP A 41 ? 1.2624 1.3803 1.3033 -0.0158 0.0306  -0.0841 297 ASP A CG  
333 O OD1 . ASP A 41 ? 1.5166 1.6569 1.5366 -0.0325 0.0348  -0.0777 297 ASP A OD1 
334 O OD2 . ASP A 41 ? 1.4875 1.6176 1.5559 -0.0066 0.0260  -0.1054 297 ASP A OD2 
335 N N   . ARG A 42 ? 0.7861 0.8243 0.7996 -0.0039 0.0238  -0.0361 298 ARG A N   
336 C CA  . ARG A 42 ? 0.7997 0.8377 0.8156 -0.0029 0.0214  -0.0295 298 ARG A CA  
337 C C   . ARG A 42 ? 0.7754 0.8108 0.7818 -0.0020 0.0223  -0.0304 298 ARG A C   
338 O O   . ARG A 42 ? 0.8717 0.9094 0.8819 -0.0029 0.0214  -0.0282 298 ARG A O   
339 C CB  . ARG A 42 ? 0.6704 0.7203 0.6833 -0.0046 0.0204  -0.0246 298 ARG A CB  
340 C CG  . ARG A 42 ? 0.8610 0.9311 0.8749 -0.0129 0.0163  -0.0150 298 ARG A CG  
341 C CD  . ARG A 42 ? 0.8291 0.9365 0.8344 -0.0173 0.0180  -0.0176 298 ARG A CD  
342 N NE  . ARG A 42 ? 1.0209 1.1305 1.0256 -0.0023 0.0207  -0.0384 298 ARG A NE  
343 C CZ  . ARG A 42 ? 1.0006 1.1223 1.0081 0.0025  0.0194  -0.0501 298 ARG A CZ  
344 N NH1 . ARG A 42 ? 0.9831 1.0976 0.9973 0.0173  0.0112  -0.0697 298 ARG A NH1 
345 N NH2 . ARG A 42 ? 1.0068 1.1434 1.0118 -0.0056 0.0202  -0.0418 298 ARG A NH2 
346 N N   . ILE A 43 ? 0.8577 0.8867 0.8575 -0.0002 0.0182  -0.0327 299 ILE A N   
347 C CA  . ILE A 43 ? 0.9022 0.9251 0.9007 0.0018  0.0109  -0.0338 299 ILE A CA  
348 C C   . ILE A 43 ? 0.9372 0.9555 0.9303 -0.0065 0.0126  -0.0292 299 ILE A C   
349 O O   . ILE A 43 ? 0.9444 0.9622 0.9394 -0.0046 0.0114  -0.0293 299 ILE A O   
350 C CB  . ILE A 43 ? 0.8823 0.8902 0.8815 0.0020  -0.0059 -0.0356 299 ILE A CB  
351 C CG1 . ILE A 43 ? 0.9063 0.9240 0.9156 0.0142  -0.0101 -0.0491 299 ILE A CG1 
352 C CG2 . ILE A 43 ? 0.9557 0.9457 0.9586 0.0011  -0.0245 -0.0327 299 ILE A CG2 
353 C CD1 . ILE A 43 ? 0.8753 0.8723 0.8923 0.0160  -0.0328 -0.0512 299 ILE A CD1 
354 N N   . LYS A 44 ? 0.8070 0.8363 0.7987 -0.0168 0.0156  -0.0274 300 LYS A N   
355 C CA  . LYS A 44 ? 0.9021 0.9494 0.8916 -0.0262 0.0199  -0.0300 300 LYS A CA  
356 C C   . LYS A 44 ? 0.7745 0.8249 0.7785 -0.0169 0.0249  -0.0389 300 LYS A C   
357 O O   . LYS A 44 ? 0.8093 0.8669 0.8158 -0.0189 0.0257  -0.0417 300 LYS A O   
358 C CB  . LYS A 44 ? 0.9352 1.0164 0.9264 -0.0380 0.0244  -0.0374 300 LYS A CB  
359 C CG  . LYS A 44 ? 1.3242 1.4154 1.2964 -0.0601 0.0143  -0.0219 300 LYS A CG  
360 C CD  . LYS A 44 ? 1.5050 1.6548 1.4732 -0.0807 0.0204  -0.0303 300 LYS A CD  
361 C CE  . LYS A 44 ? 1.5664 1.7320 1.5126 -0.1143 0.0053  -0.0043 300 LYS A CE  
362 N NZ  . LYS A 44 ? 1.6132 1.8456 1.5533 -0.1371 0.0114  -0.0120 300 LYS A NZ  
363 N N   . SER A 45 ? 0.7779 0.8226 0.7955 -0.0084 0.0247  -0.0420 301 SER A N   
364 C CA  . SER A 45 ? 0.7545 0.7967 0.7908 -0.0032 0.0197  -0.0461 301 SER A CA  
365 C C   . SER A 45 ? 0.8352 0.8686 0.8642 -0.0039 0.0186  -0.0341 301 SER A C   
366 O O   . SER A 45 ? 0.8204 0.8518 0.8588 -0.0038 0.0148  -0.0347 301 SER A O   
367 C CB  . SER A 45 ? 0.8180 0.8547 0.8713 -0.0005 0.0113  -0.0463 301 SER A CB  
368 O OG  . SER A 45 ? 1.1061 1.1346 1.1863 0.0004  -0.0044 -0.0474 301 SER A OG  
369 N N   . PHE A 46 ? 0.7183 0.7502 0.7325 -0.0041 0.0205  -0.0279 302 PHE A N   
370 C CA  . PHE A 46 ? 0.7469 0.7865 0.7576 -0.0035 0.0196  -0.0241 302 PHE A CA  
371 C C   . PHE A 46 ? 0.7278 0.7588 0.7334 -0.0019 0.0198  -0.0273 302 PHE A C   
372 O O   . PHE A 46 ? 0.7907 0.8232 0.7981 -0.0028 0.0191  -0.0257 302 PHE A O   
373 C CB  . PHE A 46 ? 0.7517 0.8059 0.7564 -0.0002 0.0190  -0.0299 302 PHE A CB  
374 C CG  . PHE A 46 ? 0.8742 0.9494 0.8794 0.0033  0.0175  -0.0383 302 PHE A CG  
375 C CD1 . PHE A 46 ? 0.9136 0.9740 0.9214 0.0119  0.0100  -0.0496 302 PHE A CD1 
376 C CD2 . PHE A 46 ? 0.9320 1.0449 0.9371 -0.0053 0.0184  -0.0354 302 PHE A CD2 
377 C CE1 . PHE A 46 ? 0.9730 1.0563 0.9877 0.0180  0.0054  -0.0641 302 PHE A CE1 
378 C CE2 . PHE A 46 ? 0.9839 1.1298 0.9904 -0.0031 0.0178  -0.0488 302 PHE A CE2 
379 C CZ  . PHE A 46 ? 0.9198 1.0497 0.9335 0.0121  0.0119  -0.0667 302 PHE A CZ  
380 N N   . THR A 47 ? 0.7672 0.7906 0.7672 -0.0038 0.0178  -0.0288 303 THR A N   
381 C CA  . THR A 47 ? 0.8328 0.8489 0.8273 -0.0083 0.0124  -0.0258 303 THR A CA  
382 C C   . THR A 47 ? 0.7546 0.7803 0.7521 -0.0123 0.0184  -0.0277 303 THR A C   
383 O O   . THR A 47 ? 0.8869 0.9110 0.8831 -0.0136 0.0166  -0.0268 303 THR A O   
384 C CB  . THR A 47 ? 0.8661 0.8761 0.8518 -0.0193 0.0017  -0.0190 303 THR A CB  
385 O OG1 . THR A 47 ? 0.8671 0.8663 0.8576 -0.0124 -0.0069 -0.0221 303 THR A OG1 
386 C CG2 . THR A 47 ? 1.0895 1.0898 1.0726 -0.0286 -0.0118 -0.0105 303 THR A CG2 
387 N N   . THR A 48 ? 0.7991 0.8397 0.8072 -0.0130 0.0230  -0.0361 304 THR A N   
388 C CA  . THR A 48 ? 0.7691 0.8281 0.7897 -0.0139 0.0247  -0.0487 304 THR A CA  
389 C C   . THR A 48 ? 0.7517 0.7965 0.7857 -0.0066 0.0198  -0.0465 304 THR A C   
390 O O   . THR A 48 ? 0.7623 0.8122 0.8014 -0.0070 0.0197  -0.0503 304 THR A O   
391 C CB  . THR A 48 ? 0.8959 0.9768 0.9344 -0.0127 0.0248  -0.0666 304 THR A CB  
392 O OG1 . THR A 48 ? 0.9314 1.0394 0.9532 -0.0266 0.0304  -0.0665 304 THR A OG1 
393 C CG2 . THR A 48 ? 0.8228 0.9249 0.8923 -0.0049 0.0196  -0.0919 304 THR A CG2 
394 N N   . ASN A 49 ? 0.7866 0.8180 0.8243 -0.0035 0.0151  -0.0373 305 ASN A N   
395 C CA  . ASN A 49 ? 0.7842 0.8084 0.8294 -0.0058 0.0067  -0.0267 305 ASN A CA  
396 C C   . ASN A 49 ? 0.7726 0.7993 0.8022 -0.0069 0.0119  -0.0212 305 ASN A C   
397 O O   . ASN A 49 ? 0.7410 0.7670 0.7781 -0.0079 0.0073  -0.0179 305 ASN A O   
398 C CB  . ASN A 49 ? 0.9838 1.0122 1.0260 -0.0117 0.0023  -0.0122 305 ASN A CB  
399 C CG  . ASN A 49 ? 1.2439 1.2649 1.3063 -0.0203 -0.0183 0.0010  305 ASN A CG  
400 O OD1 . ASN A 49 ? 1.2926 1.3108 1.3626 -0.0283 -0.0303 0.0119  305 ASN A OD1 
401 N ND2 . ASN A 49 ? 1.2675 1.2825 1.3420 -0.0215 -0.0276 0.0019  305 ASN A ND2 
402 N N   . GLU A 50 ? 0.6968 0.7283 0.7109 -0.0051 0.0174  -0.0218 306 GLU A N   
403 C CA  . GLU A 50 ? 0.7626 0.7984 0.7689 -0.0029 0.0172  -0.0233 306 GLU A CA  
404 C C   . GLU A 50 ? 0.7149 0.7401 0.7210 -0.0039 0.0174  -0.0243 306 GLU A C   
405 O O   . GLU A 50 ? 0.6819 0.7082 0.6878 -0.0033 0.0162  -0.0239 306 GLU A O   
406 C CB  . GLU A 50 ? 0.7901 0.8301 0.7937 0.0032  0.0138  -0.0330 306 GLU A CB  
407 C CG  . GLU A 50 ? 0.8275 0.8917 0.8328 0.0033  0.0149  -0.0357 306 GLU A CG  
408 C CD  . GLU A 50 ? 1.1257 1.2222 1.1311 -0.0081 0.0172  -0.0274 306 GLU A CD  
409 O OE1 . GLU A 50 ? 1.1472 1.2726 1.1522 -0.0080 0.0165  -0.0360 306 GLU A OE1 
410 O OE2 . GLU A 50 ? 1.1269 1.2198 1.1343 -0.0191 0.0140  -0.0114 306 GLU A OE2 
411 N N   . LYS A 51 ? 0.7240 0.7464 0.7275 -0.0084 0.0181  -0.0261 307 LYS A N   
412 C CA  . LYS A 51 ? 0.7197 0.7455 0.7187 -0.0151 0.0180  -0.0270 307 LYS A CA  
413 C C   . LYS A 51 ? 0.7216 0.7574 0.7350 -0.0120 0.0211  -0.0331 307 LYS A C   
414 O O   . LYS A 51 ? 0.7146 0.7501 0.7254 -0.0140 0.0203  -0.0335 307 LYS A O   
415 C CB  . LYS A 51 ? 0.7909 0.8346 0.7844 -0.0273 0.0183  -0.0265 307 LYS A CB  
416 C CG  . LYS A 51 ? 0.8427 0.8744 0.8239 -0.0384 0.0058  -0.0134 307 LYS A CG  
417 C CD  . LYS A 51 ? 0.9684 1.0305 0.9402 -0.0585 0.0058  -0.0112 307 LYS A CD  
418 C CE  . LYS A 51 ? 1.1363 1.1856 1.0971 -0.0741 -0.0114 0.0074  307 LYS A CE  
419 N NZ  . LYS A 51 ? 1.2547 1.3507 1.2056 -0.0989 -0.0084 0.0106  307 LYS A NZ  
420 N N   . ALA A 52 ? 0.7125 0.7510 0.7435 -0.0073 0.0187  -0.0406 308 ALA A N   
421 C CA  . ALA A 52 ? 0.6918 0.7308 0.7464 -0.0027 0.0105  -0.0490 308 ALA A CA  
422 C C   . ALA A 52 ? 0.7757 0.8007 0.8266 -0.0039 0.0064  -0.0328 308 ALA A C   
423 O O   . ALA A 52 ? 0.7453 0.7707 0.8050 -0.0039 0.0027  -0.0360 308 ALA A O   
424 C CB  . ALA A 52 ? 0.7454 0.7824 0.8272 0.0019  -0.0015 -0.0567 308 ALA A CB  
425 N N   . ILE A 53 ? 0.7857 0.8085 0.8238 -0.0078 0.0073  -0.0189 309 ILE A N   
426 C CA  . ILE A 53 ? 0.7613 0.7901 0.7956 -0.0137 0.0035  -0.0069 309 ILE A CA  
427 C C   . ILE A 53 ? 0.6485 0.6787 0.6688 -0.0101 0.0108  -0.0120 309 ILE A C   
428 O O   . ILE A 53 ? 0.6996 0.7333 0.7221 -0.0129 0.0088  -0.0083 309 ILE A O   
429 C CB  . ILE A 53 ? 0.8449 0.8931 0.8690 -0.0221 0.0026  0.0030  309 ILE A CB  
430 C CG1 . ILE A 53 ? 0.8977 0.9424 0.9369 -0.0321 -0.0125 0.0173  309 ILE A CG1 
431 C CG2 . ILE A 53 ? 0.7033 0.7799 0.7189 -0.0295 0.0037  0.0076  309 ILE A CG2 
432 C CD1 . ILE A 53 ? 0.9687 1.0367 0.9966 -0.0401 -0.0099 0.0228  309 ILE A CD1 
433 N N   . LEU A 54 ? 0.7448 0.7715 0.7547 -0.0063 0.0158  -0.0199 310 LEU A N   
434 C CA  . LEU A 54 ? 0.7490 0.7713 0.7536 -0.0042 0.0146  -0.0231 310 LEU A CA  
435 C C   . LEU A 54 ? 0.7747 0.7949 0.7825 -0.0076 0.0162  -0.0217 310 LEU A C   
436 O O   . LEU A 54 ? 0.7036 0.7231 0.7093 -0.0075 0.0149  -0.0213 310 LEU A O   
437 C CB  . LEU A 54 ? 0.6558 0.6667 0.6535 -0.0048 0.0084  -0.0240 310 LEU A CB  
438 C CG  . LEU A 54 ? 0.8385 0.8359 0.8336 -0.0072 -0.0036 -0.0221 310 LEU A CG  
439 C CD1 . LEU A 54 ? 0.7664 0.7663 0.7713 0.0050  -0.0128 -0.0346 310 LEU A CD1 
440 C CD2 . LEU A 54 ? 0.7281 0.7130 0.7199 -0.0175 -0.0178 -0.0142 310 LEU A CD2 
441 N N   . GLU A 55 ? 0.7667 0.7931 0.7802 -0.0109 0.0182  -0.0283 311 GLU A N   
442 C CA  . GLU A 55 ? 0.7652 0.8058 0.7870 -0.0131 0.0198  -0.0366 311 GLU A CA  
443 C C   . GLU A 55 ? 0.7749 0.8094 0.8137 -0.0076 0.0139  -0.0378 311 GLU A C   
444 O O   . GLU A 55 ? 0.8160 0.8526 0.8544 -0.0081 0.0132  -0.0397 311 GLU A O   
445 C CB  . GLU A 55 ? 0.8479 0.9140 0.8841 -0.0149 0.0206  -0.0543 311 GLU A CB  
446 C CG  . GLU A 55 ? 1.1200 1.2233 1.1577 -0.0224 0.0243  -0.0685 311 GLU A CG  
447 C CD  . GLU A 55 ? 1.2694 1.3754 1.2791 -0.0405 0.0248  -0.0502 311 GLU A CD  
448 O OE1 . GLU A 55 ? 1.1425 1.2413 1.1362 -0.0503 0.0214  -0.0361 311 GLU A OE1 
449 O OE2 . GLU A 55 ? 1.2103 1.3221 1.2166 -0.0451 0.0245  -0.0481 311 GLU A OE2 
450 N N   . GLN A 56 ? 0.7877 0.8123 0.8400 -0.0056 0.0050  -0.0322 312 GLN A N   
451 C CA  . GLN A 56 ? 0.7858 0.8022 0.8540 -0.0070 -0.0081 -0.0244 312 GLN A CA  
452 C C   . GLN A 56 ? 0.7018 0.7197 0.7495 -0.0134 -0.0040 -0.0098 312 GLN A C   
453 O O   . GLN A 56 ? 0.7286 0.7451 0.7843 -0.0154 -0.0101 -0.0053 312 GLN A O   
454 C CB  . GLN A 56 ? 0.7494 0.7550 0.8396 -0.0100 -0.0280 -0.0155 312 GLN A CB  
455 C CG  . GLN A 56 ? 0.9453 0.9372 1.0575 -0.0174 -0.0534 -0.0020 312 GLN A CG  
456 C CD  . GLN A 56 ? 1.1528 1.1412 1.2960 -0.0059 -0.0640 -0.0248 312 GLN A CD  
457 O OE1 . GLN A 56 ? 1.0600 1.0586 1.2264 0.0070  -0.0644 -0.0554 312 GLN A OE1 
458 N NE2 . GLN A 56 ? 1.0434 1.0259 1.1886 -0.0104 -0.0710 -0.0153 312 GLN A NE2 
459 N N   . ASN A 57 ? 0.6939 0.7215 0.7226 -0.0140 0.0050  -0.0063 313 ASN A N   
460 C CA  . ASN A 57 ? 0.7247 0.7670 0.7413 -0.0164 0.0077  -0.0039 313 ASN A CA  
461 C C   . ASN A 57 ? 0.7220 0.7538 0.7372 -0.0111 0.0112  -0.0111 313 ASN A C   
462 O O   . ASN A 57 ? 0.6879 0.7256 0.7026 -0.0131 0.0094  -0.0081 313 ASN A O   
463 C CB  . ASN A 57 ? 0.7005 0.7625 0.7081 -0.0129 0.0117  -0.0125 313 ASN A CB  
464 C CG  . ASN A 57 ? 0.8243 0.9138 0.8319 -0.0235 0.0092  -0.0045 313 ASN A CG  
465 O OD1 . ASN A 57 ? 0.8181 0.9060 0.8320 -0.0359 0.0006  0.0131  313 ASN A OD1 
466 N ND2 . ASN A 57 ? 0.8180 0.9336 0.8214 -0.0184 0.0127  -0.0181 313 ASN A ND2 
467 N N   . PHE A 58 ? 0.6933 0.7152 0.7045 -0.0085 0.0140  -0.0180 314 PHE A N   
468 C CA  . PHE A 58 ? 0.6976 0.7151 0.7044 -0.0096 0.0137  -0.0199 314 PHE A CA  
469 C C   . PHE A 58 ? 0.6732 0.6947 0.6891 -0.0111 0.0141  -0.0219 314 PHE A C   
470 O O   . PHE A 58 ? 0.7228 0.7431 0.7360 -0.0118 0.0133  -0.0203 314 PHE A O   
471 C CB  . PHE A 58 ? 0.7820 0.7990 0.7801 -0.0170 0.0124  -0.0197 314 PHE A CB  
472 C CG  . PHE A 58 ? 0.8392 0.8586 0.8292 -0.0278 0.0080  -0.0158 314 PHE A CG  
473 C CD1 . PHE A 58 ? 0.8568 0.8597 0.8425 -0.0292 -0.0050 -0.0084 314 PHE A CD1 
474 C CD2 . PHE A 58 ? 0.9399 0.9872 0.9329 -0.0363 0.0140  -0.0219 314 PHE A CD2 
475 C CE1 . PHE A 58 ? 0.8556 0.8617 0.8337 -0.0440 -0.0122 0.0002  314 PHE A CE1 
476 C CE2 . PHE A 58 ? 0.8979 0.9616 0.8815 -0.0524 0.0109  -0.0169 314 PHE A CE2 
477 C CZ  . PHE A 58 ? 0.9237 0.9626 0.8978 -0.0581 -0.0026 -0.0006 314 PHE A CZ  
478 N N   . ARG A 59 ? 0.6310 0.6579 0.6660 -0.0094 0.0115  -0.0290 315 ARG A N   
479 C CA  . ARG A 59 ? 0.7536 0.7839 0.8085 -0.0065 0.0049  -0.0384 315 ARG A CA  
480 C C   . ARG A 59 ? 0.8129 0.8313 0.8728 -0.0083 -0.0049 -0.0237 315 ARG A C   
481 O O   . ARG A 59 ? 0.7905 0.8089 0.8586 -0.0077 -0.0073 -0.0274 315 ARG A O   
482 C CB  . ARG A 59 ? 0.7634 0.8039 0.8508 0.0000  -0.0054 -0.0573 315 ARG A CB  
483 C CG  . ARG A 59 ? 0.8409 0.9105 0.9246 -0.0016 0.0037  -0.0753 315 ARG A CG  
484 C CD  . ARG A 59 ? 1.0655 1.1488 1.1938 0.0098  -0.0115 -0.1056 315 ARG A CD  
485 N NE  . ARG A 59 ? 1.1955 1.3103 1.3282 0.0091  -0.0051 -0.1244 315 ARG A NE  
486 C CZ  . ARG A 59 ? 1.3417 1.5076 1.4597 -0.0013 0.0092  -0.1383 315 ARG A CZ  
487 N NH1 . ARG A 59 ? 1.4485 1.6350 1.5495 -0.0126 0.0170  -0.1344 315 ARG A NH1 
488 N NH2 . ARG A 59 ? 1.2588 1.4592 1.3800 -0.0051 0.0130  -0.1547 315 ARG A NH2 
489 N N   . ASP A 60 ? 0.8530 0.8679 0.9101 -0.0139 -0.0099 -0.0085 316 ASP A N   
490 C CA  . ASP A 60 ? 0.8011 0.8199 0.8581 -0.0245 -0.0199 0.0101  316 ASP A CA  
491 C C   . ASP A 60 ? 0.7268 0.7576 0.7615 -0.0239 -0.0068 0.0077  316 ASP A C   
492 O O   . ASP A 60 ? 0.7466 0.7797 0.7836 -0.0277 -0.0118 0.0140  316 ASP A O   
493 C CB  . ASP A 60 ? 0.9189 0.9503 0.9717 -0.0391 -0.0287 0.0295  316 ASP A CB  
494 C CG  . ASP A 60 ? 1.1653 1.1800 1.2407 -0.0418 -0.0471 0.0339  316 ASP A CG  
495 O OD1 . ASP A 60 ? 1.3069 1.2999 1.4122 -0.0327 -0.0623 0.0228  316 ASP A OD1 
496 O OD2 . ASP A 60 ? 1.2357 1.2621 1.3021 -0.0521 -0.0492 0.0457  316 ASP A OD2 
497 N N   . LEU A 61 ? 0.7114 0.7468 0.7308 -0.0172 0.0048  -0.0015 317 LEU A N   
498 C CA  . LEU A 61 ? 0.7410 0.7849 0.7511 -0.0141 0.0090  -0.0079 317 LEU A CA  
499 C C   . LEU A 61 ? 0.8114 0.8397 0.8228 -0.0121 0.0091  -0.0097 317 LEU A C   
500 O O   . LEU A 61 ? 0.7436 0.7772 0.7552 -0.0139 0.0079  -0.0083 317 LEU A O   
501 C CB  . LEU A 61 ? 0.8663 0.9083 0.8705 -0.0061 0.0091  -0.0197 317 LEU A CB  
502 C CG  . LEU A 61 ? 0.8821 0.9251 0.8888 0.0007  0.0035  -0.0322 317 LEU A CG  
503 C CD1 . LEU A 61 ? 0.8905 0.9700 0.8995 0.0011  0.0048  -0.0405 317 LEU A CD1 
504 C CD2 . LEU A 61 ? 0.9075 0.9412 0.9183 0.0086  -0.0066 -0.0437 317 LEU A CD2 
505 N N   . VAL A 62 ? 0.6643 0.6844 0.6793 -0.0118 0.0105  -0.0146 318 VAL A N   
506 C CA  . VAL A 62 ? 0.6789 0.6998 0.6953 -0.0132 0.0121  -0.0193 318 VAL A CA  
507 C C   . VAL A 62 ? 0.7017 0.7236 0.7337 -0.0123 0.0072  -0.0192 318 VAL A C   
508 O O   . VAL A 62 ? 0.7837 0.8054 0.8129 -0.0123 0.0072  -0.0186 318 VAL A O   
509 C CB  . VAL A 62 ? 0.6868 0.7212 0.7040 -0.0183 0.0145  -0.0283 318 VAL A CB  
510 C CG1 . VAL A 62 ? 0.8516 0.9044 0.8710 -0.0235 0.0163  -0.0357 318 VAL A CG1 
511 C CG2 . VAL A 62 ? 0.7498 0.7799 0.7503 -0.0254 0.0128  -0.0201 318 VAL A CG2 
512 N N   . ARG A 63 ? 0.7765 0.7956 0.8289 -0.0105 -0.0027 -0.0194 319 ARG A N   
513 C CA  . ARG A 63 ? 0.7198 0.7317 0.7945 -0.0118 -0.0181 -0.0156 319 ARG A CA  
514 C C   . ARG A 63 ? 0.7511 0.7649 0.8110 -0.0212 -0.0197 0.0037  319 ARG A C   
515 O O   . ARG A 63 ? 0.7850 0.7953 0.8527 -0.0232 -0.0267 0.0061  319 ARG A O   
516 C CB  . ARG A 63 ? 0.8902 0.8926 0.9932 -0.0121 -0.0389 -0.0140 319 ARG A CB  
517 C CG  . ARG A 63 ? 1.0795 1.0641 1.2114 -0.0184 -0.0684 -0.0017 319 ARG A CG  
518 C CD  . ARG A 63 ? 1.2033 1.1718 1.3779 -0.0136 -0.0988 -0.0108 319 ARG A CD  
519 N NE  . ARG A 63 ? 1.4825 1.4408 1.6547 -0.0299 -0.1155 0.0183  319 ARG A NE  
520 C CZ  . ARG A 63 ? 1.6450 1.6034 1.8176 -0.0276 -0.1129 0.0141  319 ARG A CZ  
521 N NH1 . ARG A 63 ? 1.6915 1.6622 1.8663 -0.0091 -0.0948 -0.0180 319 ARG A NH1 
522 N NH2 . ARG A 63 ? 1.7044 1.6579 1.8757 -0.0466 -0.1311 0.0445  319 ARG A NH2 
523 N N   . GLU A 64 ? 0.7380 0.7669 0.7810 -0.0277 -0.0145 0.0144  320 GLU A N   
524 C CA  . GLU A 64 ? 0.8015 0.8515 0.8330 -0.0392 -0.0155 0.0257  320 GLU A CA  
525 C C   . GLU A 64 ? 0.8904 0.9425 0.9121 -0.0299 -0.0044 0.0138  320 GLU A C   
526 O O   . GLU A 64 ? 0.8361 0.8988 0.8561 -0.0365 -0.0074 0.0197  320 GLU A O   
527 C CB  . GLU A 64 ? 0.8481 0.9335 0.8654 -0.0482 -0.0112 0.0302  320 GLU A CB  
528 C CG  . GLU A 64 ? 0.8420 0.9741 0.8499 -0.0641 -0.0126 0.0370  320 GLU A CG  
529 C CD  . GLU A 64 ? 0.9639 1.0999 0.9782 -0.0839 -0.0285 0.0618  320 GLU A CD  
530 O OE1 . GLU A 64 ? 0.9445 1.1118 0.9506 -0.0895 -0.0241 0.0589  320 GLU A OE1 
531 O OE2 . GLU A 64 ? 0.9755 1.0797 1.0059 -0.0938 -0.0504 0.0820  320 GLU A OE2 
532 N N   . LEU A 65 ? 0.8027 0.8418 0.8186 -0.0191 0.0040  -0.0012 321 LEU A N   
533 C CA  . LEU A 65 ? 0.7901 0.8272 0.7977 -0.0142 0.0069  -0.0086 321 LEU A CA  
534 C C   . LEU A 65 ? 0.7404 0.7662 0.7534 -0.0149 0.0067  -0.0075 321 LEU A C   
535 O O   . LEU A 65 ? 0.8355 0.8636 0.8469 -0.0154 0.0062  -0.0081 321 LEU A O   
536 C CB  . LEU A 65 ? 0.7785 0.8038 0.7827 -0.0088 0.0059  -0.0165 321 LEU A CB  
537 C CG  . LEU A 65 ? 0.8704 0.9048 0.8748 -0.0033 0.0020  -0.0268 321 LEU A CG  
538 C CD1 . LEU A 65 ? 0.9426 0.9544 0.9449 -0.0017 -0.0057 -0.0275 321 LEU A CD1 
539 C CD2 . LEU A 65 ? 0.9926 1.0490 1.0023 0.0047  -0.0040 -0.0430 321 LEU A CD2 
540 N N   . GLU A 66 ? 0.8009 0.8219 0.8252 -0.0153 0.0053  -0.0113 322 GLU A N   
541 C CA  . GLU A 66 ? 0.8442 0.8670 0.8808 -0.0142 0.0029  -0.0180 322 GLU A CA  
542 C C   . GLU A 66 ? 0.9179 0.9363 0.9658 -0.0165 -0.0070 -0.0085 322 GLU A C   
543 O O   . GLU A 66 ? 0.8473 0.8668 0.8959 -0.0168 -0.0065 -0.0097 322 GLU A O   
544 C CB  . GLU A 66 ? 0.9321 0.9651 0.9889 -0.0114 0.0008  -0.0344 322 GLU A CB  
545 C CG  . GLU A 66 ? 1.2552 1.3031 1.3367 -0.0067 -0.0055 -0.0536 322 GLU A CG  
546 C CD  . GLU A 66 ? 1.6368 1.7147 1.7065 -0.0134 0.0054  -0.0638 322 GLU A CD  
547 O OE1 . GLU A 66 ? 1.7553 1.8371 1.7986 -0.0239 0.0132  -0.0528 322 GLU A OE1 
548 O OE2 . GLU A 66 ? 1.7839 1.8801 1.8720 -0.0099 0.0016  -0.0817 322 GLU A OE2 
549 N N   . LYS A 67 ? 0.7806 0.7967 0.8376 -0.0223 -0.0180 0.0042  323 LYS A N   
550 C CA  . LYS A 67 ? 0.8268 0.8432 0.8920 -0.0331 -0.0332 0.0216  323 LYS A CA  
551 C C   . LYS A 67 ? 0.8158 0.8507 0.8576 -0.0385 -0.0231 0.0271  323 LYS A C   
552 O O   . LYS A 67 ? 0.8131 0.8492 0.8587 -0.0431 -0.0291 0.0331  323 LYS A O   
553 C CB  . LYS A 67 ? 0.8582 0.8715 0.9352 -0.0472 -0.0550 0.0416  323 LYS A CB  
554 C CG  . LYS A 67 ? 1.1402 1.1497 1.2332 -0.0649 -0.0832 0.0664  323 LYS A CG  
555 C CD  . LYS A 67 ? 1.3782 1.3976 1.4722 -0.0920 -0.1063 0.0993  323 LYS A CD  
556 C CE  . LYS A 67 ? 1.4393 1.4458 1.5438 -0.0869 -0.1117 0.0950  323 LYS A CE  
557 N NZ  . LYS A 67 ? 1.4982 1.5371 1.5836 -0.1152 -0.1171 0.1234  323 LYS A NZ  
558 N N   . GLN A 68 ? 0.7798 0.8335 0.8027 -0.0357 -0.0094 0.0204  324 GLN A N   
559 C CA  . GLN A 68 ? 0.8524 0.9299 0.8637 -0.0365 -0.0039 0.0146  324 GLN A CA  
560 C C   . GLN A 68 ? 0.9434 1.0014 0.9552 -0.0265 -0.0002 0.0050  324 GLN A C   
561 O O   . GLN A 68 ? 0.7686 0.8380 0.7784 -0.0288 -0.0005 0.0055  324 GLN A O   
562 C CB  . GLN A 68 ? 0.9040 1.0082 0.9088 -0.0312 0.0029  -0.0011 324 GLN A CB  
563 C CG  . GLN A 68 ? 1.1024 1.2490 1.1036 -0.0463 0.0005  0.0076  324 GLN A CG  
564 C CD  . GLN A 68 ? 1.0139 1.1903 1.0148 -0.0376 0.0053  -0.0154 324 GLN A CD  
565 O OE1 . GLN A 68 ? 1.0804 1.2471 1.0855 -0.0192 0.0054  -0.0399 324 GLN A OE1 
566 N NE2 . GLN A 68 ? 1.0723 1.2817 1.0689 -0.0521 0.0042  -0.0062 324 GLN A NE2 
567 N N   . LYS A 69 ? 0.8070 0.8414 0.8196 -0.0198 0.0030  -0.0013 325 LYS A N   
568 C CA  . LYS A 69 ? 0.8004 0.8254 0.8102 -0.0168 0.0049  -0.0068 325 LYS A CA  
569 C C   . LYS A 69 ? 0.7696 0.7948 0.7896 -0.0195 0.0019  -0.0034 325 LYS A C   
570 O O   . LYS A 69 ? 0.8632 0.8879 0.8789 -0.0197 0.0030  -0.0044 325 LYS A O   
571 C CB  . LYS A 69 ? 0.8017 0.8191 0.8092 -0.0187 0.0063  -0.0113 325 LYS A CB  
572 C CG  . LYS A 69 ? 0.9619 0.9808 0.9643 -0.0244 0.0058  -0.0118 325 LYS A CG  
573 C CD  . LYS A 69 ? 1.0185 1.0520 1.0165 -0.0355 0.0064  -0.0137 325 LYS A CD  
574 C CE  . LYS A 69 ? 1.0060 1.0621 1.0209 -0.0327 0.0119  -0.0288 325 LYS A CE  
575 N NZ  . LYS A 69 ? 1.0462 1.1160 1.0778 -0.0289 0.0121  -0.0402 325 LYS A NZ  
576 N N   . GLU A 70 ? 0.7842 0.8059 0.8219 -0.0216 -0.0066 -0.0006 326 GLU A N   
577 C CA  . GLU A 70 ? 0.8863 0.9039 0.9457 -0.0220 -0.0183 0.0005  326 GLU A CA  
578 C C   . GLU A 70 ? 0.9044 0.9262 0.9574 -0.0315 -0.0248 0.0178  326 GLU A C   
579 O O   . GLU A 70 ? 0.9325 0.9521 0.9934 -0.0315 -0.0288 0.0165  326 GLU A O   
580 C CB  . GLU A 70 ? 1.0195 1.0269 1.1076 -0.0203 -0.0368 -0.0014 326 GLU A CB  
581 C CG  . GLU A 70 ? 1.4221 1.4346 1.5393 -0.0080 -0.0422 -0.0295 326 GLU A CG  
582 C CD  . GLU A 70 ? 1.5802 1.6173 1.6815 -0.0057 -0.0211 -0.0479 326 GLU A CD  
583 O OE1 . GLU A 70 ? 1.7260 1.7797 1.8433 -0.0006 -0.0226 -0.0684 326 GLU A OE1 
584 O OE2 . GLU A 70 ? 1.6852 1.7274 1.7604 -0.0114 -0.0078 -0.0420 326 GLU A OE2 
585 N N   . GLU A 71 ? 0.8763 0.9163 0.9163 -0.0424 -0.0249 0.0304  327 GLU A N   
586 C CA  . GLU A 71 ? 1.0458 1.1138 1.0764 -0.0566 -0.0278 0.0448  327 GLU A CA  
587 C C   . GLU A 71 ? 0.8867 0.9643 0.9039 -0.0472 -0.0139 0.0289  327 GLU A C   
588 O O   . GLU A 71 ? 0.9231 1.0108 0.9411 -0.0537 -0.0164 0.0342  327 GLU A O   
589 C CB  . GLU A 71 ? 1.0182 1.1229 1.0399 -0.0742 -0.0302 0.0573  327 GLU A CB  
590 C CG  . GLU A 71 ? 1.2302 1.3253 1.2665 -0.0936 -0.0569 0.0854  327 GLU A CG  
591 C CD  . GLU A 71 ? 1.6182 1.7246 1.6512 -0.1037 -0.0603 0.0933  327 GLU A CD  
592 O OE1 . GLU A 71 ? 1.6614 1.8203 1.6762 -0.1127 -0.0482 0.0902  327 GLU A OE1 
593 O OE2 . GLU A 71 ? 1.5823 1.6528 1.6358 -0.0993 -0.0765 0.0980  327 GLU A OE2 
594 N N   . VAL A 72 ? 0.8691 0.9409 0.8800 -0.0340 -0.0033 0.0101  328 VAL A N   
595 C CA  . VAL A 72 ? 0.8223 0.8973 0.8284 -0.0253 0.0007  -0.0034 328 VAL A CA  
596 C C   . VAL A 72 ? 0.7719 0.8216 0.7815 -0.0238 0.0004  -0.0002 328 VAL A C   
597 O O   . VAL A 72 ? 0.8486 0.9043 0.8571 -0.0245 -0.0008 -0.0012 328 VAL A O   
598 C CB  . VAL A 72 ? 0.9030 0.9707 0.9073 -0.0139 -0.0002 -0.0195 328 VAL A CB  
599 C CG1 . VAL A 72 ? 0.7552 0.8130 0.7637 -0.0050 -0.0080 -0.0334 328 VAL A CG1 
600 C CG2 . VAL A 72 ? 0.7716 0.8754 0.7780 -0.0140 0.0002  -0.0295 328 VAL A CG2 
601 N N   . ARG A 73 ? 0.7042 0.7360 0.7198 -0.0230 -0.0001 -0.0001 329 ARG A N   
602 C CA  . ARG A 73 ? 0.7206 0.7452 0.7412 -0.0223 -0.0001 -0.0036 329 ARG A CA  
603 C C   . ARG A 73 ? 0.9365 0.9639 0.9687 -0.0254 -0.0068 0.0033  329 ARG A C   
604 O O   . ARG A 73 ? 0.9087 0.9367 0.9395 -0.0252 -0.0053 0.0009  329 ARG A O   
605 C CB  . ARG A 73 ? 0.7368 0.7637 0.7674 -0.0211 0.0008  -0.0123 329 ARG A CB  
606 C CG  . ARG A 73 ? 0.9650 1.0052 1.0118 -0.0205 -0.0003 -0.0257 329 ARG A CG  
607 C CD  . ARG A 73 ? 0.8329 0.8962 0.8849 -0.0220 0.0039  -0.0426 329 ARG A CD  
608 N NE  . ARG A 73 ? 1.0553 1.1493 1.1194 -0.0236 0.0038  -0.0606 329 ARG A NE  
609 C CZ  . ARG A 73 ? 1.1246 1.2508 1.1726 -0.0382 0.0118  -0.0629 329 ARG A CZ  
610 N NH1 . ARG A 73 ? 0.9579 1.0773 0.9788 -0.0516 0.0134  -0.0433 329 ARG A NH1 
611 N NH2 . ARG A 73 ? 1.1627 1.3309 1.2243 -0.0414 0.0129  -0.0832 329 ARG A NH2 
612 N N   . ALA A 74 ? 0.8616 0.8891 0.9063 -0.0309 -0.0185 0.0146  330 ALA A N   
613 C CA  . ALA A 74 ? 0.8009 0.8242 0.8589 -0.0388 -0.0345 0.0268  330 ALA A CA  
614 C C   . ALA A 74 ? 0.8526 0.9001 0.8933 -0.0490 -0.0295 0.0373  330 ALA A C   
615 O O   . ALA A 74 ? 1.0845 1.1317 1.1288 -0.0528 -0.0350 0.0425  330 ALA A O   
616 C CB  . ALA A 74 ? 0.8422 0.8557 0.9241 -0.0474 -0.0589 0.0407  330 ALA A CB  
617 N N   . ALA A 75 ? 0.7725 0.8464 0.7961 -0.0525 -0.0202 0.0358  331 ALA A N   
618 C CA  . ALA A 75 ? 0.8121 0.9194 0.8224 -0.0564 -0.0139 0.0304  331 ALA A CA  
619 C C   . ALA A 75 ? 0.9943 1.0829 1.0018 -0.0418 -0.0070 0.0158  331 ALA A C   
620 O O   . ALA A 75 ? 1.0357 1.1368 1.0425 -0.0463 -0.0089 0.0174  331 ALA A O   
621 C CB  . ALA A 75 ? 0.8341 0.9795 0.8353 -0.0551 -0.0073 0.0174  331 ALA A CB  
622 N N   . LEU A 76 ? 0.9418 1.0059 0.9502 -0.0295 -0.0030 0.0039  332 LEU A N   
623 C CA  . LEU A 76 ? 0.9552 1.0033 0.9615 -0.0228 -0.0025 -0.0041 332 LEU A CA  
624 C C   . LEU A 76 ? 0.9908 1.0319 1.0023 -0.0272 -0.0032 0.0034  332 LEU A C   
625 O O   . LEU A 76 ? 0.8765 0.9196 0.8849 -0.0266 -0.0036 0.0008  332 LEU A O   
626 C CB  . LEU A 76 ? 0.9265 0.9534 0.9291 -0.0207 -0.0032 -0.0077 332 LEU A CB  
627 C CG  . LEU A 76 ? 0.8789 0.9027 0.8814 -0.0151 -0.0087 -0.0152 332 LEU A CG  
628 C CD1 . LEU A 76 ? 0.7758 0.7808 0.7745 -0.0206 -0.0131 -0.0098 332 LEU A CD1 
629 C CD2 . LEU A 76 ? 0.8436 0.8726 0.8518 -0.0071 -0.0195 -0.0305 332 LEU A CD2 
630 N N   . GLU A 77 ? 0.8635 0.8976 0.8879 -0.0293 -0.0080 0.0077  333 GLU A N   
631 C CA  . GLU A 77 ? 1.0775 1.1066 1.1169 -0.0295 -0.0137 0.0077  333 GLU A CA  
632 C C   . GLU A 77 ? 1.2422 1.2769 1.2859 -0.0387 -0.0237 0.0222  333 GLU A C   
633 O O   . GLU A 77 ? 1.2969 1.3262 1.3499 -0.0377 -0.0291 0.0221  333 GLU A O   
634 C CB  . GLU A 77 ? 0.9877 1.0104 1.0529 -0.0254 -0.0245 -0.0008 333 GLU A CB  
635 C CG  . GLU A 77 ? 0.9905 1.0255 1.0569 -0.0205 -0.0141 -0.0207 333 GLU A CG  
636 C CD  . GLU A 77 ? 1.2508 1.2920 1.3382 -0.0153 -0.0196 -0.0349 333 GLU A CD  
637 O OE1 . GLU A 77 ? 1.5870 1.6128 1.6832 -0.0154 -0.0314 -0.0249 333 GLU A OE1 
638 O OE2 . GLU A 77 ? 1.2273 1.2944 1.3202 -0.0136 -0.0142 -0.0562 333 GLU A OE2 
639 N N   . GLN A 78 ? 1.2676 1.3211 1.3013 -0.0500 -0.0265 0.0357  334 GLN A N   
640 C CA  . GLN A 78 ? 1.3141 1.3878 1.3481 -0.0671 -0.0374 0.0550  334 GLN A CA  
641 C C   . GLN A 78 ? 1.2534 1.3553 1.2703 -0.0666 -0.0251 0.0447  334 GLN A C   
642 O O   . GLN A 78 ? 1.4491 1.5627 1.4662 -0.0757 -0.0299 0.0542  334 GLN A O   
643 C CB  . GLN A 78 ? 1.3653 1.4620 1.3977 -0.0896 -0.0521 0.0775  334 GLN A CB  
644 C CG  . GLN A 78 ? 1.5479 1.6213 1.6049 -0.1061 -0.0844 0.1040  334 GLN A CG  
645 C CD  . GLN A 78 ? 1.6836 1.7578 1.7466 -0.1164 -0.0978 0.1164  334 GLN A CD  
646 O OE1 . GLN A 78 ? 1.5821 1.6195 1.6744 -0.1102 -0.1187 0.1172  334 GLN A OE1 
647 N NE2 . GLN A 78 ? 1.5905 1.7122 1.6303 -0.1310 -0.0868 0.1233  334 GLN A NE2 
648 N N   . ARG A 79 ? 1.1143 1.2275 1.1222 -0.0548 -0.0128 0.0247  335 ARG A N   
649 C CA  . ARG A 79 ? 1.1136 1.2453 1.1161 -0.0470 -0.0071 0.0066  335 ARG A CA  
650 C C   . ARG A 79 ? 1.1857 1.2811 1.1912 -0.0386 -0.0071 0.0054  335 ARG A C   
651 O O   . ARG A 79 ? 1.2893 1.3934 1.2932 -0.0357 -0.0068 -0.0025 335 ARG A O   
652 C CB  . ARG A 79 ? 1.1387 1.2825 1.1419 -0.0337 -0.0046 -0.0186 335 ARG A CB  
653 C CG  . ARG A 79 ? 1.2879 1.4998 1.2913 -0.0385 -0.0041 -0.0351 335 ARG A CG  
654 C CD  . ARG A 79 ? 1.2942 1.5222 1.3026 -0.0326 -0.0036 -0.0492 335 ARG A CD  
655 N NE  . ARG A 79 ? 1.4641 1.7373 1.4876 -0.0178 -0.0083 -0.0911 335 ARG A NE  
656 C CZ  . ARG A 79 ? 1.5625 1.7998 1.6047 0.0047  -0.0204 -0.1152 335 ARG A CZ  
657 N NH1 . ARG A 79 ? 1.6690 1.8327 1.7073 0.0085  -0.0256 -0.0957 335 ARG A NH1 
658 N NH2 . ARG A 79 ? 1.5197 1.7980 1.5863 0.0214  -0.0331 -0.1596 335 ARG A NH2 
659 N N   . GLU A 80 ? 1.0438 1.1064 1.0538 -0.0358 -0.0075 0.0102  336 GLU A N   
660 C CA  . GLU A 80 ? 1.1671 1.2104 1.1785 -0.0316 -0.0063 0.0062  336 GLU A CA  
661 C C   . GLU A 80 ? 1.1374 1.1834 1.1582 -0.0365 -0.0114 0.0133  336 GLU A C   
662 O O   . GLU A 80 ? 1.0925 1.1415 1.1080 -0.0354 -0.0094 0.0116  336 GLU A O   
663 C CB  . GLU A 80 ? 1.0651 1.0961 1.0808 -0.0297 -0.0045 0.0021  336 GLU A CB  
664 C CG  . GLU A 80 ? 1.1205 1.1496 1.1339 -0.0319 -0.0032 -0.0029 336 GLU A CG  
665 C CD  . GLU A 80 ? 1.2070 1.2518 1.2322 -0.0341 -0.0008 -0.0133 336 GLU A CD  
666 O OE1 . GLU A 80 ? 1.3988 1.4583 1.4158 -0.0428 0.0009  -0.0160 336 GLU A OE1 
667 O OE2 . GLU A 80 ? 1.5072 1.5532 1.5486 -0.0287 -0.0042 -0.0188 336 GLU A OE2 
668 N N   . GLN A 81 ? 1.2928 1.3344 1.3287 -0.0411 -0.0222 0.0236  337 GLN A N   
669 C CA  . GLN A 81 ? 1.3093 1.3468 1.3609 -0.0471 -0.0362 0.0329  337 GLN A CA  
670 C C   . GLN A 81 ? 1.3248 1.3859 1.3613 -0.0604 -0.0370 0.0468  337 GLN A C   
671 O O   . GLN A 81 ? 1.3530 1.4151 1.3929 -0.0632 -0.0394 0.0494  337 GLN A O   
672 C CB  . GLN A 81 ? 1.3105 1.3323 1.3902 -0.0510 -0.0588 0.0398  337 GLN A CB  
673 C CG  . GLN A 81 ? 1.4561 1.4685 1.5594 -0.0349 -0.0607 0.0150  337 GLN A CG  
674 C CD  . GLN A 81 ? 1.6297 1.6245 1.7788 -0.0320 -0.0935 0.0112  337 GLN A CD  
675 O OE1 . GLN A 81 ? 1.6323 1.6287 1.8111 -0.0216 -0.1038 -0.0093 337 GLN A OE1 
676 N NE2 . GLN A 81 ? 1.5983 1.5816 1.7601 -0.0415 -0.1153 0.0301  337 GLN A NE2 
677 N N   . ASP A 82 ? 1.2760 1.3674 1.2996 -0.0705 -0.0337 0.0519  338 ASP A N   
678 C CA  . ASP A 82 ? 1.3632 1.5015 1.3733 -0.0846 -0.0318 0.0572  338 ASP A CA  
679 C C   . ASP A 82 ? 1.3770 1.5164 1.3826 -0.0699 -0.0203 0.0365  338 ASP A C   
680 O O   . ASP A 82 ? 1.4702 1.6315 1.4733 -0.0788 -0.0220 0.0402  338 ASP A O   
681 C CB  . ASP A 82 ? 1.2653 1.4544 1.2643 -0.0945 -0.0262 0.0530  338 ASP A CB  
682 C CG  . ASP A 82 ? 1.5720 1.7846 1.5704 -0.1235 -0.0428 0.0842  338 ASP A CG  
683 O OD1 . ASP A 82 ? 1.4413 1.6090 1.4567 -0.1289 -0.0623 0.1052  338 ASP A OD1 
684 O OD2 . ASP A 82 ? 1.6583 1.9403 1.6454 -0.1434 -0.0408 0.0859  338 ASP A OD2 
685 N N   . ALA A 83 ? 1.2438 1.3591 1.2501 -0.0510 -0.0123 0.0165  339 ALA A N   
686 C CA  . ALA A 83 ? 1.2631 1.3762 1.2667 -0.0397 -0.0092 -0.0012 339 ALA A CA  
687 C C   . ALA A 83 ? 1.2088 1.2955 1.2148 -0.0399 -0.0103 0.0057  339 ALA A C   
688 O O   . ALA A 83 ? 1.1905 1.2855 1.1950 -0.0386 -0.0111 -0.0003 339 ALA A O   
689 C CB  . ALA A 83 ? 1.3753 1.4710 1.3807 -0.0271 -0.0109 -0.0181 339 ALA A CB  
690 N N   . VAL A 84 ? 0.9569 1.0182 0.9689 -0.0399 -0.0113 0.0138  340 VAL A N   
691 C CA  . VAL A 84 ? 1.1462 1.1943 1.1665 -0.0393 -0.0128 0.0142  340 VAL A CA  
692 C C   . VAL A 84 ? 1.3411 1.3972 1.3677 -0.0466 -0.0205 0.0255  340 VAL A C   
693 O O   . VAL A 84 ? 1.4290 1.4808 1.4572 -0.0453 -0.0209 0.0229  340 VAL A O   
694 C CB  . VAL A 84 ? 1.1045 1.1417 1.1358 -0.0358 -0.0140 0.0078  340 VAL A CB  
695 C CG1 . VAL A 84 ? 1.0723 1.1099 1.1248 -0.0338 -0.0204 0.0007  340 VAL A CG1 
696 C CG2 . VAL A 84 ? 1.0945 1.1304 1.1142 -0.0350 -0.0076 -0.0001 340 VAL A CG2 
697 N N   . ASP A 85 ? 1.3263 1.3973 1.3554 -0.0591 -0.0300 0.0407  341 ASP A N   
698 C CA  . ASP A 85 ? 1.2974 1.3805 1.3311 -0.0752 -0.0432 0.0590  341 ASP A CA  
699 C C   . ASP A 85 ? 1.3047 1.4281 1.3193 -0.0818 -0.0340 0.0550  341 ASP A C   
700 O O   . ASP A 85 ? 1.3521 1.4906 1.3672 -0.0936 -0.0407 0.0672  341 ASP A O   
701 C CB  . ASP A 85 ? 1.4655 1.5552 1.5073 -0.0951 -0.0642 0.0844  341 ASP A CB  
702 C CG  . ASP A 85 ? 1.5535 1.6047 1.6248 -0.0854 -0.0805 0.0821  341 ASP A CG  
703 O OD1 . ASP A 85 ? 1.5698 1.6007 1.6505 -0.0652 -0.0720 0.0581  341 ASP A OD1 
704 O OD2 . ASP A 85 ? 1.6901 1.7364 1.7725 -0.1012 -0.1031 0.1023  341 ASP A OD2 
705 N N   . GLN A 86 ? 1.3295 1.4751 1.3354 -0.0731 -0.0215 0.0359  342 GLN A N   
706 C CA  . GLN A 86 ? 1.2717 1.4649 1.2694 -0.0733 -0.0161 0.0195  342 GLN A CA  
707 C C   . GLN A 86 ? 1.3845 1.5558 1.3847 -0.0570 -0.0129 0.0021  342 GLN A C   
708 O O   . GLN A 86 ? 1.3695 1.5774 1.3721 -0.0547 -0.0124 -0.0170 342 GLN A O   
709 C CB  . GLN A 86 ? 1.3546 1.5839 1.3505 -0.0682 -0.0118 -0.0020 342 GLN A CB  
710 C CG  . GLN A 86 ? 1.3569 1.6676 1.3525 -0.0753 -0.0093 -0.0247 342 GLN A CG  
711 C CD  . GLN A 86 ? 1.6065 1.9466 1.6129 -0.0587 -0.0086 -0.0608 342 GLN A CD  
712 O OE1 . GLN A 86 ? 1.7056 2.1022 1.7092 -0.0715 -0.0059 -0.0631 342 GLN A OE1 
713 N NE2 . GLN A 86 ? 1.6567 1.9601 1.6782 -0.0323 -0.0140 -0.0877 342 GLN A NE2 
714 N N   . VAL A 87 ? 1.4369 1.5551 1.4400 -0.0476 -0.0136 0.0055  343 VAL A N   
715 C CA  . VAL A 87 ? 1.2922 1.3897 1.2962 -0.0384 -0.0143 -0.0043 343 VAL A CA  
716 C C   . VAL A 87 ? 1.2415 1.3357 1.2468 -0.0459 -0.0143 0.0073  343 VAL A C   
717 O O   . VAL A 87 ? 1.1339 1.2099 1.1452 -0.0491 -0.0166 0.0184  343 VAL A O   
718 C CB  . VAL A 87 ? 1.2877 1.3491 1.2923 -0.0321 -0.0155 -0.0060 343 VAL A CB  
719 C CG1 . VAL A 87 ? 1.4125 1.4604 1.4191 -0.0365 -0.0123 0.0042  343 VAL A CG1 
720 C CG2 . VAL A 87 ? 1.1245 1.1674 1.1280 -0.0322 -0.0219 -0.0079 343 VAL A CG2 
721 N N   . LYS A 88 ? 1.3312 1.4485 1.3362 -0.0458 -0.0154 -0.0005 344 LYS A N   
722 C CA  . LYS A 88 ? 1.5058 1.6272 1.5100 -0.0538 -0.0169 0.0111  344 LYS A CA  
723 C C   . LYS A 88 ? 1.5976 1.6818 1.6036 -0.0472 -0.0168 0.0102  344 LYS A C   
724 O O   . LYS A 88 ? 1.7784 1.8432 1.7824 -0.0409 -0.0169 0.0032  344 LYS A O   
725 C CB  . LYS A 88 ? 1.4076 1.5773 1.4101 -0.0573 -0.0166 -0.0014 344 LYS A CB  
726 C CG  . LYS A 88 ? 1.5139 1.7372 1.5099 -0.0797 -0.0184 0.0128  344 LYS A CG  
727 C CD  . LYS A 88 ? 1.5259 1.7759 1.5192 -0.0851 -0.0177 0.0116  344 LYS A CD  
728 C CE  . LYS A 88 ? 1.6021 1.8907 1.5892 -0.1172 -0.0262 0.0434  344 LYS A CE  
729 N NZ  . LYS A 88 ? 1.4851 1.7935 1.4694 -0.1242 -0.0266 0.0450  344 LYS A NZ  
730 N N   . VAL A 89 ? 1.5669 1.6493 1.5779 -0.0530 -0.0193 0.0200  345 VAL A N   
731 C CA  . VAL A 89 ? 1.5527 1.6165 1.5668 -0.0488 -0.0183 0.0166  345 VAL A CA  
732 C C   . VAL A 89 ? 1.5547 1.6261 1.5622 -0.0481 -0.0185 0.0115  345 VAL A C   
733 O O   . VAL A 89 ? 1.4674 1.5234 1.4732 -0.0464 -0.0194 0.0083  345 VAL A O   
734 C CB  . VAL A 89 ? 1.4180 1.4743 1.4477 -0.0511 -0.0248 0.0220  345 VAL A CB  
735 C CG1 . VAL A 89 ? 1.3804 1.4369 1.4147 -0.0520 -0.0268 0.0208  345 VAL A CG1 
736 C CG2 . VAL A 89 ? 1.4515 1.5018 1.4907 -0.0456 -0.0232 0.0103  345 VAL A CG2 
737 N N   . ILE A 90 ? 1.5901 1.6897 1.5942 -0.0511 -0.0192 0.0097  346 ILE A N   
738 C CA  . ILE A 90 ? 1.3814 1.5012 1.3855 -0.0484 -0.0207 -0.0035 346 ILE A CA  
739 C C   . ILE A 90 ? 1.5749 1.6785 1.5807 -0.0508 -0.0213 0.0049  346 ILE A C   
740 O O   . ILE A 90 ? 1.5522 1.6768 1.5560 -0.0605 -0.0218 0.0144  346 ILE A O   
741 C CB  . ILE A 90 ? 1.4505 1.5635 1.4610 -0.0347 -0.0281 -0.0254 346 ILE A CB  
742 C CG1 . ILE A 90 ? 1.4004 1.5380 1.4156 -0.0304 -0.0289 -0.0409 346 ILE A CG1 
743 C CG2 . ILE A 90 ? 1.5000 1.6247 1.5173 -0.0283 -0.0354 -0.0434 346 ILE A CG2 
744 C CD1 . ILE A 90 ? 1.3519 1.4620 1.3792 -0.0174 -0.0433 -0.0567 346 ILE A CD1 
745 C C1  . GOL B .  ? 1.0368 1.1684 1.1668 0.0123  0.0011  -0.1420 501 GOL A C1  
746 O O1  . GOL B .  ? 1.1176 1.2491 1.2542 0.0145  -0.0012 -0.1450 501 GOL A O1  
747 C C2  . GOL B .  ? 1.0748 1.2624 1.2028 0.0075  0.0132  -0.1674 501 GOL A C2  
748 O O2  . GOL B .  ? 1.0182 1.2053 1.1035 -0.0070 0.0285  -0.1416 501 GOL A O2  
749 C C3  . GOL B .  ? 0.9602 1.1714 1.1274 0.0189  0.0007  -0.2026 501 GOL A C3  
750 O O3  . GOL B .  ? 1.0480 1.2200 1.2130 0.0205  -0.0065 -0.1832 501 GOL A O3  
751 C C1  . GOL C .  ? 1.5046 1.4817 1.5177 0.0047  -0.0387 -0.0362 502 GOL A C1  
752 O O1  . GOL C .  ? 1.4529 1.4112 1.4809 0.0099  -0.0644 -0.0430 502 GOL A O1  
753 C C2  . GOL C .  ? 1.4315 1.4184 1.4511 0.0123  -0.0380 -0.0470 502 GOL A C2  
754 O O2  . GOL C .  ? 1.4781 1.4768 1.5201 0.0292  -0.0540 -0.0740 502 GOL A O2  
755 C C3  . GOL C .  ? 1.4374 1.4476 1.4480 0.0105  -0.0149 -0.0439 502 GOL A C3  
756 O O3  . GOL C .  ? 1.2892 1.3186 1.2972 0.0089  -0.0034 -0.0417 502 GOL A O3  
757 O O   . HOH D .  ? 1.0154 1.0872 1.0334 0.0196  -0.0091 -0.0722 601 HOH A O   
758 O O   . HOH D .  ? 1.0720 1.1567 1.0793 0.0138  0.0157  -0.0600 602 HOH A O   
759 O O   . HOH D .  ? 1.1442 1.2430 1.2528 0.0028  -0.0031 -0.1020 603 HOH A O   
760 O O   . HOH D .  ? 1.1167 1.1415 1.1847 0.0321  -0.0938 -0.0900 604 HOH A O   
761 O O   . HOH D .  ? 1.0884 1.1310 1.1385 -0.0455 -0.0300 0.0353  605 HOH A O   
762 O O   . HOH D .  ? 1.1952 1.2532 1.3196 0.0071  -0.0195 -0.0870 606 HOH A O   
763 O O   . HOH D .  ? 1.2853 1.2800 1.4297 0.0004  -0.0558 -0.0409 607 HOH A O   
764 O O   . HOH D .  ? 0.9360 1.1259 0.9061 -0.1186 0.0051  -0.0125 608 HOH A O   
765 O O   . HOH D .  ? 0.9486 1.0054 0.9790 -0.0243 0.0007  0.0031  609 HOH A O   
766 O O   . HOH D .  ? 1.2092 1.2532 1.2226 -0.0088 -0.0266 -0.0362 610 HOH A O   
767 O O   . HOH D .  ? 1.2656 1.3407 1.3517 -0.0450 -0.0402 -0.0040 611 HOH A O   
768 O O   . HOH D .  ? 1.1446 1.2013 1.2092 -0.0019 0.0075  -0.0570 612 HOH A O   
769 O O   . HOH D .  ? 1.0553 1.1207 1.1200 -0.0170 -0.0052 -0.0336 613 HOH A O   
770 O O   . HOH D .  ? 1.2683 1.5879 1.2588 -0.1061 -0.0237 0.0081  614 HOH A O   
771 O O   . HOH D .  ? 0.9244 1.1272 0.8794 -0.1426 -0.0048 0.0053  615 HOH A O   
# 
